data_5TSB
# 
_entry.id   5TSB 
# 
_audit_conform.dict_name       mmcif_pdbx.dic 
_audit_conform.dict_version    5.397 
_audit_conform.dict_location   http://mmcif.pdb.org/dictionaries/ascii/mmcif_pdbx.dic 
# 
loop_
_database_2.database_id 
_database_2.database_code 
_database_2.pdbx_database_accession 
_database_2.pdbx_DOI 
PDB   5TSB         pdb_00005tsb 10.2210/pdb5tsb/pdb 
WWPDB D_1000224730 ?            ?                   
# 
loop_
_pdbx_audit_revision_history.ordinal 
_pdbx_audit_revision_history.data_content_type 
_pdbx_audit_revision_history.major_revision 
_pdbx_audit_revision_history.minor_revision 
_pdbx_audit_revision_history.revision_date 
1 'Structure model' 1 0 2017-09-20 
2 'Structure model' 1 1 2017-09-27 
3 'Structure model' 1 2 2020-01-01 
4 'Structure model' 1 3 2024-10-16 
# 
_pdbx_audit_revision_details.ordinal             1 
_pdbx_audit_revision_details.revision_ordinal    1 
_pdbx_audit_revision_details.data_content_type   'Structure model' 
_pdbx_audit_revision_details.provider            repository 
_pdbx_audit_revision_details.type                'Initial release' 
_pdbx_audit_revision_details.description         ? 
_pdbx_audit_revision_details.details             ? 
# 
loop_
_pdbx_audit_revision_group.ordinal 
_pdbx_audit_revision_group.revision_ordinal 
_pdbx_audit_revision_group.data_content_type 
_pdbx_audit_revision_group.group 
1 2 'Structure model' 'Author supporting evidence' 
2 3 'Structure model' 'Author supporting evidence' 
3 4 'Structure model' 'Data collection'            
4 4 'Structure model' 'Database references'        
5 4 'Structure model' 'Derived calculations'       
6 4 'Structure model' 'Structure summary'          
# 
loop_
_pdbx_audit_revision_category.ordinal 
_pdbx_audit_revision_category.revision_ordinal 
_pdbx_audit_revision_category.data_content_type 
_pdbx_audit_revision_category.category 
1 2 'Structure model' pdbx_audit_support        
2 3 'Structure model' pdbx_audit_support        
3 4 'Structure model' chem_comp_atom            
4 4 'Structure model' chem_comp_bond            
5 4 'Structure model' database_2                
6 4 'Structure model' pdbx_entry_details        
7 4 'Structure model' pdbx_modification_feature 
8 4 'Structure model' struct_conn               
# 
loop_
_pdbx_audit_revision_item.ordinal 
_pdbx_audit_revision_item.revision_ordinal 
_pdbx_audit_revision_item.data_content_type 
_pdbx_audit_revision_item.item 
1  2 'Structure model' '_pdbx_audit_support.funding_organization' 
2  3 'Structure model' '_pdbx_audit_support.funding_organization' 
3  4 'Structure model' '_database_2.pdbx_DOI'                     
4  4 'Structure model' '_database_2.pdbx_database_accession'      
5  4 'Structure model' '_struct_conn.conn_type_id'                
6  4 'Structure model' '_struct_conn.id'                          
7  4 'Structure model' '_struct_conn.pdbx_dist_value'             
8  4 'Structure model' '_struct_conn.pdbx_leaving_atom_flag'      
9  4 'Structure model' '_struct_conn.ptnr1_auth_comp_id'          
10 4 'Structure model' '_struct_conn.ptnr1_auth_seq_id'           
11 4 'Structure model' '_struct_conn.ptnr1_label_atom_id'         
12 4 'Structure model' '_struct_conn.ptnr1_label_comp_id'         
13 4 'Structure model' '_struct_conn.ptnr1_label_seq_id'          
14 4 'Structure model' '_struct_conn.ptnr2_auth_comp_id'          
15 4 'Structure model' '_struct_conn.ptnr2_auth_seq_id'           
16 4 'Structure model' '_struct_conn.ptnr2_label_asym_id'         
17 4 'Structure model' '_struct_conn.ptnr2_label_atom_id'         
18 4 'Structure model' '_struct_conn.ptnr2_label_comp_id'         
19 4 'Structure model' '_struct_conn.ptnr2_label_seq_id'          
# 
_pdbx_database_status.status_code                     REL 
_pdbx_database_status.status_code_sf                  REL 
_pdbx_database_status.status_code_mr                  ? 
_pdbx_database_status.entry_id                        5TSB 
_pdbx_database_status.recvd_initial_deposition_date   2016-10-28 
_pdbx_database_status.SG_entry                        N 
_pdbx_database_status.deposit_site                    RCSB 
_pdbx_database_status.process_site                    RCSB 
_pdbx_database_status.status_code_cs                  ? 
_pdbx_database_status.methods_development_category    ? 
_pdbx_database_status.pdb_format_compatible           Y 
_pdbx_database_status.status_code_nmr_data            ? 
# 
loop_
_audit_author.name 
_audit_author.pdbx_ordinal 
_audit_author.identifier_ORCID 
'Zhang, T.'   1 ? 
'Fellner, M.' 2 ? 
'Sui, D.'     3 ? 
'Liu, J.'     4 ? 
'Hu, J.'      5 ? 
# 
_citation.abstract                  ? 
_citation.abstract_id_CAS           ? 
_citation.book_id_ISBN              ? 
_citation.book_publisher            ? 
_citation.book_publisher_city       ? 
_citation.book_title                ? 
_citation.coordinate_linkage        ? 
_citation.country                   US 
_citation.database_id_Medline       ? 
_citation.details                   ? 
_citation.id                        primary 
_citation.journal_abbrev            'Sci Adv' 
_citation.journal_id_ASTM           ? 
_citation.journal_id_CSD            ? 
_citation.journal_id_ISSN           2375-2548 
_citation.journal_full              ? 
_citation.journal_issue             ? 
_citation.journal_volume            3 
_citation.language                  ? 
_citation.page_first                e1700344 
_citation.page_last                 e1700344 
_citation.title                     
'Crystal structures of a ZIP zinc transporter reveal a binuclear metal center in the transport pathway.' 
_citation.year                      2017 
_citation.database_id_CSD           ? 
_citation.pdbx_database_id_DOI      10.1126/sciadv.1700344 
_citation.pdbx_database_id_PubMed   28875161 
_citation.unpublished_flag          ? 
# 
loop_
_citation_author.citation_id 
_citation_author.name 
_citation_author.ordinal 
_citation_author.identifier_ORCID 
primary 'Zhang, T.'   1 ? 
primary 'Liu, J.'     2 ? 
primary 'Fellner, M.' 3 ? 
primary 'Zhang, C.'   4 ? 
primary 'Sui, D.'     5 ? 
primary 'Hu, J.'      6 ? 
# 
loop_
_entity.id 
_entity.type 
_entity.src_method 
_entity.pdbx_description 
_entity.formula_weight 
_entity.pdbx_number_of_molecules 
_entity.pdbx_ec 
_entity.pdbx_mutation 
_entity.pdbx_fragment 
_entity.details 
1 polymer     man 'Membrane protein' 31618.920 1 ? ? ? ? 
2 non-polymer syn 'CADMIUM ION'      112.411   4 ? ? ? ? 
3 water       nat water              18.015    6 ? ? ? ? 
# 
_entity_poly.entity_id                      1 
_entity_poly.type                           'polypeptide(L)' 
_entity_poly.nstd_linkage                   no 
_entity_poly.nstd_monomer                   yes 
_entity_poly.pdbx_seq_one_letter_code       
;(MSE)NQPSSLAADLRGAWHAQAQSHPLITLGLAASAAGVVLLLVAGIVNALTGENRVHVGYAVLGGAAGFAATALGAL
(MSE)ALGLRAISARTQDA(MSE)LGFAAG(MSE)(MSE)LAASAFSLILPGLDAAGTIVGPGPAAAAVVALGLGLGVLL
(MSE)LGLDYFTPHEHERTGHQGPEAARVNRVWLFVLTIILHNLPEG(MSE)AIGVSFATGDLRIGLPLTSAIAIQDVPE
GLAVALALRAVGLPIGRAVLVAVASGL(MSE)EPLGALVGVGISSGFALAYPIS(MSE)GLAAGA(MSE)IFVVSHEVIP
ETHRNGHETTATVGL(MSE)AGFAL(MSE)(MSE)FLDTALG
;
_entity_poly.pdbx_seq_one_letter_code_can   
;MNQPSSLAADLRGAWHAQAQSHPLITLGLAASAAGVVLLLVAGIVNALTGENRVHVGYAVLGGAAGFAATALGALMALGL
RAISARTQDAMLGFAAGMMLAASAFSLILPGLDAAGTIVGPGPAAAAVVALGLGLGVLLMLGLDYFTPHEHERTGHQGPE
AARVNRVWLFVLTIILHNLPEGMAIGVSFATGDLRIGLPLTSAIAIQDVPEGLAVALALRAVGLPIGRAVLVAVASGLME
PLGALVGVGISSGFALAYPISMGLAAGAMIFVVSHEVIPETHRNGHETTATVGLMAGFALMMFLDTALG
;
_entity_poly.pdbx_strand_id                 A 
_entity_poly.pdbx_target_identifier         ? 
# 
loop_
_pdbx_entity_nonpoly.entity_id 
_pdbx_entity_nonpoly.name 
_pdbx_entity_nonpoly.comp_id 
2 'CADMIUM ION' CD  
3 water         HOH 
# 
loop_
_entity_poly_seq.entity_id 
_entity_poly_seq.num 
_entity_poly_seq.mon_id 
_entity_poly_seq.hetero 
1 1   MSE n 
1 2   ASN n 
1 3   GLN n 
1 4   PRO n 
1 5   SER n 
1 6   SER n 
1 7   LEU n 
1 8   ALA n 
1 9   ALA n 
1 10  ASP n 
1 11  LEU n 
1 12  ARG n 
1 13  GLY n 
1 14  ALA n 
1 15  TRP n 
1 16  HIS n 
1 17  ALA n 
1 18  GLN n 
1 19  ALA n 
1 20  GLN n 
1 21  SER n 
1 22  HIS n 
1 23  PRO n 
1 24  LEU n 
1 25  ILE n 
1 26  THR n 
1 27  LEU n 
1 28  GLY n 
1 29  LEU n 
1 30  ALA n 
1 31  ALA n 
1 32  SER n 
1 33  ALA n 
1 34  ALA n 
1 35  GLY n 
1 36  VAL n 
1 37  VAL n 
1 38  LEU n 
1 39  LEU n 
1 40  LEU n 
1 41  VAL n 
1 42  ALA n 
1 43  GLY n 
1 44  ILE n 
1 45  VAL n 
1 46  ASN n 
1 47  ALA n 
1 48  LEU n 
1 49  THR n 
1 50  GLY n 
1 51  GLU n 
1 52  ASN n 
1 53  ARG n 
1 54  VAL n 
1 55  HIS n 
1 56  VAL n 
1 57  GLY n 
1 58  TYR n 
1 59  ALA n 
1 60  VAL n 
1 61  LEU n 
1 62  GLY n 
1 63  GLY n 
1 64  ALA n 
1 65  ALA n 
1 66  GLY n 
1 67  PHE n 
1 68  ALA n 
1 69  ALA n 
1 70  THR n 
1 71  ALA n 
1 72  LEU n 
1 73  GLY n 
1 74  ALA n 
1 75  LEU n 
1 76  MSE n 
1 77  ALA n 
1 78  LEU n 
1 79  GLY n 
1 80  LEU n 
1 81  ARG n 
1 82  ALA n 
1 83  ILE n 
1 84  SER n 
1 85  ALA n 
1 86  ARG n 
1 87  THR n 
1 88  GLN n 
1 89  ASP n 
1 90  ALA n 
1 91  MSE n 
1 92  LEU n 
1 93  GLY n 
1 94  PHE n 
1 95  ALA n 
1 96  ALA n 
1 97  GLY n 
1 98  MSE n 
1 99  MSE n 
1 100 LEU n 
1 101 ALA n 
1 102 ALA n 
1 103 SER n 
1 104 ALA n 
1 105 PHE n 
1 106 SER n 
1 107 LEU n 
1 108 ILE n 
1 109 LEU n 
1 110 PRO n 
1 111 GLY n 
1 112 LEU n 
1 113 ASP n 
1 114 ALA n 
1 115 ALA n 
1 116 GLY n 
1 117 THR n 
1 118 ILE n 
1 119 VAL n 
1 120 GLY n 
1 121 PRO n 
1 122 GLY n 
1 123 PRO n 
1 124 ALA n 
1 125 ALA n 
1 126 ALA n 
1 127 ALA n 
1 128 VAL n 
1 129 VAL n 
1 130 ALA n 
1 131 LEU n 
1 132 GLY n 
1 133 LEU n 
1 134 GLY n 
1 135 LEU n 
1 136 GLY n 
1 137 VAL n 
1 138 LEU n 
1 139 LEU n 
1 140 MSE n 
1 141 LEU n 
1 142 GLY n 
1 143 LEU n 
1 144 ASP n 
1 145 TYR n 
1 146 PHE n 
1 147 THR n 
1 148 PRO n 
1 149 HIS n 
1 150 GLU n 
1 151 HIS n 
1 152 GLU n 
1 153 ARG n 
1 154 THR n 
1 155 GLY n 
1 156 HIS n 
1 157 GLN n 
1 158 GLY n 
1 159 PRO n 
1 160 GLU n 
1 161 ALA n 
1 162 ALA n 
1 163 ARG n 
1 164 VAL n 
1 165 ASN n 
1 166 ARG n 
1 167 VAL n 
1 168 TRP n 
1 169 LEU n 
1 170 PHE n 
1 171 VAL n 
1 172 LEU n 
1 173 THR n 
1 174 ILE n 
1 175 ILE n 
1 176 LEU n 
1 177 HIS n 
1 178 ASN n 
1 179 LEU n 
1 180 PRO n 
1 181 GLU n 
1 182 GLY n 
1 183 MSE n 
1 184 ALA n 
1 185 ILE n 
1 186 GLY n 
1 187 VAL n 
1 188 SER n 
1 189 PHE n 
1 190 ALA n 
1 191 THR n 
1 192 GLY n 
1 193 ASP n 
1 194 LEU n 
1 195 ARG n 
1 196 ILE n 
1 197 GLY n 
1 198 LEU n 
1 199 PRO n 
1 200 LEU n 
1 201 THR n 
1 202 SER n 
1 203 ALA n 
1 204 ILE n 
1 205 ALA n 
1 206 ILE n 
1 207 GLN n 
1 208 ASP n 
1 209 VAL n 
1 210 PRO n 
1 211 GLU n 
1 212 GLY n 
1 213 LEU n 
1 214 ALA n 
1 215 VAL n 
1 216 ALA n 
1 217 LEU n 
1 218 ALA n 
1 219 LEU n 
1 220 ARG n 
1 221 ALA n 
1 222 VAL n 
1 223 GLY n 
1 224 LEU n 
1 225 PRO n 
1 226 ILE n 
1 227 GLY n 
1 228 ARG n 
1 229 ALA n 
1 230 VAL n 
1 231 LEU n 
1 232 VAL n 
1 233 ALA n 
1 234 VAL n 
1 235 ALA n 
1 236 SER n 
1 237 GLY n 
1 238 LEU n 
1 239 MSE n 
1 240 GLU n 
1 241 PRO n 
1 242 LEU n 
1 243 GLY n 
1 244 ALA n 
1 245 LEU n 
1 246 VAL n 
1 247 GLY n 
1 248 VAL n 
1 249 GLY n 
1 250 ILE n 
1 251 SER n 
1 252 SER n 
1 253 GLY n 
1 254 PHE n 
1 255 ALA n 
1 256 LEU n 
1 257 ALA n 
1 258 TYR n 
1 259 PRO n 
1 260 ILE n 
1 261 SER n 
1 262 MSE n 
1 263 GLY n 
1 264 LEU n 
1 265 ALA n 
1 266 ALA n 
1 267 GLY n 
1 268 ALA n 
1 269 MSE n 
1 270 ILE n 
1 271 PHE n 
1 272 VAL n 
1 273 VAL n 
1 274 SER n 
1 275 HIS n 
1 276 GLU n 
1 277 VAL n 
1 278 ILE n 
1 279 PRO n 
1 280 GLU n 
1 281 THR n 
1 282 HIS n 
1 283 ARG n 
1 284 ASN n 
1 285 GLY n 
1 286 HIS n 
1 287 GLU n 
1 288 THR n 
1 289 THR n 
1 290 ALA n 
1 291 THR n 
1 292 VAL n 
1 293 GLY n 
1 294 LEU n 
1 295 MSE n 
1 296 ALA n 
1 297 GLY n 
1 298 PHE n 
1 299 ALA n 
1 300 LEU n 
1 301 MSE n 
1 302 MSE n 
1 303 PHE n 
1 304 LEU n 
1 305 ASP n 
1 306 THR n 
1 307 ALA n 
1 308 LEU n 
1 309 GLY n 
# 
_entity_src_gen.entity_id                          1 
_entity_src_gen.pdbx_src_id                        1 
_entity_src_gen.pdbx_alt_source_flag               sample 
_entity_src_gen.pdbx_seq_type                      'Biological sequence' 
_entity_src_gen.pdbx_beg_seq_num                   1 
_entity_src_gen.pdbx_end_seq_num                   309 
_entity_src_gen.gene_src_common_name               ? 
_entity_src_gen.gene_src_genus                     ? 
_entity_src_gen.pdbx_gene_src_gene                 BB2405 
_entity_src_gen.gene_src_species                   ? 
_entity_src_gen.gene_src_strain                    'ATCC BAA-588 / NCTC 13252 / RB50' 
_entity_src_gen.gene_src_tissue                    ? 
_entity_src_gen.gene_src_tissue_fraction           ? 
_entity_src_gen.gene_src_details                   ? 
_entity_src_gen.pdbx_gene_src_fragment             ? 
_entity_src_gen.pdbx_gene_src_scientific_name      'Bordetella bronchiseptica (strain ATCC BAA-588 / NCTC 13252 / RB50)' 
_entity_src_gen.pdbx_gene_src_ncbi_taxonomy_id     257310 
_entity_src_gen.pdbx_gene_src_variant              ? 
_entity_src_gen.pdbx_gene_src_cell_line            ? 
_entity_src_gen.pdbx_gene_src_atcc                 ? 
_entity_src_gen.pdbx_gene_src_organ                ? 
_entity_src_gen.pdbx_gene_src_organelle            ? 
_entity_src_gen.pdbx_gene_src_cell                 ? 
_entity_src_gen.pdbx_gene_src_cellular_location    ? 
_entity_src_gen.host_org_common_name               ? 
_entity_src_gen.pdbx_host_org_scientific_name      'Escherichia coli' 
_entity_src_gen.pdbx_host_org_ncbi_taxonomy_id     562 
_entity_src_gen.host_org_genus                     ? 
_entity_src_gen.pdbx_host_org_gene                 ? 
_entity_src_gen.pdbx_host_org_organ                ? 
_entity_src_gen.host_org_species                   ? 
_entity_src_gen.pdbx_host_org_tissue               ? 
_entity_src_gen.pdbx_host_org_tissue_fraction      ? 
_entity_src_gen.pdbx_host_org_strain               'C41(DE3) pLysS' 
_entity_src_gen.pdbx_host_org_variant              ? 
_entity_src_gen.pdbx_host_org_cell_line            ? 
_entity_src_gen.pdbx_host_org_atcc                 ? 
_entity_src_gen.pdbx_host_org_culture_collection   ? 
_entity_src_gen.pdbx_host_org_cell                 ? 
_entity_src_gen.pdbx_host_org_organelle            ? 
_entity_src_gen.pdbx_host_org_cellular_location    ? 
_entity_src_gen.pdbx_host_org_vector_type          plasmid 
_entity_src_gen.pdbx_host_org_vector               ? 
_entity_src_gen.host_org_details                   ? 
_entity_src_gen.expression_system_id               ? 
_entity_src_gen.plasmid_name                       pLW01 
_entity_src_gen.plasmid_details                    ? 
_entity_src_gen.pdbx_description                   ? 
# 
loop_
_chem_comp.id 
_chem_comp.type 
_chem_comp.mon_nstd_flag 
_chem_comp.name 
_chem_comp.pdbx_synonyms 
_chem_comp.formula 
_chem_comp.formula_weight 
ALA 'L-peptide linking' y ALANINE          ? 'C3 H7 N O2'     89.093  
ARG 'L-peptide linking' y ARGININE         ? 'C6 H15 N4 O2 1' 175.209 
ASN 'L-peptide linking' y ASPARAGINE       ? 'C4 H8 N2 O3'    132.118 
ASP 'L-peptide linking' y 'ASPARTIC ACID'  ? 'C4 H7 N O4'     133.103 
CD  non-polymer         . 'CADMIUM ION'    ? 'Cd 2'           112.411 
GLN 'L-peptide linking' y GLUTAMINE        ? 'C5 H10 N2 O3'   146.144 
GLU 'L-peptide linking' y 'GLUTAMIC ACID'  ? 'C5 H9 N O4'     147.129 
GLY 'peptide linking'   y GLYCINE          ? 'C2 H5 N O2'     75.067  
HIS 'L-peptide linking' y HISTIDINE        ? 'C6 H10 N3 O2 1' 156.162 
HOH non-polymer         . WATER            ? 'H2 O'           18.015  
ILE 'L-peptide linking' y ISOLEUCINE       ? 'C6 H13 N O2'    131.173 
LEU 'L-peptide linking' y LEUCINE          ? 'C6 H13 N O2'    131.173 
MSE 'L-peptide linking' n SELENOMETHIONINE ? 'C5 H11 N O2 Se' 196.106 
PHE 'L-peptide linking' y PHENYLALANINE    ? 'C9 H11 N O2'    165.189 
PRO 'L-peptide linking' y PROLINE          ? 'C5 H9 N O2'     115.130 
SER 'L-peptide linking' y SERINE           ? 'C3 H7 N O3'     105.093 
THR 'L-peptide linking' y THREONINE        ? 'C4 H9 N O3'     119.119 
TRP 'L-peptide linking' y TRYPTOPHAN       ? 'C11 H12 N2 O2'  204.225 
TYR 'L-peptide linking' y TYROSINE         ? 'C9 H11 N O3'    181.189 
VAL 'L-peptide linking' y VALINE           ? 'C5 H11 N O2'    117.146 
# 
loop_
_pdbx_poly_seq_scheme.asym_id 
_pdbx_poly_seq_scheme.entity_id 
_pdbx_poly_seq_scheme.seq_id 
_pdbx_poly_seq_scheme.mon_id 
_pdbx_poly_seq_scheme.ndb_seq_num 
_pdbx_poly_seq_scheme.pdb_seq_num 
_pdbx_poly_seq_scheme.auth_seq_num 
_pdbx_poly_seq_scheme.pdb_mon_id 
_pdbx_poly_seq_scheme.auth_mon_id 
_pdbx_poly_seq_scheme.pdb_strand_id 
_pdbx_poly_seq_scheme.pdb_ins_code 
_pdbx_poly_seq_scheme.hetero 
A 1 1   MSE 1   1   ?   ?   ?   A . n 
A 1 2   ASN 2   2   ?   ?   ?   A . n 
A 1 3   GLN 3   3   ?   ?   ?   A . n 
A 1 4   PRO 4   4   ?   ?   ?   A . n 
A 1 5   SER 5   5   ?   ?   ?   A . n 
A 1 6   SER 6   6   ?   ?   ?   A . n 
A 1 7   LEU 7   7   ?   ?   ?   A . n 
A 1 8   ALA 8   8   ?   ?   ?   A . n 
A 1 9   ALA 9   9   ?   ?   ?   A . n 
A 1 10  ASP 10  10  ?   ?   ?   A . n 
A 1 11  LEU 11  11  ?   ?   ?   A . n 
A 1 12  ARG 12  12  ?   ?   ?   A . n 
A 1 13  GLY 13  13  ?   ?   ?   A . n 
A 1 14  ALA 14  14  ?   ?   ?   A . n 
A 1 15  TRP 15  15  ?   ?   ?   A . n 
A 1 16  HIS 16  16  ?   ?   ?   A . n 
A 1 17  ALA 17  17  ?   ?   ?   A . n 
A 1 18  GLN 18  18  ?   ?   ?   A . n 
A 1 19  ALA 19  19  ?   ?   ?   A . n 
A 1 20  GLN 20  20  ?   ?   ?   A . n 
A 1 21  SER 21  21  ?   ?   ?   A . n 
A 1 22  HIS 22  22  ?   ?   ?   A . n 
A 1 23  PRO 23  23  ?   ?   ?   A . n 
A 1 24  LEU 24  24  ?   ?   ?   A . n 
A 1 25  ILE 25  25  ?   ?   ?   A . n 
A 1 26  THR 26  26  ?   ?   ?   A . n 
A 1 27  LEU 27  27  ?   ?   ?   A . n 
A 1 28  GLY 28  28  ?   ?   ?   A . n 
A 1 29  LEU 29  29  ?   ?   ?   A . n 
A 1 30  ALA 30  30  ?   ?   ?   A . n 
A 1 31  ALA 31  31  ?   ?   ?   A . n 
A 1 32  SER 32  32  ?   ?   ?   A . n 
A 1 33  ALA 33  33  ?   ?   ?   A . n 
A 1 34  ALA 34  34  ?   ?   ?   A . n 
A 1 35  GLY 35  35  ?   ?   ?   A . n 
A 1 36  VAL 36  36  ?   ?   ?   A . n 
A 1 37  VAL 37  37  ?   ?   ?   A . n 
A 1 38  LEU 38  38  ?   ?   ?   A . n 
A 1 39  LEU 39  39  ?   ?   ?   A . n 
A 1 40  LEU 40  40  ?   ?   ?   A . n 
A 1 41  VAL 41  41  ?   ?   ?   A . n 
A 1 42  ALA 42  42  ?   ?   ?   A . n 
A 1 43  GLY 43  43  ?   ?   ?   A . n 
A 1 44  ILE 44  44  ?   ?   ?   A . n 
A 1 45  VAL 45  45  ?   ?   ?   A . n 
A 1 46  ASN 46  46  ?   ?   ?   A . n 
A 1 47  ALA 47  47  ?   ?   ?   A . n 
A 1 48  LEU 48  48  ?   ?   ?   A . n 
A 1 49  THR 49  49  ?   ?   ?   A . n 
A 1 50  GLY 50  50  ?   ?   ?   A . n 
A 1 51  GLU 51  51  ?   ?   ?   A . n 
A 1 52  ASN 52  52  ?   ?   ?   A . n 
A 1 53  ARG 53  53  ?   ?   ?   A . n 
A 1 54  VAL 54  54  ?   ?   ?   A . n 
A 1 55  HIS 55  55  ?   ?   ?   A . n 
A 1 56  VAL 56  56  56  VAL VAL A . n 
A 1 57  GLY 57  57  57  GLY GLY A . n 
A 1 58  TYR 58  58  58  TYR TYR A . n 
A 1 59  ALA 59  59  59  ALA ALA A . n 
A 1 60  VAL 60  60  60  VAL VAL A . n 
A 1 61  LEU 61  61  61  LEU LEU A . n 
A 1 62  GLY 62  62  62  GLY GLY A . n 
A 1 63  GLY 63  63  63  GLY GLY A . n 
A 1 64  ALA 64  64  64  ALA ALA A . n 
A 1 65  ALA 65  65  65  ALA ALA A . n 
A 1 66  GLY 66  66  66  GLY GLY A . n 
A 1 67  PHE 67  67  67  PHE PHE A . n 
A 1 68  ALA 68  68  68  ALA ALA A . n 
A 1 69  ALA 69  69  69  ALA ALA A . n 
A 1 70  THR 70  70  70  THR THR A . n 
A 1 71  ALA 71  71  71  ALA ALA A . n 
A 1 72  LEU 72  72  72  LEU LEU A . n 
A 1 73  GLY 73  73  73  GLY GLY A . n 
A 1 74  ALA 74  74  74  ALA ALA A . n 
A 1 75  LEU 75  75  75  LEU LEU A . n 
A 1 76  MSE 76  76  76  MSE MSE A . n 
A 1 77  ALA 77  77  77  ALA ALA A . n 
A 1 78  LEU 78  78  78  LEU LEU A . n 
A 1 79  GLY 79  79  79  GLY GLY A . n 
A 1 80  LEU 80  80  80  LEU LEU A . n 
A 1 81  ARG 81  81  81  ARG ARG A . n 
A 1 82  ALA 82  82  82  ALA ALA A . n 
A 1 83  ILE 83  83  83  ILE ILE A . n 
A 1 84  SER 84  84  84  SER SER A . n 
A 1 85  ALA 85  85  85  ALA ALA A . n 
A 1 86  ARG 86  86  86  ARG ARG A . n 
A 1 87  THR 87  87  87  THR THR A . n 
A 1 88  GLN 88  88  88  GLN GLN A . n 
A 1 89  ASP 89  89  89  ASP ASP A . n 
A 1 90  ALA 90  90  90  ALA ALA A . n 
A 1 91  MSE 91  91  91  MSE MSE A . n 
A 1 92  LEU 92  92  92  LEU LEU A . n 
A 1 93  GLY 93  93  93  GLY GLY A . n 
A 1 94  PHE 94  94  94  PHE PHE A . n 
A 1 95  ALA 95  95  95  ALA ALA A . n 
A 1 96  ALA 96  96  96  ALA ALA A . n 
A 1 97  GLY 97  97  97  GLY GLY A . n 
A 1 98  MSE 98  98  98  MSE MSE A . n 
A 1 99  MSE 99  99  99  MSE MSE A . n 
A 1 100 LEU 100 100 100 LEU LEU A . n 
A 1 101 ALA 101 101 101 ALA ALA A . n 
A 1 102 ALA 102 102 102 ALA ALA A . n 
A 1 103 SER 103 103 103 SER SER A . n 
A 1 104 ALA 104 104 104 ALA ALA A . n 
A 1 105 PHE 105 105 105 PHE PHE A . n 
A 1 106 SER 106 106 106 SER SER A . n 
A 1 107 LEU 107 107 107 LEU LEU A . n 
A 1 108 ILE 108 108 108 ILE ILE A . n 
A 1 109 LEU 109 109 109 LEU LEU A . n 
A 1 110 PRO 110 110 110 PRO PRO A . n 
A 1 111 GLY 111 111 111 GLY GLY A . n 
A 1 112 LEU 112 112 112 LEU LEU A . n 
A 1 113 ASP 113 113 113 ASP ASP A . n 
A 1 114 ALA 114 114 114 ALA ALA A . n 
A 1 115 ALA 115 115 115 ALA ALA A . n 
A 1 116 GLY 116 116 116 GLY GLY A . n 
A 1 117 THR 117 117 117 THR THR A . n 
A 1 118 ILE 118 118 118 ILE ILE A . n 
A 1 119 VAL 119 119 119 VAL VAL A . n 
A 1 120 GLY 120 120 120 GLY GLY A . n 
A 1 121 PRO 121 121 121 PRO PRO A . n 
A 1 122 GLY 122 122 122 GLY GLY A . n 
A 1 123 PRO 123 123 123 PRO PRO A . n 
A 1 124 ALA 124 124 124 ALA ALA A . n 
A 1 125 ALA 125 125 125 ALA ALA A . n 
A 1 126 ALA 126 126 126 ALA ALA A . n 
A 1 127 ALA 127 127 127 ALA ALA A . n 
A 1 128 VAL 128 128 128 VAL VAL A . n 
A 1 129 VAL 129 129 129 VAL VAL A . n 
A 1 130 ALA 130 130 130 ALA ALA A . n 
A 1 131 LEU 131 131 131 LEU LEU A . n 
A 1 132 GLY 132 132 132 GLY GLY A . n 
A 1 133 LEU 133 133 133 LEU LEU A . n 
A 1 134 GLY 134 134 134 GLY GLY A . n 
A 1 135 LEU 135 135 135 LEU LEU A . n 
A 1 136 GLY 136 136 136 GLY GLY A . n 
A 1 137 VAL 137 137 137 VAL VAL A . n 
A 1 138 LEU 138 138 138 LEU LEU A . n 
A 1 139 LEU 139 139 139 LEU LEU A . n 
A 1 140 MSE 140 140 140 MSE MSE A . n 
A 1 141 LEU 141 141 141 LEU LEU A . n 
A 1 142 GLY 142 142 142 GLY GLY A . n 
A 1 143 LEU 143 143 143 LEU LEU A . n 
A 1 144 ASP 144 144 144 ASP ASP A . n 
A 1 145 TYR 145 145 145 TYR TYR A . n 
A 1 146 PHE 146 146 ?   ?   ?   A . n 
A 1 147 THR 147 147 ?   ?   ?   A . n 
A 1 148 PRO 148 148 ?   ?   ?   A . n 
A 1 149 HIS 149 149 ?   ?   ?   A . n 
A 1 150 GLU 150 150 ?   ?   ?   A . n 
A 1 151 HIS 151 151 ?   ?   ?   A . n 
A 1 152 GLU 152 152 ?   ?   ?   A . n 
A 1 153 ARG 153 153 ?   ?   ?   A . n 
A 1 154 THR 154 154 ?   ?   ?   A . n 
A 1 155 GLY 155 155 ?   ?   ?   A . n 
A 1 156 HIS 156 156 ?   ?   ?   A . n 
A 1 157 GLN 157 157 ?   ?   ?   A . n 
A 1 158 GLY 158 158 ?   ?   ?   A . n 
A 1 159 PRO 159 159 ?   ?   ?   A . n 
A 1 160 GLU 160 160 ?   ?   ?   A . n 
A 1 161 ALA 161 161 ?   ?   ?   A . n 
A 1 162 ALA 162 162 ?   ?   ?   A . n 
A 1 163 ARG 163 163 ?   ?   ?   A . n 
A 1 164 VAL 164 164 164 VAL VAL A . n 
A 1 165 ASN 165 165 165 ASN ASN A . n 
A 1 166 ARG 166 166 166 ARG ARG A . n 
A 1 167 VAL 167 167 167 VAL VAL A . n 
A 1 168 TRP 168 168 168 TRP TRP A . n 
A 1 169 LEU 169 169 169 LEU LEU A . n 
A 1 170 PHE 170 170 170 PHE PHE A . n 
A 1 171 VAL 171 171 171 VAL VAL A . n 
A 1 172 LEU 172 172 172 LEU LEU A . n 
A 1 173 THR 173 173 173 THR THR A . n 
A 1 174 ILE 174 174 174 ILE ILE A . n 
A 1 175 ILE 175 175 175 ILE ILE A . n 
A 1 176 LEU 176 176 176 LEU LEU A . n 
A 1 177 HIS 177 177 177 HIS HIS A . n 
A 1 178 ASN 178 178 178 ASN ASN A . n 
A 1 179 LEU 179 179 179 LEU LEU A . n 
A 1 180 PRO 180 180 180 PRO PRO A . n 
A 1 181 GLU 181 181 181 GLU GLU A . n 
A 1 182 GLY 182 182 182 GLY GLY A . n 
A 1 183 MSE 183 183 183 MSE MSE A . n 
A 1 184 ALA 184 184 184 ALA ALA A . n 
A 1 185 ILE 185 185 185 ILE ILE A . n 
A 1 186 GLY 186 186 186 GLY GLY A . n 
A 1 187 VAL 187 187 187 VAL VAL A . n 
A 1 188 SER 188 188 188 SER SER A . n 
A 1 189 PHE 189 189 189 PHE PHE A . n 
A 1 190 ALA 190 190 190 ALA ALA A . n 
A 1 191 THR 191 191 191 THR THR A . n 
A 1 192 GLY 192 192 192 GLY GLY A . n 
A 1 193 ASP 193 193 193 ASP ASP A . n 
A 1 194 LEU 194 194 194 LEU LEU A . n 
A 1 195 ARG 195 195 195 ARG ARG A . n 
A 1 196 ILE 196 196 196 ILE ILE A . n 
A 1 197 GLY 197 197 197 GLY GLY A . n 
A 1 198 LEU 198 198 198 LEU LEU A . n 
A 1 199 PRO 199 199 199 PRO PRO A . n 
A 1 200 LEU 200 200 200 LEU LEU A . n 
A 1 201 THR 201 201 201 THR THR A . n 
A 1 202 SER 202 202 202 SER SER A . n 
A 1 203 ALA 203 203 203 ALA ALA A . n 
A 1 204 ILE 204 204 204 ILE ILE A . n 
A 1 205 ALA 205 205 205 ALA ALA A . n 
A 1 206 ILE 206 206 206 ILE ILE A . n 
A 1 207 GLN 207 207 207 GLN GLN A . n 
A 1 208 ASP 208 208 208 ASP ASP A . n 
A 1 209 VAL 209 209 209 VAL VAL A . n 
A 1 210 PRO 210 210 210 PRO PRO A . n 
A 1 211 GLU 211 211 211 GLU GLU A . n 
A 1 212 GLY 212 212 212 GLY GLY A . n 
A 1 213 LEU 213 213 213 LEU LEU A . n 
A 1 214 ALA 214 214 214 ALA ALA A . n 
A 1 215 VAL 215 215 215 VAL VAL A . n 
A 1 216 ALA 216 216 216 ALA ALA A . n 
A 1 217 LEU 217 217 217 LEU LEU A . n 
A 1 218 ALA 218 218 218 ALA ALA A . n 
A 1 219 LEU 219 219 219 LEU LEU A . n 
A 1 220 ARG 220 220 220 ARG ARG A . n 
A 1 221 ALA 221 221 221 ALA ALA A . n 
A 1 222 VAL 222 222 222 VAL VAL A . n 
A 1 223 GLY 223 223 223 GLY GLY A . n 
A 1 224 LEU 224 224 224 LEU LEU A . n 
A 1 225 PRO 225 225 225 PRO PRO A . n 
A 1 226 ILE 226 226 226 ILE ILE A . n 
A 1 227 GLY 227 227 227 GLY GLY A . n 
A 1 228 ARG 228 228 228 ARG ARG A . n 
A 1 229 ALA 229 229 229 ALA ALA A . n 
A 1 230 VAL 230 230 230 VAL VAL A . n 
A 1 231 LEU 231 231 231 LEU LEU A . n 
A 1 232 VAL 232 232 232 VAL VAL A . n 
A 1 233 ALA 233 233 233 ALA ALA A . n 
A 1 234 VAL 234 234 234 VAL VAL A . n 
A 1 235 ALA 235 235 235 ALA ALA A . n 
A 1 236 SER 236 236 236 SER SER A . n 
A 1 237 GLY 237 237 237 GLY GLY A . n 
A 1 238 LEU 238 238 238 LEU LEU A . n 
A 1 239 MSE 239 239 239 MSE MSE A . n 
A 1 240 GLU 240 240 240 GLU GLU A . n 
A 1 241 PRO 241 241 241 PRO PRO A . n 
A 1 242 LEU 242 242 242 LEU LEU A . n 
A 1 243 GLY 243 243 243 GLY GLY A . n 
A 1 244 ALA 244 244 244 ALA ALA A . n 
A 1 245 LEU 245 245 245 LEU LEU A . n 
A 1 246 VAL 246 246 246 VAL VAL A . n 
A 1 247 GLY 247 247 247 GLY GLY A . n 
A 1 248 VAL 248 248 248 VAL VAL A . n 
A 1 249 GLY 249 249 249 GLY GLY A . n 
A 1 250 ILE 250 250 250 ILE ILE A . n 
A 1 251 SER 251 251 251 SER SER A . n 
A 1 252 SER 252 252 252 SER SER A . n 
A 1 253 GLY 253 253 253 GLY GLY A . n 
A 1 254 PHE 254 254 254 PHE PHE A . n 
A 1 255 ALA 255 255 255 ALA ALA A . n 
A 1 256 LEU 256 256 256 LEU LEU A . n 
A 1 257 ALA 257 257 257 ALA ALA A . n 
A 1 258 TYR 258 258 258 TYR TYR A . n 
A 1 259 PRO 259 259 259 PRO PRO A . n 
A 1 260 ILE 260 260 260 ILE ILE A . n 
A 1 261 SER 261 261 261 SER SER A . n 
A 1 262 MSE 262 262 262 MSE MSE A . n 
A 1 263 GLY 263 263 263 GLY GLY A . n 
A 1 264 LEU 264 264 264 LEU LEU A . n 
A 1 265 ALA 265 265 265 ALA ALA A . n 
A 1 266 ALA 266 266 266 ALA ALA A . n 
A 1 267 GLY 267 267 267 GLY GLY A . n 
A 1 268 ALA 268 268 268 ALA ALA A . n 
A 1 269 MSE 269 269 269 MSE MSE A . n 
A 1 270 ILE 270 270 270 ILE ILE A . n 
A 1 271 PHE 271 271 271 PHE PHE A . n 
A 1 272 VAL 272 272 272 VAL VAL A . n 
A 1 273 VAL 273 273 273 VAL VAL A . n 
A 1 274 SER 274 274 274 SER SER A . n 
A 1 275 HIS 275 275 275 HIS HIS A . n 
A 1 276 GLU 276 276 276 GLU GLU A . n 
A 1 277 VAL 277 277 277 VAL VAL A . n 
A 1 278 ILE 278 278 ?   ?   ?   A . n 
A 1 279 PRO 279 279 ?   ?   ?   A . n 
A 1 280 GLU 280 280 ?   ?   ?   A . n 
A 1 281 THR 281 281 ?   ?   ?   A . n 
A 1 282 HIS 282 282 ?   ?   ?   A . n 
A 1 283 ARG 283 283 ?   ?   ?   A . n 
A 1 284 ASN 284 284 ?   ?   ?   A . n 
A 1 285 GLY 285 285 ?   ?   ?   A . n 
A 1 286 HIS 286 286 ?   ?   ?   A . n 
A 1 287 GLU 287 287 ?   ?   ?   A . n 
A 1 288 THR 288 288 ?   ?   ?   A . n 
A 1 289 THR 289 289 289 THR THR A . n 
A 1 290 ALA 290 290 290 ALA ALA A . n 
A 1 291 THR 291 291 291 THR THR A . n 
A 1 292 VAL 292 292 292 VAL VAL A . n 
A 1 293 GLY 293 293 293 GLY GLY A . n 
A 1 294 LEU 294 294 294 LEU LEU A . n 
A 1 295 MSE 295 295 295 MSE MSE A . n 
A 1 296 ALA 296 296 296 ALA ALA A . n 
A 1 297 GLY 297 297 297 GLY GLY A . n 
A 1 298 PHE 298 298 298 PHE PHE A . n 
A 1 299 ALA 299 299 299 ALA ALA A . n 
A 1 300 LEU 300 300 300 LEU LEU A . n 
A 1 301 MSE 301 301 301 MSE MSE A . n 
A 1 302 MSE 302 302 302 MSE MSE A . n 
A 1 303 PHE 303 303 303 PHE PHE A . n 
A 1 304 LEU 304 304 304 LEU LEU A . n 
A 1 305 ASP 305 305 305 ASP ASP A . n 
A 1 306 THR 306 306 306 THR THR A . n 
A 1 307 ALA 307 307 307 ALA ALA A . n 
A 1 308 LEU 308 308 308 LEU LEU A . n 
A 1 309 GLY 309 309 ?   ?   ?   A . n 
# 
loop_
_pdbx_nonpoly_scheme.asym_id 
_pdbx_nonpoly_scheme.entity_id 
_pdbx_nonpoly_scheme.mon_id 
_pdbx_nonpoly_scheme.ndb_seq_num 
_pdbx_nonpoly_scheme.pdb_seq_num 
_pdbx_nonpoly_scheme.auth_seq_num 
_pdbx_nonpoly_scheme.pdb_mon_id 
_pdbx_nonpoly_scheme.auth_mon_id 
_pdbx_nonpoly_scheme.pdb_strand_id 
_pdbx_nonpoly_scheme.pdb_ins_code 
B 2 CD  1 401 1 CD  CD  A . 
C 2 CD  1 402 2 CD  CD  A . 
D 2 CD  1 403 3 CD  CD  A . 
E 2 CD  1 404 4 CD  CD  A . 
F 3 HOH 1 501 5 HOH HOH A . 
F 3 HOH 2 502 6 HOH HOH A . 
F 3 HOH 3 503 4 HOH HOH A . 
F 3 HOH 4 504 2 HOH HOH A . 
F 3 HOH 5 505 1 HOH HOH A . 
F 3 HOH 6 506 3 HOH HOH A . 
# 
loop_
_pdbx_unobs_or_zero_occ_atoms.id 
_pdbx_unobs_or_zero_occ_atoms.PDB_model_num 
_pdbx_unobs_or_zero_occ_atoms.polymer_flag 
_pdbx_unobs_or_zero_occ_atoms.occupancy_flag 
_pdbx_unobs_or_zero_occ_atoms.auth_asym_id 
_pdbx_unobs_or_zero_occ_atoms.auth_comp_id 
_pdbx_unobs_or_zero_occ_atoms.auth_seq_id 
_pdbx_unobs_or_zero_occ_atoms.PDB_ins_code 
_pdbx_unobs_or_zero_occ_atoms.auth_atom_id 
_pdbx_unobs_or_zero_occ_atoms.label_alt_id 
_pdbx_unobs_or_zero_occ_atoms.label_asym_id 
_pdbx_unobs_or_zero_occ_atoms.label_comp_id 
_pdbx_unobs_or_zero_occ_atoms.label_seq_id 
_pdbx_unobs_or_zero_occ_atoms.label_atom_id 
1  1 Y 1 A TYR 58  ? CG  ? A TYR 58  CG  
2  1 Y 1 A TYR 58  ? CD1 ? A TYR 58  CD1 
3  1 Y 1 A TYR 58  ? CD2 ? A TYR 58  CD2 
4  1 Y 1 A TYR 58  ? CE1 ? A TYR 58  CE1 
5  1 Y 1 A TYR 58  ? CE2 ? A TYR 58  CE2 
6  1 Y 1 A TYR 58  ? CZ  ? A TYR 58  CZ  
7  1 Y 1 A TYR 58  ? OH  ? A TYR 58  OH  
8  1 Y 1 A ARG 86  ? CG  ? A ARG 86  CG  
9  1 Y 1 A ARG 86  ? CD  ? A ARG 86  CD  
10 1 Y 1 A ARG 86  ? NE  ? A ARG 86  NE  
11 1 Y 1 A ARG 86  ? CZ  ? A ARG 86  CZ  
12 1 Y 1 A ARG 86  ? NH1 ? A ARG 86  NH1 
13 1 Y 1 A ARG 86  ? NH2 ? A ARG 86  NH2 
14 1 Y 1 A GLN 88  ? CG  ? A GLN 88  CG  
15 1 Y 1 A GLN 88  ? CD  ? A GLN 88  CD  
16 1 Y 1 A GLN 88  ? OE1 ? A GLN 88  OE1 
17 1 Y 1 A GLN 88  ? NE2 ? A GLN 88  NE2 
18 1 Y 1 A TYR 145 ? CG  ? A TYR 145 CG  
19 1 Y 1 A TYR 145 ? CD1 ? A TYR 145 CD1 
20 1 Y 1 A TYR 145 ? CD2 ? A TYR 145 CD2 
21 1 Y 1 A TYR 145 ? CE1 ? A TYR 145 CE1 
22 1 Y 1 A TYR 145 ? CE2 ? A TYR 145 CE2 
23 1 Y 1 A TYR 145 ? CZ  ? A TYR 145 CZ  
24 1 Y 1 A TYR 145 ? OH  ? A TYR 145 OH  
25 1 Y 1 A VAL 164 ? CG1 ? A VAL 164 CG1 
26 1 Y 1 A VAL 164 ? CG2 ? A VAL 164 CG2 
27 1 Y 1 A ASN 165 ? CG  ? A ASN 165 CG  
28 1 Y 1 A ASN 165 ? OD1 ? A ASN 165 OD1 
29 1 Y 1 A ASN 165 ? ND2 ? A ASN 165 ND2 
30 1 Y 1 A THR 191 ? OG1 ? A THR 191 OG1 
31 1 Y 1 A THR 191 ? CG2 ? A THR 191 CG2 
32 1 Y 1 A ASP 193 ? CG  ? A ASP 193 CG  
33 1 Y 1 A ASP 193 ? OD1 ? A ASP 193 OD1 
34 1 Y 1 A ASP 193 ? OD2 ? A ASP 193 OD2 
35 1 Y 1 A ARG 195 ? CG  ? A ARG 195 CG  
36 1 Y 1 A ARG 195 ? CD  ? A ARG 195 CD  
37 1 Y 1 A ARG 195 ? NE  ? A ARG 195 NE  
38 1 Y 1 A ARG 195 ? CZ  ? A ARG 195 CZ  
39 1 Y 1 A ARG 195 ? NH1 ? A ARG 195 NH1 
40 1 Y 1 A ARG 195 ? NH2 ? A ARG 195 NH2 
41 1 Y 1 A GLU 276 ? CG  ? A GLU 276 CG  
42 1 Y 1 A GLU 276 ? CD  ? A GLU 276 CD  
43 1 Y 1 A GLU 276 ? OE1 ? A GLU 276 OE1 
44 1 Y 1 A GLU 276 ? OE2 ? A GLU 276 OE2 
45 1 Y 1 A VAL 277 ? CG1 ? A VAL 277 CG1 
46 1 Y 1 A VAL 277 ? CG2 ? A VAL 277 CG2 
# 
loop_
_software.citation_id 
_software.classification 
_software.compiler_name 
_software.compiler_version 
_software.contact_author 
_software.contact_author_email 
_software.date 
_software.description 
_software.dependencies 
_software.hardware 
_software.language 
_software.location 
_software.mods 
_software.name 
_software.os 
_software.os_version 
_software.type 
_software.version 
_software.pdbx_ordinal 
? 'data scaling'    ? ? ? ? ? ? ? ? ? ? ? SCALEPACK   ? ? ? .    1 
? phasing           ? ? ? ? ? ? ? ? ? ? ? SOLVE       ? ? ? .    2 
? refinement        ? ? ? ? ? ? ? ? ? ? ? PHENIX      ? ? ? .    3 
? 'data extraction' ? ? ? ? ? ? ? ? ? ? ? PDB_EXTRACT ? ? ? 3.20 4 
? 'data reduction'  ? ? ? ? ? ? ? ? ? ? ? HKL-2000    ? ? ? .    5 
# 
_cell.angle_alpha                  90.000 
_cell.angle_alpha_esd              ? 
_cell.angle_beta                   108.740 
_cell.angle_beta_esd               ? 
_cell.angle_gamma                  90.000 
_cell.angle_gamma_esd              ? 
_cell.entry_id                     5TSB 
_cell.details                      ? 
_cell.formula_units_Z              ? 
_cell.length_a                     96.076 
_cell.length_a_esd                 ? 
_cell.length_b                     61.596 
_cell.length_b_esd                 ? 
_cell.length_c                     54.870 
_cell.length_c_esd                 ? 
_cell.volume                       ? 
_cell.volume_esd                   ? 
_cell.Z_PDB                        4 
_cell.reciprocal_angle_alpha       ? 
_cell.reciprocal_angle_beta        ? 
_cell.reciprocal_angle_gamma       ? 
_cell.reciprocal_angle_alpha_esd   ? 
_cell.reciprocal_angle_beta_esd    ? 
_cell.reciprocal_angle_gamma_esd   ? 
_cell.reciprocal_length_a          ? 
_cell.reciprocal_length_b          ? 
_cell.reciprocal_length_c          ? 
_cell.reciprocal_length_a_esd      ? 
_cell.reciprocal_length_b_esd      ? 
_cell.reciprocal_length_c_esd      ? 
_cell.pdbx_unique_axis             ? 
# 
_symmetry.entry_id                         5TSB 
_symmetry.cell_setting                     ? 
_symmetry.Int_Tables_number                5 
_symmetry.space_group_name_Hall            ? 
_symmetry.space_group_name_H-M             'C 1 2 1' 
_symmetry.pdbx_full_space_group_name_H-M   ? 
# 
_exptl.absorpt_coefficient_mu     ? 
_exptl.absorpt_correction_T_max   ? 
_exptl.absorpt_correction_T_min   ? 
_exptl.absorpt_correction_type    ? 
_exptl.absorpt_process_details    ? 
_exptl.entry_id                   5TSB 
_exptl.crystals_number            1 
_exptl.details                    ? 
_exptl.method                     'X-RAY DIFFRACTION' 
_exptl.method_details             ? 
# 
_exptl_crystal.colour                      ? 
_exptl_crystal.density_diffrn              ? 
_exptl_crystal.density_Matthews            2.48 
_exptl_crystal.density_method              ? 
_exptl_crystal.density_percent_sol         50.39 
_exptl_crystal.description                 ? 
_exptl_crystal.F_000                       ? 
_exptl_crystal.id                          1 
_exptl_crystal.preparation                 ? 
_exptl_crystal.size_max                    ? 
_exptl_crystal.size_mid                    ? 
_exptl_crystal.size_min                    ? 
_exptl_crystal.size_rad                    ? 
_exptl_crystal.colour_lustre               ? 
_exptl_crystal.colour_modifier             ? 
_exptl_crystal.colour_primary              ? 
_exptl_crystal.density_meas                ? 
_exptl_crystal.density_meas_esd            ? 
_exptl_crystal.density_meas_gt             ? 
_exptl_crystal.density_meas_lt             ? 
_exptl_crystal.density_meas_temp           ? 
_exptl_crystal.density_meas_temp_esd       ? 
_exptl_crystal.density_meas_temp_gt        ? 
_exptl_crystal.density_meas_temp_lt        ? 
_exptl_crystal.pdbx_crystal_image_url      ? 
_exptl_crystal.pdbx_crystal_image_format   ? 
_exptl_crystal.pdbx_mosaicity              0.529 
_exptl_crystal.pdbx_mosaicity_esd          ? 
# 
_exptl_crystal_grow.apparatus       ? 
_exptl_crystal_grow.atmosphere      ? 
_exptl_crystal_grow.crystal_id      1 
_exptl_crystal_grow.details         ? 
_exptl_crystal_grow.method          'LIPIDIC CUBIC PHASE' 
_exptl_crystal_grow.method_ref      ? 
_exptl_crystal_grow.pH              7.5 
_exptl_crystal_grow.pressure        ? 
_exptl_crystal_grow.pressure_esd    ? 
_exptl_crystal_grow.seeding         ? 
_exptl_crystal_grow.seeding_ref     ? 
_exptl_crystal_grow.temp            294 
_exptl_crystal_grow.temp_details    ? 
_exptl_crystal_grow.temp_esd        ? 
_exptl_crystal_grow.time            ? 
_exptl_crystal_grow.pdbx_details    
;protein concentration: 15 mg/mL; buffer: 10 mM Hepes pH 7.3, 300 mM NaCl, 5% Glycerol, 0.02% DDM; crystallization condition: 0.1 M Sodium chloride, 0.1 M Cadmium chloride hemi, 0.1 M Tris-HCl pH 7.5, 33% PEG 400
;
_exptl_crystal_grow.pdbx_pH_range   ? 
# 
_diffrn.ambient_environment    ? 
_diffrn.ambient_temp           193 
_diffrn.ambient_temp_details   ? 
_diffrn.ambient_temp_esd       ? 
_diffrn.crystal_id             1 
_diffrn.crystal_support        ? 
_diffrn.crystal_treatment      ? 
_diffrn.details                ? 
_diffrn.id                     1 
_diffrn.ambient_pressure       ? 
_diffrn.ambient_pressure_esd   ? 
_diffrn.ambient_pressure_gt    ? 
_diffrn.ambient_pressure_lt    ? 
_diffrn.ambient_temp_gt        ? 
_diffrn.ambient_temp_lt        ? 
# 
_diffrn_detector.details                      ? 
_diffrn_detector.detector                     PIXEL 
_diffrn_detector.diffrn_id                    1 
_diffrn_detector.type                         'DECTRIS EIGER X 16M' 
_diffrn_detector.area_resol_mean              ? 
_diffrn_detector.dtime                        ? 
_diffrn_detector.pdbx_frames_total            ? 
_diffrn_detector.pdbx_collection_time_total   ? 
_diffrn_detector.pdbx_collection_date         2016-10-08 
# 
_diffrn_radiation.collimation                      ? 
_diffrn_radiation.diffrn_id                        1 
_diffrn_radiation.filter_edge                      ? 
_diffrn_radiation.inhomogeneity                    ? 
_diffrn_radiation.monochromator                    ? 
_diffrn_radiation.polarisn_norm                    ? 
_diffrn_radiation.polarisn_ratio                   ? 
_diffrn_radiation.probe                            ? 
_diffrn_radiation.type                             ? 
_diffrn_radiation.xray_symbol                      ? 
_diffrn_radiation.wavelength_id                    1 
_diffrn_radiation.pdbx_monochromatic_or_laue_m_l   M 
_diffrn_radiation.pdbx_wavelength_list             ? 
_diffrn_radiation.pdbx_wavelength                  ? 
_diffrn_radiation.pdbx_diffrn_protocol             'SINGLE WAVELENGTH' 
_diffrn_radiation.pdbx_analyzer                    ? 
_diffrn_radiation.pdbx_scattering_type             x-ray 
# 
_diffrn_radiation_wavelength.id           1 
_diffrn_radiation_wavelength.wavelength   0.97918 
_diffrn_radiation_wavelength.wt           1.0 
# 
_diffrn_source.current                     ? 
_diffrn_source.details                     ? 
_diffrn_source.diffrn_id                   1 
_diffrn_source.power                       ? 
_diffrn_source.size                        ? 
_diffrn_source.source                      SYNCHROTRON 
_diffrn_source.target                      ? 
_diffrn_source.type                        'APS BEAMLINE 21-ID-D' 
_diffrn_source.voltage                     ? 
_diffrn_source.take-off_angle              ? 
_diffrn_source.pdbx_wavelength_list        0.97918 
_diffrn_source.pdbx_wavelength             ? 
_diffrn_source.pdbx_synchrotron_beamline   21-ID-D 
_diffrn_source.pdbx_synchrotron_site       APS 
# 
_reflns.B_iso_Wilson_estimate            53.740 
_reflns.entry_id                         5TSB 
_reflns.data_reduction_details           ? 
_reflns.data_reduction_method            ? 
_reflns.d_resolution_high                2.700 
_reflns.d_resolution_low                 26.494 
_reflns.details                          ? 
_reflns.limit_h_max                      ? 
_reflns.limit_h_min                      ? 
_reflns.limit_k_max                      ? 
_reflns.limit_k_min                      ? 
_reflns.limit_l_max                      ? 
_reflns.limit_l_min                      ? 
_reflns.number_all                       ? 
_reflns.number_obs                       7889 
_reflns.observed_criterion               ? 
_reflns.observed_criterion_F_max         ? 
_reflns.observed_criterion_F_min         ? 
_reflns.observed_criterion_I_max         ? 
_reflns.observed_criterion_I_min         ? 
_reflns.observed_criterion_sigma_F       ? 
_reflns.observed_criterion_sigma_I       ? 
_reflns.percent_possible_obs             93.200 
_reflns.R_free_details                   ? 
_reflns.Rmerge_F_all                     ? 
_reflns.Rmerge_F_obs                     ? 
_reflns.Friedel_coverage                 ? 
_reflns.number_gt                        ? 
_reflns.threshold_expression             ? 
_reflns.pdbx_redundancy                  10.100 
_reflns.pdbx_Rmerge_I_obs                0.162 
_reflns.pdbx_Rmerge_I_all                ? 
_reflns.pdbx_Rsym_value                  ? 
_reflns.pdbx_netI_over_av_sigmaI         17.400 
_reflns.pdbx_netI_over_sigmaI            4.600 
_reflns.pdbx_res_netI_over_av_sigmaI_2   ? 
_reflns.pdbx_res_netI_over_sigmaI_2      ? 
_reflns.pdbx_chi_squared                 1.132 
_reflns.pdbx_scaling_rejects             ? 
_reflns.pdbx_d_res_high_opt              ? 
_reflns.pdbx_d_res_low_opt               ? 
_reflns.pdbx_d_res_opt_method            ? 
_reflns.phase_calculation_details        ? 
_reflns.pdbx_Rrim_I_all                  0.169 
_reflns.pdbx_Rpim_I_all                  0.048 
_reflns.pdbx_d_opt                       ? 
_reflns.pdbx_number_measured_all         79447 
_reflns.pdbx_diffrn_id                   1 
_reflns.pdbx_ordinal                     1 
_reflns.pdbx_CC_half                     ? 
_reflns.pdbx_R_split                     ? 
# 
loop_
_reflns_shell.d_res_high 
_reflns_shell.d_res_low 
_reflns_shell.meanI_over_sigI_all 
_reflns_shell.meanI_over_sigI_obs 
_reflns_shell.number_measured_all 
_reflns_shell.number_measured_obs 
_reflns_shell.number_possible 
_reflns_shell.number_unique_all 
_reflns_shell.number_unique_obs 
_reflns_shell.percent_possible_all 
_reflns_shell.percent_possible_obs 
_reflns_shell.Rmerge_F_all 
_reflns_shell.Rmerge_F_obs 
_reflns_shell.Rmerge_I_all 
_reflns_shell.Rmerge_I_obs 
_reflns_shell.meanI_over_sigI_gt 
_reflns_shell.meanI_over_uI_all 
_reflns_shell.meanI_over_uI_gt 
_reflns_shell.number_measured_gt 
_reflns_shell.number_unique_gt 
_reflns_shell.percent_possible_gt 
_reflns_shell.Rmerge_F_gt 
_reflns_shell.Rmerge_I_gt 
_reflns_shell.pdbx_redundancy 
_reflns_shell.pdbx_Rsym_value 
_reflns_shell.pdbx_chi_squared 
_reflns_shell.pdbx_netI_over_sigmaI_all 
_reflns_shell.pdbx_netI_over_sigmaI_obs 
_reflns_shell.pdbx_Rrim_I_all 
_reflns_shell.pdbx_Rpim_I_all 
_reflns_shell.pdbx_rejects 
_reflns_shell.pdbx_ordinal 
_reflns_shell.pdbx_diffrn_id 
_reflns_shell.pdbx_CC_half 
_reflns_shell.pdbx_R_split 
2.700 2.800  ? ? ? ? ? ? ? 83.300 ? ? ? ? 0.482 ? ? ? ? ? ? ? ? 4.200  ? ? ? ? ? ? ? 1  1 0.896 ? 
2.800 2.910  ? ? ? ? ? ? ? 91.100 ? ? ? ? 0.452 ? ? ? ? ? ? ? ? 5.500  ? ? ? ? ? ? ? 2  1 0.904 ? 
2.910 3.040  ? ? ? ? ? ? ? 96.500 ? ? ? ? 0.432 ? ? ? ? ? ? ? ? 6.900  ? ? ? ? ? ? ? 3  1 0.953 ? 
3.040 3.200  ? ? ? ? ? ? ? 96.800 ? ? ? ? 0.409 ? ? ? ? ? ? ? ? 9.000  ? ? ? ? ? ? ? 4  1 0.961 ? 
3.200 3.400  ? ? ? ? ? ? ? 96.200 ? ? ? ? 0.354 ? ? ? ? ? ? ? ? 10.800 ? ? ? ? ? ? ? 5  1 0.976 ? 
3.400 3.660  ? ? ? ? ? ? ? 85.900 ? ? ? ? 0.268 ? ? ? ? ? ? ? ? 11.300 ? ? ? ? ? ? ? 6  1 0.985 ? 
3.660 4.030  ? ? ? ? ? ? ? 96.800 ? ? ? ? 0.194 ? ? ? ? ? ? ? ? 12.900 ? ? ? ? ? ? ? 7  1 0.994 ? 
4.030 4.620  ? ? ? ? ? ? ? 98.000 ? ? ? ? 0.146 ? ? ? ? ? ? ? ? 12.700 ? ? ? ? ? ? ? 8  1 0.994 ? 
4.620 5.810  ? ? ? ? ? ? ? 95.500 ? ? ? ? 0.131 ? ? ? ? ? ? ? ? 13.500 ? ? ? ? ? ? ? 9  1 0.996 ? 
5.810 50.000 ? ? ? ? ? ? ? 91.900 ? ? ? ? 0.100 ? ? ? ? ? ? ? ? 12.700 ? ? ? ? ? ? ? 10 1 0.998 ? 
# 
_refine.aniso_B[1][1]                            ? 
_refine.aniso_B[1][2]                            ? 
_refine.aniso_B[1][3]                            ? 
_refine.aniso_B[2][2]                            ? 
_refine.aniso_B[2][3]                            ? 
_refine.aniso_B[3][3]                            ? 
_refine.B_iso_max                                138.170 
_refine.B_iso_mean                               48.1683 
_refine.B_iso_min                                16.940 
_refine.correlation_coeff_Fo_to_Fc               ? 
_refine.correlation_coeff_Fo_to_Fc_free          ? 
_refine.details                                  ? 
_refine.diff_density_max                         ? 
_refine.diff_density_max_esd                     ? 
_refine.diff_density_min                         ? 
_refine.diff_density_min_esd                     ? 
_refine.diff_density_rms                         ? 
_refine.diff_density_rms_esd                     ? 
_refine.entry_id                                 5TSB 
_refine.pdbx_refine_id                           'X-RAY DIFFRACTION' 
_refine.ls_abs_structure_details                 ? 
_refine.ls_abs_structure_Flack                   ? 
_refine.ls_abs_structure_Flack_esd               ? 
_refine.ls_abs_structure_Rogers                  ? 
_refine.ls_abs_structure_Rogers_esd              ? 
_refine.ls_d_res_high                            2.700 
_refine.ls_d_res_low                             26.4940 
_refine.ls_extinction_coef                       ? 
_refine.ls_extinction_coef_esd                   ? 
_refine.ls_extinction_expression                 ? 
_refine.ls_extinction_method                     ? 
_refine.ls_goodness_of_fit_all                   ? 
_refine.ls_goodness_of_fit_all_esd               ? 
_refine.ls_goodness_of_fit_obs                   ? 
_refine.ls_goodness_of_fit_obs_esd               ? 
_refine.ls_hydrogen_treatment                    ? 
_refine.ls_matrix_type                           ? 
_refine.ls_number_constraints                    ? 
_refine.ls_number_parameters                     ? 
_refine.ls_number_reflns_all                     ? 
_refine.ls_number_reflns_obs                     7857 
_refine.ls_number_reflns_R_free                  395 
_refine.ls_number_reflns_R_work                  ? 
_refine.ls_number_restraints                     ? 
_refine.ls_percent_reflns_obs                    91.0700 
_refine.ls_percent_reflns_R_free                 5.0300 
_refine.ls_R_factor_all                          ? 
_refine.ls_R_factor_obs                          0.2286 
_refine.ls_R_factor_R_free                       0.2675 
_refine.ls_R_factor_R_free_error                 ? 
_refine.ls_R_factor_R_free_error_details         ? 
_refine.ls_R_factor_R_work                       0.2265 
_refine.ls_R_Fsqd_factor_obs                     ? 
_refine.ls_R_I_factor_obs                        ? 
_refine.ls_redundancy_reflns_all                 ? 
_refine.ls_redundancy_reflns_obs                 ? 
_refine.ls_restrained_S_all                      ? 
_refine.ls_restrained_S_obs                      ? 
_refine.ls_shift_over_esd_max                    ? 
_refine.ls_shift_over_esd_mean                   ? 
_refine.ls_structure_factor_coef                 ? 
_refine.ls_weighting_details                     ? 
_refine.ls_weighting_scheme                      ? 
_refine.ls_wR_factor_all                         ? 
_refine.ls_wR_factor_obs                         ? 
_refine.ls_wR_factor_R_free                      ? 
_refine.ls_wR_factor_R_work                      ? 
_refine.occupancy_max                            ? 
_refine.occupancy_min                            ? 
_refine.solvent_model_details                    ? 
_refine.solvent_model_param_bsol                 ? 
_refine.solvent_model_param_ksol                 ? 
_refine.ls_R_factor_gt                           ? 
_refine.ls_goodness_of_fit_gt                    ? 
_refine.ls_goodness_of_fit_ref                   ? 
_refine.ls_shift_over_su_max                     ? 
_refine.ls_shift_over_su_max_lt                  ? 
_refine.ls_shift_over_su_mean                    ? 
_refine.ls_shift_over_su_mean_lt                 ? 
_refine.pdbx_ls_sigma_I                          ? 
_refine.pdbx_ls_sigma_F                          1.980 
_refine.pdbx_ls_sigma_Fsqd                       ? 
_refine.pdbx_data_cutoff_high_absF               ? 
_refine.pdbx_data_cutoff_high_rms_absF           ? 
_refine.pdbx_data_cutoff_low_absF                ? 
_refine.pdbx_isotropic_thermal_model             ? 
_refine.pdbx_ls_cross_valid_method               'FREE R-VALUE' 
_refine.pdbx_method_to_determine_struct          SAD 
_refine.pdbx_starting_model                      ? 
_refine.pdbx_stereochemistry_target_values       ? 
_refine.pdbx_R_Free_selection_details            ? 
_refine.pdbx_stereochem_target_val_spec_case     ? 
_refine.pdbx_overall_ESU_R                       ? 
_refine.pdbx_overall_ESU_R_Free                  ? 
_refine.pdbx_solvent_vdw_probe_radii             1.1100 
_refine.pdbx_solvent_ion_probe_radii             ? 
_refine.pdbx_solvent_shrinkage_radii             0.9000 
_refine.pdbx_real_space_R                        ? 
_refine.pdbx_density_correlation                 ? 
_refine.pdbx_pd_number_of_powder_patterns        ? 
_refine.pdbx_pd_number_of_points                 ? 
_refine.pdbx_pd_meas_number_of_points            ? 
_refine.pdbx_pd_proc_ls_prof_R_factor            ? 
_refine.pdbx_pd_proc_ls_prof_wR_factor           ? 
_refine.pdbx_pd_Marquardt_correlation_coeff      ? 
_refine.pdbx_pd_Fsqrd_R_factor                   ? 
_refine.pdbx_pd_ls_matrix_band_width             ? 
_refine.pdbx_overall_phase_error                 28.2000 
_refine.pdbx_overall_SU_R_free_Cruickshank_DPI   ? 
_refine.pdbx_overall_SU_R_free_Blow_DPI          ? 
_refine.pdbx_overall_SU_R_Blow_DPI               ? 
_refine.pdbx_TLS_residual_ADP_flag               ? 
_refine.pdbx_diffrn_id                           1 
_refine.overall_SU_B                             ? 
_refine.overall_SU_ML                            0.3300 
_refine.overall_SU_R_Cruickshank_DPI             ? 
_refine.overall_SU_R_free                        ? 
_refine.overall_FOM_free_R_set                   ? 
_refine.overall_FOM_work_R_set                   ? 
_refine.pdbx_average_fsc_overall                 ? 
_refine.pdbx_average_fsc_work                    ? 
_refine.pdbx_average_fsc_free                    ? 
# 
_refine_hist.cycle_id                         final 
_refine_hist.pdbx_refine_id                   'X-RAY DIFFRACTION' 
_refine_hist.d_res_high                       2.700 
_refine_hist.d_res_low                        26.4940 
_refine_hist.pdbx_number_atoms_ligand         3 
_refine_hist.number_atoms_solvent             6 
_refine_hist.number_atoms_total               1508 
_refine_hist.pdbx_number_residues_total       225 
_refine_hist.pdbx_B_iso_mean_ligand           81.72 
_refine_hist.pdbx_B_iso_mean_solvent          38.69 
_refine_hist.pdbx_number_atoms_protein        1499 
_refine_hist.pdbx_number_atoms_nucleic_acid   0 
# 
loop_
_refine_ls_restr.pdbx_refine_id 
_refine_ls_restr.criterion 
_refine_ls_restr.dev_ideal 
_refine_ls_restr.dev_ideal_target 
_refine_ls_restr.number 
_refine_ls_restr.rejects 
_refine_ls_restr.type 
_refine_ls_restr.weight 
_refine_ls_restr.pdbx_restraint_function 
'X-RAY DIFFRACTION' ? 0.011  ? 1539 ? f_bond_d           ? ? 
'X-RAY DIFFRACTION' ? 1.209  ? 2070 ? f_angle_d          ? ? 
'X-RAY DIFFRACTION' ? 0.064  ? 271  ? f_chiral_restr     ? ? 
'X-RAY DIFFRACTION' ? 0.007  ? 257  ? f_plane_restr      ? ? 
'X-RAY DIFFRACTION' ? 13.864 ? 495  ? f_dihedral_angle_d ? ? 
# 
loop_
_refine_ls_shell.pdbx_refine_id 
_refine_ls_shell.d_res_high 
_refine_ls_shell.d_res_low 
_refine_ls_shell.number_reflns_all 
_refine_ls_shell.number_reflns_obs 
_refine_ls_shell.number_reflns_R_free 
_refine_ls_shell.number_reflns_R_work 
_refine_ls_shell.percent_reflns_obs 
_refine_ls_shell.percent_reflns_R_free 
_refine_ls_shell.R_factor_all 
_refine_ls_shell.R_factor_obs 
_refine_ls_shell.R_factor_R_free 
_refine_ls_shell.R_factor_R_free_error 
_refine_ls_shell.R_factor_R_work 
_refine_ls_shell.redundancy_reflns_all 
_refine_ls_shell.redundancy_reflns_obs 
_refine_ls_shell.wR_factor_all 
_refine_ls_shell.wR_factor_obs 
_refine_ls_shell.wR_factor_R_free 
_refine_ls_shell.wR_factor_R_work 
_refine_ls_shell.pdbx_total_number_of_bins_used 
_refine_ls_shell.pdbx_phase_error 
_refine_ls_shell.pdbx_fsc_work 
_refine_ls_shell.pdbx_fsc_free 
'X-RAY DIFFRACTION' 2.6958 2.9037  2646 . 136 2510 81.0000 . . . 0.2979 . 0.2580 . . . . . . 5 . . . 
'X-RAY DIFFRACTION' 2.9037 3.1955  3137 . 148 2989 95.0000 . . . 0.2308 . 0.2267 . . . . . . 5 . . . 
'X-RAY DIFFRACTION' 3.1955 3.6568  2971 . 162 2809 91.0000 . . . 0.2781 . 0.2152 . . . . . . 5 . . . 
'X-RAY DIFFRACTION' 3.6568 4.6033  3179 . 157 3022 97.0000 . . . 0.2643 . 0.2077 . . . . . . 5 . . . 
'X-RAY DIFFRACTION' 4.6033 26.4950 3011 . 148 2863 91.0000 . . . 0.2688 . 0.2420 . . . . . . 5 . . . 
# 
_struct.entry_id                     5TSB 
_struct.title                        
'Crystal structure of the Zrt-/Irt-like protein from Bordetella bronchiseptica with bound Cd2+' 
_struct.pdbx_model_details           ? 
_struct.pdbx_formula_weight          ? 
_struct.pdbx_formula_weight_method   ? 
_struct.pdbx_model_type_details      ? 
_struct.pdbx_CASP_flag               N 
# 
_struct_keywords.entry_id        5TSB 
_struct_keywords.pdbx_keywords   'METAL BINDING PROTEIN' 
_struct_keywords.text            
'ZIP, transporter, zinc, cadmium, lipidic cubic phase, binuclear metal center, membrane protein, METAL BINDING PROTEIN' 
# 
loop_
_struct_asym.id 
_struct_asym.pdbx_blank_PDB_chainid_flag 
_struct_asym.pdbx_modified 
_struct_asym.entity_id 
_struct_asym.details 
A N N 1 ? 
B N N 2 ? 
C N N 2 ? 
D N N 2 ? 
E N N 2 ? 
F N N 3 ? 
# 
_struct_ref.id                         1 
_struct_ref.db_name                    UNP 
_struct_ref.db_code                    A0A0H3LM39_BORBR 
_struct_ref.pdbx_db_accession          A0A0H3LM39 
_struct_ref.pdbx_db_isoform            ? 
_struct_ref.entity_id                  1 
_struct_ref.pdbx_seq_one_letter_code   
;MNQPSSLAADLRGAWHAQAQSHPLITLGLAASAAGVVLLLVAGIVNALTGENRVHVGYAVLGGAAGFAATALGALMALGL
RAISARTQDAMLGFAAGMMLAASAFSLILPGLDAAGTIVGPGPAAAAVVALGLGLGVLLMLGLDYFTPHEHERTGHQGPE
AARVNRVWLFVLTIILHNLPEGMAIGVSFATGDLRIGLPLTSAIAIQDVPEGLAVALALRAVGLPIGRAVLVAVASGLME
PLGALVGVGISSGFALAYPISMGLAAGAMIFVVSHEVIPETHRNGHETTATVGLMAGFALMMFLDTALG
;
_struct_ref.pdbx_align_begin           1 
# 
_struct_ref_seq.align_id                      1 
_struct_ref_seq.ref_id                        1 
_struct_ref_seq.pdbx_PDB_id_code              5TSB 
_struct_ref_seq.pdbx_strand_id                A 
_struct_ref_seq.seq_align_beg                 1 
_struct_ref_seq.pdbx_seq_align_beg_ins_code   ? 
_struct_ref_seq.seq_align_end                 309 
_struct_ref_seq.pdbx_seq_align_end_ins_code   ? 
_struct_ref_seq.pdbx_db_accession             A0A0H3LM39 
_struct_ref_seq.db_align_beg                  1 
_struct_ref_seq.pdbx_db_align_beg_ins_code    ? 
_struct_ref_seq.db_align_end                  309 
_struct_ref_seq.pdbx_db_align_end_ins_code    ? 
_struct_ref_seq.pdbx_auth_seq_align_beg       1 
_struct_ref_seq.pdbx_auth_seq_align_end       309 
# 
_pdbx_struct_assembly.id                   1 
_pdbx_struct_assembly.details              author_and_software_defined_assembly 
_pdbx_struct_assembly.method_details       PISA 
_pdbx_struct_assembly.oligomeric_details   monomeric 
_pdbx_struct_assembly.oligomeric_count     1 
# 
loop_
_pdbx_struct_assembly_prop.biol_id 
_pdbx_struct_assembly_prop.type 
_pdbx_struct_assembly_prop.value 
_pdbx_struct_assembly_prop.details 
1 'ABSA (A^2)' 1940  ? 
1 MORE         -60   ? 
1 'SSA (A^2)'  18890 ? 
# 
_pdbx_struct_assembly_gen.assembly_id       1 
_pdbx_struct_assembly_gen.oper_expression   1 
_pdbx_struct_assembly_gen.asym_id_list      A,B,C,D,E,F 
# 
loop_
_pdbx_struct_oper_list.id 
_pdbx_struct_oper_list.type 
_pdbx_struct_oper_list.name 
_pdbx_struct_oper_list.symmetry_operation 
_pdbx_struct_oper_list.matrix[1][1] 
_pdbx_struct_oper_list.matrix[1][2] 
_pdbx_struct_oper_list.matrix[1][3] 
_pdbx_struct_oper_list.vector[1] 
_pdbx_struct_oper_list.matrix[2][1] 
_pdbx_struct_oper_list.matrix[2][2] 
_pdbx_struct_oper_list.matrix[2][3] 
_pdbx_struct_oper_list.vector[2] 
_pdbx_struct_oper_list.matrix[3][1] 
_pdbx_struct_oper_list.matrix[3][2] 
_pdbx_struct_oper_list.matrix[3][3] 
_pdbx_struct_oper_list.vector[3] 
1 'identity operation'         1_555 x,y,z     1.0000000000  0.0000000000 0.0000000000  0.0000000000 0.0000000000 1.0000000000 0.0000000000  0.0000000000   0.0000000000  0.0000000000  1.0000000000  0.0000000000   
2 'crystal symmetry operation' 2_655 -x+1,y,-z -0.8329271191 0.4831256594 -0.2698555381 0.9443594129 0.4831256594 0.3970573892 -0.7803428906 -15.9299614575 -0.2698555381 -0.7803428906 -0.5641302701 -27.9349326581 
# 
loop_
_struct_conf.conf_type_id 
_struct_conf.id 
_struct_conf.pdbx_PDB_helix_id 
_struct_conf.beg_label_comp_id 
_struct_conf.beg_label_asym_id 
_struct_conf.beg_label_seq_id 
_struct_conf.pdbx_beg_PDB_ins_code 
_struct_conf.end_label_comp_id 
_struct_conf.end_label_asym_id 
_struct_conf.end_label_seq_id 
_struct_conf.pdbx_end_PDB_ins_code 
_struct_conf.beg_auth_comp_id 
_struct_conf.beg_auth_asym_id 
_struct_conf.beg_auth_seq_id 
_struct_conf.end_auth_comp_id 
_struct_conf.end_auth_asym_id 
_struct_conf.end_auth_seq_id 
_struct_conf.pdbx_PDB_helix_class 
_struct_conf.details 
_struct_conf.pdbx_PDB_helix_length 
HELX_P HELX_P1  AA1 VAL A 56  ? ARG A 81  ? VAL A 56  ARG A 81  1 ? 26 
HELX_P HELX_P2  AA2 SER A 84  ? SER A 106 ? SER A 84  SER A 106 1 ? 23 
HELX_P HELX_P3  AA3 LEU A 107 ? GLY A 120 ? LEU A 107 GLY A 120 1 ? 14 
HELX_P HELX_P4  AA4 GLY A 122 ? ASP A 144 ? GLY A 122 ASP A 144 1 ? 23 
HELX_P HELX_P5  AA5 ARG A 166 ? ALA A 190 ? ARG A 166 ALA A 190 1 ? 25 
HELX_P HELX_P6  AA6 ASP A 193 ? VAL A 222 ? ASP A 193 VAL A 222 1 ? 30 
HELX_P HELX_P7  AA7 PRO A 225 ? LEU A 238 ? PRO A 225 LEU A 238 1 ? 14 
HELX_P HELX_P8  AA8 LEU A 238 ? SER A 251 ? LEU A 238 SER A 251 1 ? 14 
HELX_P HELX_P9  AA9 LEU A 256 ? VAL A 277 ? LEU A 256 VAL A 277 1 ? 22 
HELX_P HELX_P10 AB1 ALA A 290 ? LEU A 308 ? ALA A 290 LEU A 308 1 ? 19 
# 
_struct_conf_type.id          HELX_P 
_struct_conf_type.criteria    ? 
_struct_conf_type.reference   ? 
# 
loop_
_struct_conn.id 
_struct_conn.conn_type_id 
_struct_conn.pdbx_leaving_atom_flag 
_struct_conn.pdbx_PDB_id 
_struct_conn.ptnr1_label_asym_id 
_struct_conn.ptnr1_label_comp_id 
_struct_conn.ptnr1_label_seq_id 
_struct_conn.ptnr1_label_atom_id 
_struct_conn.pdbx_ptnr1_label_alt_id 
_struct_conn.pdbx_ptnr1_PDB_ins_code 
_struct_conn.pdbx_ptnr1_standard_comp_id 
_struct_conn.ptnr1_symmetry 
_struct_conn.ptnr2_label_asym_id 
_struct_conn.ptnr2_label_comp_id 
_struct_conn.ptnr2_label_seq_id 
_struct_conn.ptnr2_label_atom_id 
_struct_conn.pdbx_ptnr2_label_alt_id 
_struct_conn.pdbx_ptnr2_PDB_ins_code 
_struct_conn.ptnr1_auth_asym_id 
_struct_conn.ptnr1_auth_comp_id 
_struct_conn.ptnr1_auth_seq_id 
_struct_conn.ptnr2_auth_asym_id 
_struct_conn.ptnr2_auth_comp_id 
_struct_conn.ptnr2_auth_seq_id 
_struct_conn.ptnr2_symmetry 
_struct_conn.pdbx_ptnr3_label_atom_id 
_struct_conn.pdbx_ptnr3_label_seq_id 
_struct_conn.pdbx_ptnr3_label_comp_id 
_struct_conn.pdbx_ptnr3_label_asym_id 
_struct_conn.pdbx_ptnr3_label_alt_id 
_struct_conn.pdbx_ptnr3_PDB_ins_code 
_struct_conn.details 
_struct_conn.pdbx_dist_value 
_struct_conn.pdbx_value_order 
_struct_conn.pdbx_role 
covale1  covale both ? A LEU 75  C   ? ? ? 1_555 A MSE 76  N  ? ? A LEU 75  A MSE 76  1_555 ? ? ? ? ? ? ? 1.323 ? ? 
covale2  covale both ? A MSE 76  C   ? ? ? 1_555 A ALA 77  N  ? ? A MSE 76  A ALA 77  1_555 ? ? ? ? ? ? ? 1.341 ? ? 
covale3  covale both ? A ALA 90  C   ? ? ? 1_555 A MSE 91  N  ? ? A ALA 90  A MSE 91  1_555 ? ? ? ? ? ? ? 1.328 ? ? 
covale4  covale both ? A MSE 91  C   ? ? ? 1_555 A LEU 92  N  ? ? A MSE 91  A LEU 92  1_555 ? ? ? ? ? ? ? 1.332 ? ? 
covale5  covale both ? A GLY 97  C   ? ? ? 1_555 A MSE 98  N  ? ? A GLY 97  A MSE 98  1_555 ? ? ? ? ? ? ? 1.327 ? ? 
covale6  covale both ? A MSE 98  C   ? ? ? 1_555 A MSE 99  N  ? ? A MSE 98  A MSE 99  1_555 ? ? ? ? ? ? ? 1.331 ? ? 
covale7  covale both ? A MSE 99  C   ? ? ? 1_555 A LEU 100 N  ? ? A MSE 99  A LEU 100 1_555 ? ? ? ? ? ? ? 1.340 ? ? 
covale8  covale both ? A LEU 139 C   ? ? ? 1_555 A MSE 140 N  ? ? A LEU 139 A MSE 140 1_555 ? ? ? ? ? ? ? 1.317 ? ? 
covale9  covale both ? A MSE 140 C   ? ? ? 1_555 A LEU 141 N  ? ? A MSE 140 A LEU 141 1_555 ? ? ? ? ? ? ? 1.320 ? ? 
covale10 covale both ? A GLY 182 C   ? ? ? 1_555 A MSE 183 N  ? ? A GLY 182 A MSE 183 1_555 ? ? ? ? ? ? ? 1.374 ? ? 
covale11 covale both ? A MSE 183 C   ? ? ? 1_555 A ALA 184 N  ? ? A MSE 183 A ALA 184 1_555 ? ? ? ? ? ? ? 1.335 ? ? 
covale12 covale both ? A LEU 238 C   ? ? ? 1_555 A MSE 239 N  ? ? A LEU 238 A MSE 239 1_555 ? ? ? ? ? ? ? 1.339 ? ? 
covale13 covale both ? A MSE 239 C   ? ? ? 1_555 A GLU 240 N  ? ? A MSE 239 A GLU 240 1_555 ? ? ? ? ? ? ? 1.324 ? ? 
covale14 covale both ? A SER 261 C   ? ? ? 1_555 A MSE 262 N  ? ? A SER 261 A MSE 262 1_555 ? ? ? ? ? ? ? 1.318 ? ? 
covale15 covale both ? A MSE 262 C   ? ? ? 1_555 A GLY 263 N  ? ? A MSE 262 A GLY 263 1_555 ? ? ? ? ? ? ? 1.330 ? ? 
covale16 covale both ? A ALA 268 C   ? ? ? 1_555 A MSE 269 N  ? ? A ALA 268 A MSE 269 1_555 ? ? ? ? ? ? ? 1.330 ? ? 
covale17 covale both ? A MSE 269 C   ? ? ? 1_555 A ILE 270 N  ? ? A MSE 269 A ILE 270 1_555 ? ? ? ? ? ? ? 1.333 ? ? 
covale18 covale both ? A LEU 294 C   ? ? ? 1_555 A MSE 295 N  ? ? A LEU 294 A MSE 295 1_555 ? ? ? ? ? ? ? 1.312 ? ? 
covale19 covale both ? A MSE 295 C   ? ? ? 1_555 A ALA 296 N  ? ? A MSE 295 A ALA 296 1_555 ? ? ? ? ? ? ? 1.308 ? ? 
covale20 covale both ? A LEU 300 C   ? ? ? 1_555 A MSE 301 N  ? ? A LEU 300 A MSE 301 1_555 ? ? ? ? ? ? ? 1.310 ? ? 
covale21 covale both ? A MSE 301 C   ? ? ? 1_555 A MSE 302 N  ? ? A MSE 301 A MSE 302 1_555 ? ? ? ? ? ? ? 1.313 ? ? 
covale22 covale both ? A MSE 302 C   ? ? ? 1_555 A PHE 303 N  ? ? A MSE 302 A PHE 303 1_555 ? ? ? ? ? ? ? 1.311 ? ? 
metalc1  metalc ?    ? A HIS 177 NE2 ? ? ? 1_555 C CD  .   CD ? ? A HIS 177 A CD  402 1_555 ? ? ? ? ? ? ? 2.599 ? ? 
metalc2  metalc ?    ? A ASN 178 OD1 ? ? ? 1_555 B CD  .   CD ? ? A ASN 178 A CD  401 1_555 ? ? ? ? ? ? ? 2.682 ? ? 
metalc3  metalc ?    ? A GLU 181 OE2 ? ? ? 1_555 C CD  .   CD ? ? A GLU 181 A CD  402 1_555 ? ? ? ? ? ? ? 2.590 ? ? 
metalc4  metalc ?    ? A GLN 207 OE1 ? ? ? 1_555 C CD  .   CD ? ? A GLN 207 A CD  402 1_555 ? ? ? ? ? ? ? 2.675 ? ? 
metalc5  metalc ?    ? A GLU 211 OE1 ? ? ? 1_555 C CD  .   CD ? ? A GLU 211 A CD  402 1_555 ? ? ? ? ? ? ? 2.644 ? ? 
metalc6  metalc ?    ? A GLU 211 OE2 ? ? ? 1_555 C CD  .   CD ? ? A GLU 211 A CD  402 1_555 ? ? ? ? ? ? ? 2.652 ? ? 
metalc7  metalc ?    ? A GLU 240 OE2 ? ? ? 1_555 B CD  .   CD ? ? A GLU 240 A CD  401 1_555 ? ? ? ? ? ? ? 2.600 ? ? 
metalc8  metalc ?    ? D CD  .   CD  ? ? ? 1_555 F HOH .   O  ? ? A CD  403 A HOH 503 3_454 ? ? ? ? ? ? ? 2.687 ? ? 
metalc9  metalc ?    ? D CD  .   CD  ? ? ? 1_555 F HOH .   O  ? ? A CD  403 A HOH 506 4_555 ? ? ? ? ? ? ? 2.571 ? ? 
# 
loop_
_struct_conn_type.id 
_struct_conn_type.criteria 
_struct_conn_type.reference 
covale ? ? 
metalc ? ? 
# 
loop_
_pdbx_struct_conn_angle.id 
_pdbx_struct_conn_angle.ptnr1_label_atom_id 
_pdbx_struct_conn_angle.ptnr1_label_alt_id 
_pdbx_struct_conn_angle.ptnr1_label_asym_id 
_pdbx_struct_conn_angle.ptnr1_label_comp_id 
_pdbx_struct_conn_angle.ptnr1_label_seq_id 
_pdbx_struct_conn_angle.ptnr1_auth_atom_id 
_pdbx_struct_conn_angle.ptnr1_auth_asym_id 
_pdbx_struct_conn_angle.ptnr1_auth_comp_id 
_pdbx_struct_conn_angle.ptnr1_auth_seq_id 
_pdbx_struct_conn_angle.ptnr1_PDB_ins_code 
_pdbx_struct_conn_angle.ptnr1_symmetry 
_pdbx_struct_conn_angle.ptnr2_label_atom_id 
_pdbx_struct_conn_angle.ptnr2_label_alt_id 
_pdbx_struct_conn_angle.ptnr2_label_asym_id 
_pdbx_struct_conn_angle.ptnr2_label_comp_id 
_pdbx_struct_conn_angle.ptnr2_label_seq_id 
_pdbx_struct_conn_angle.ptnr2_auth_atom_id 
_pdbx_struct_conn_angle.ptnr2_auth_asym_id 
_pdbx_struct_conn_angle.ptnr2_auth_comp_id 
_pdbx_struct_conn_angle.ptnr2_auth_seq_id 
_pdbx_struct_conn_angle.ptnr2_PDB_ins_code 
_pdbx_struct_conn_angle.ptnr2_symmetry 
_pdbx_struct_conn_angle.ptnr3_label_atom_id 
_pdbx_struct_conn_angle.ptnr3_label_alt_id 
_pdbx_struct_conn_angle.ptnr3_label_asym_id 
_pdbx_struct_conn_angle.ptnr3_label_comp_id 
_pdbx_struct_conn_angle.ptnr3_label_seq_id 
_pdbx_struct_conn_angle.ptnr3_auth_atom_id 
_pdbx_struct_conn_angle.ptnr3_auth_asym_id 
_pdbx_struct_conn_angle.ptnr3_auth_comp_id 
_pdbx_struct_conn_angle.ptnr3_auth_seq_id 
_pdbx_struct_conn_angle.ptnr3_PDB_ins_code 
_pdbx_struct_conn_angle.ptnr3_symmetry 
_pdbx_struct_conn_angle.value 
_pdbx_struct_conn_angle.value_esd 
1  NE2 ? A HIS 177 ? A HIS 177 ? 1_555 CD ? C CD . ? A CD 402 ? 1_555 OE2 ? A GLU 181 ? A GLU 181 ? 1_555 64.3  ? 
2  NE2 ? A HIS 177 ? A HIS 177 ? 1_555 CD ? C CD . ? A CD 402 ? 1_555 OE1 ? A GLN 207 ? A GLN 207 ? 1_555 158.9 ? 
3  OE2 ? A GLU 181 ? A GLU 181 ? 1_555 CD ? C CD . ? A CD 402 ? 1_555 OE1 ? A GLN 207 ? A GLN 207 ? 1_555 134.7 ? 
4  NE2 ? A HIS 177 ? A HIS 177 ? 1_555 CD ? C CD . ? A CD 402 ? 1_555 OE1 ? A GLU 211 ? A GLU 211 ? 1_555 86.2  ? 
5  OE2 ? A GLU 181 ? A GLU 181 ? 1_555 CD ? C CD . ? A CD 402 ? 1_555 OE1 ? A GLU 211 ? A GLU 211 ? 1_555 107.2 ? 
6  OE1 ? A GLN 207 ? A GLN 207 ? 1_555 CD ? C CD . ? A CD 402 ? 1_555 OE1 ? A GLU 211 ? A GLU 211 ? 1_555 94.1  ? 
7  NE2 ? A HIS 177 ? A HIS 177 ? 1_555 CD ? C CD . ? A CD 402 ? 1_555 OE2 ? A GLU 211 ? A GLU 211 ? 1_555 65.5  ? 
8  OE2 ? A GLU 181 ? A GLU 181 ? 1_555 CD ? C CD . ? A CD 402 ? 1_555 OE2 ? A GLU 211 ? A GLU 211 ? 1_555 125.8 ? 
9  OE1 ? A GLN 207 ? A GLN 207 ? 1_555 CD ? C CD . ? A CD 402 ? 1_555 OE2 ? A GLU 211 ? A GLU 211 ? 1_555 98.7  ? 
10 OE1 ? A GLU 211 ? A GLU 211 ? 1_555 CD ? C CD . ? A CD 402 ? 1_555 OE2 ? A GLU 211 ? A GLU 211 ? 1_555 50.3  ? 
11 OD1 ? A ASN 178 ? A ASN 178 ? 1_555 CD ? B CD . ? A CD 401 ? 1_555 OE2 ? A GLU 240 ? A GLU 240 ? 1_555 88.0  ? 
12 O   ? F HOH .   ? A HOH 503 ? 3_454 CD ? D CD . ? A CD 403 ? 1_555 O   ? F HOH .   ? A HOH 506 ? 4_555 109.1 ? 
# 
loop_
_pdbx_modification_feature.ordinal 
_pdbx_modification_feature.label_comp_id 
_pdbx_modification_feature.label_asym_id 
_pdbx_modification_feature.label_seq_id 
_pdbx_modification_feature.label_alt_id 
_pdbx_modification_feature.modified_residue_label_comp_id 
_pdbx_modification_feature.modified_residue_label_asym_id 
_pdbx_modification_feature.modified_residue_label_seq_id 
_pdbx_modification_feature.modified_residue_label_alt_id 
_pdbx_modification_feature.auth_comp_id 
_pdbx_modification_feature.auth_asym_id 
_pdbx_modification_feature.auth_seq_id 
_pdbx_modification_feature.PDB_ins_code 
_pdbx_modification_feature.symmetry 
_pdbx_modification_feature.modified_residue_auth_comp_id 
_pdbx_modification_feature.modified_residue_auth_asym_id 
_pdbx_modification_feature.modified_residue_auth_seq_id 
_pdbx_modification_feature.modified_residue_PDB_ins_code 
_pdbx_modification_feature.modified_residue_symmetry 
_pdbx_modification_feature.comp_id_linking_atom 
_pdbx_modification_feature.modified_residue_id_linking_atom 
_pdbx_modification_feature.modified_residue_id 
_pdbx_modification_feature.ref_pcm_id 
_pdbx_modification_feature.ref_comp_id 
_pdbx_modification_feature.type 
_pdbx_modification_feature.category 
1  MSE A 76  ? . . . . MSE A 76  ? 1_555 . . . . . . . MET 1 MSE Selenomethionine 'Named protein modification' 
2  MSE A 91  ? . . . . MSE A 91  ? 1_555 . . . . . . . MET 1 MSE Selenomethionine 'Named protein modification' 
3  MSE A 98  ? . . . . MSE A 98  ? 1_555 . . . . . . . MET 1 MSE Selenomethionine 'Named protein modification' 
4  MSE A 99  ? . . . . MSE A 99  ? 1_555 . . . . . . . MET 1 MSE Selenomethionine 'Named protein modification' 
5  MSE A 140 ? . . . . MSE A 140 ? 1_555 . . . . . . . MET 1 MSE Selenomethionine 'Named protein modification' 
6  MSE A 183 ? . . . . MSE A 183 ? 1_555 . . . . . . . MET 1 MSE Selenomethionine 'Named protein modification' 
7  MSE A 239 ? . . . . MSE A 239 ? 1_555 . . . . . . . MET 1 MSE Selenomethionine 'Named protein modification' 
8  MSE A 262 ? . . . . MSE A 262 ? 1_555 . . . . . . . MET 1 MSE Selenomethionine 'Named protein modification' 
9  MSE A 269 ? . . . . MSE A 269 ? 1_555 . . . . . . . MET 1 MSE Selenomethionine 'Named protein modification' 
10 MSE A 295 ? . . . . MSE A 295 ? 1_555 . . . . . . . MET 1 MSE Selenomethionine 'Named protein modification' 
11 MSE A 301 ? . . . . MSE A 301 ? 1_555 . . . . . . . MET 1 MSE Selenomethionine 'Named protein modification' 
12 MSE A 302 ? . . . . MSE A 302 ? 1_555 . . . . . . . MET 1 MSE Selenomethionine 'Named protein modification' 
# 
loop_
_struct_site.id 
_struct_site.pdbx_evidence_code 
_struct_site.pdbx_auth_asym_id 
_struct_site.pdbx_auth_comp_id 
_struct_site.pdbx_auth_seq_id 
_struct_site.pdbx_auth_ins_code 
_struct_site.pdbx_num_residues 
_struct_site.details 
AC1 Software A CD 401 ? 6 'binding site for residue CD A 401' 
AC2 Software A CD 402 ? 5 'binding site for residue CD A 402' 
AC3 Software A CD 403 ? 5 'binding site for residue CD A 403' 
AC4 Software A CD 404 ? 3 'binding site for residue CD A 404' 
# 
loop_
_struct_site_gen.id 
_struct_site_gen.site_id 
_struct_site_gen.pdbx_num_res 
_struct_site_gen.label_comp_id 
_struct_site_gen.label_asym_id 
_struct_site_gen.label_seq_id 
_struct_site_gen.pdbx_auth_ins_code 
_struct_site_gen.auth_comp_id 
_struct_site_gen.auth_asym_id 
_struct_site_gen.auth_seq_id 
_struct_site_gen.label_atom_id 
_struct_site_gen.label_alt_id 
_struct_site_gen.symmetry 
_struct_site_gen.details 
1  AC1 6 ASN A 178 ? ASN A 178 . ? 1_555 ? 
2  AC1 6 GLU A 181 ? GLU A 181 . ? 1_555 ? 
3  AC1 6 ASP A 208 ? ASP A 208 . ? 1_555 ? 
4  AC1 6 GLU A 211 ? GLU A 211 . ? 1_555 ? 
5  AC1 6 GLU A 240 ? GLU A 240 . ? 1_555 ? 
6  AC1 6 HOH F .   ? HOH A 501 . ? 1_555 ? 
7  AC2 5 MSE A 99  ? MSE A 99  . ? 1_555 ? 
8  AC2 5 HIS A 177 ? HIS A 177 . ? 1_555 ? 
9  AC2 5 GLU A 181 ? GLU A 181 . ? 1_555 ? 
10 AC2 5 GLN A 207 ? GLN A 207 . ? 1_555 ? 
11 AC2 5 GLU A 211 ? GLU A 211 . ? 1_555 ? 
12 AC3 5 LEU A 224 ? LEU A 224 . ? 4_555 ? 
13 AC3 5 HOH F .   ? HOH A 503 . ? 3_454 ? 
14 AC3 5 HOH F .   ? HOH A 504 . ? 1_555 ? 
15 AC3 5 HOH F .   ? HOH A 505 . ? 1_555 ? 
16 AC3 5 HOH F .   ? HOH A 506 . ? 4_555 ? 
17 AC4 3 ASP A 144 ? ASP A 144 . ? 1_555 ? 
18 AC4 3 HIS A 275 ? HIS A 275 . ? 1_555 ? 
19 AC4 3 HOH F .   ? HOH A 502 . ? 1_555 ? 
# 
_pdbx_entry_details.entry_id                   5TSB 
_pdbx_entry_details.compound_details           ? 
_pdbx_entry_details.source_details             ? 
_pdbx_entry_details.nonpolymer_details         ? 
_pdbx_entry_details.sequence_details           ? 
_pdbx_entry_details.has_ligand_of_interest     ? 
_pdbx_entry_details.has_protein_modification   Y 
# 
_pdbx_validate_symm_contact.id                1 
_pdbx_validate_symm_contact.PDB_model_num     1 
_pdbx_validate_symm_contact.auth_atom_id_1    O 
_pdbx_validate_symm_contact.auth_asym_id_1    A 
_pdbx_validate_symm_contact.auth_comp_id_1    VAL 
_pdbx_validate_symm_contact.auth_seq_id_1     119 
_pdbx_validate_symm_contact.PDB_ins_code_1    ? 
_pdbx_validate_symm_contact.label_alt_id_1    ? 
_pdbx_validate_symm_contact.site_symmetry_1   1_555 
_pdbx_validate_symm_contact.auth_atom_id_2    NH2 
_pdbx_validate_symm_contact.auth_asym_id_2    A 
_pdbx_validate_symm_contact.auth_comp_id_2    ARG 
_pdbx_validate_symm_contact.auth_seq_id_2     228 
_pdbx_validate_symm_contact.PDB_ins_code_2    ? 
_pdbx_validate_symm_contact.label_alt_id_2    ? 
_pdbx_validate_symm_contact.site_symmetry_2   4_555 
_pdbx_validate_symm_contact.dist              2.09 
# 
loop_
_pdbx_validate_torsion.id 
_pdbx_validate_torsion.PDB_model_num 
_pdbx_validate_torsion.auth_comp_id 
_pdbx_validate_torsion.auth_asym_id 
_pdbx_validate_torsion.auth_seq_id 
_pdbx_validate_torsion.PDB_ins_code 
_pdbx_validate_torsion.label_alt_id 
_pdbx_validate_torsion.phi 
_pdbx_validate_torsion.psi 
1 1 ARG A 81  ? ? 69.81  -31.30 
2 1 ASN A 165 ? ? 59.70  9.90   
3 1 ASP A 193 ? ? -59.20 99.94  
# 
loop_
_pdbx_struct_mod_residue.id 
_pdbx_struct_mod_residue.label_asym_id 
_pdbx_struct_mod_residue.label_comp_id 
_pdbx_struct_mod_residue.label_seq_id 
_pdbx_struct_mod_residue.auth_asym_id 
_pdbx_struct_mod_residue.auth_comp_id 
_pdbx_struct_mod_residue.auth_seq_id 
_pdbx_struct_mod_residue.PDB_ins_code 
_pdbx_struct_mod_residue.parent_comp_id 
_pdbx_struct_mod_residue.details 
1  A MSE 76  A MSE 76  ? MET 'modified residue' 
2  A MSE 91  A MSE 91  ? MET 'modified residue' 
3  A MSE 98  A MSE 98  ? MET 'modified residue' 
4  A MSE 99  A MSE 99  ? MET 'modified residue' 
5  A MSE 140 A MSE 140 ? MET 'modified residue' 
6  A MSE 183 A MSE 183 ? MET 'modified residue' 
7  A MSE 239 A MSE 239 ? MET 'modified residue' 
8  A MSE 262 A MSE 262 ? MET 'modified residue' 
9  A MSE 269 A MSE 269 ? MET 'modified residue' 
10 A MSE 295 A MSE 295 ? MET 'modified residue' 
11 A MSE 301 A MSE 301 ? MET 'modified residue' 
12 A MSE 302 A MSE 302 ? MET 'modified residue' 
# 
_phasing.method   SAD 
# 
loop_
_pdbx_unobs_or_zero_occ_residues.id 
_pdbx_unobs_or_zero_occ_residues.PDB_model_num 
_pdbx_unobs_or_zero_occ_residues.polymer_flag 
_pdbx_unobs_or_zero_occ_residues.occupancy_flag 
_pdbx_unobs_or_zero_occ_residues.auth_asym_id 
_pdbx_unobs_or_zero_occ_residues.auth_comp_id 
_pdbx_unobs_or_zero_occ_residues.auth_seq_id 
_pdbx_unobs_or_zero_occ_residues.PDB_ins_code 
_pdbx_unobs_or_zero_occ_residues.label_asym_id 
_pdbx_unobs_or_zero_occ_residues.label_comp_id 
_pdbx_unobs_or_zero_occ_residues.label_seq_id 
1  1 Y 1 A MSE 1   ? A MSE 1   
2  1 Y 1 A ASN 2   ? A ASN 2   
3  1 Y 1 A GLN 3   ? A GLN 3   
4  1 Y 1 A PRO 4   ? A PRO 4   
5  1 Y 1 A SER 5   ? A SER 5   
6  1 Y 1 A SER 6   ? A SER 6   
7  1 Y 1 A LEU 7   ? A LEU 7   
8  1 Y 1 A ALA 8   ? A ALA 8   
9  1 Y 1 A ALA 9   ? A ALA 9   
10 1 Y 1 A ASP 10  ? A ASP 10  
11 1 Y 1 A LEU 11  ? A LEU 11  
12 1 Y 1 A ARG 12  ? A ARG 12  
13 1 Y 1 A GLY 13  ? A GLY 13  
14 1 Y 1 A ALA 14  ? A ALA 14  
15 1 Y 1 A TRP 15  ? A TRP 15  
16 1 Y 1 A HIS 16  ? A HIS 16  
17 1 Y 1 A ALA 17  ? A ALA 17  
18 1 Y 1 A GLN 18  ? A GLN 18  
19 1 Y 1 A ALA 19  ? A ALA 19  
20 1 Y 1 A GLN 20  ? A GLN 20  
21 1 Y 1 A SER 21  ? A SER 21  
22 1 Y 1 A HIS 22  ? A HIS 22  
23 1 Y 1 A PRO 23  ? A PRO 23  
24 1 Y 1 A LEU 24  ? A LEU 24  
25 1 Y 1 A ILE 25  ? A ILE 25  
26 1 Y 1 A THR 26  ? A THR 26  
27 1 Y 1 A LEU 27  ? A LEU 27  
28 1 Y 1 A GLY 28  ? A GLY 28  
29 1 Y 1 A LEU 29  ? A LEU 29  
30 1 Y 1 A ALA 30  ? A ALA 30  
31 1 Y 1 A ALA 31  ? A ALA 31  
32 1 Y 1 A SER 32  ? A SER 32  
33 1 Y 1 A ALA 33  ? A ALA 33  
34 1 Y 1 A ALA 34  ? A ALA 34  
35 1 Y 1 A GLY 35  ? A GLY 35  
36 1 Y 1 A VAL 36  ? A VAL 36  
37 1 Y 1 A VAL 37  ? A VAL 37  
38 1 Y 1 A LEU 38  ? A LEU 38  
39 1 Y 1 A LEU 39  ? A LEU 39  
40 1 Y 1 A LEU 40  ? A LEU 40  
41 1 Y 1 A VAL 41  ? A VAL 41  
42 1 Y 1 A ALA 42  ? A ALA 42  
43 1 Y 1 A GLY 43  ? A GLY 43  
44 1 Y 1 A ILE 44  ? A ILE 44  
45 1 Y 1 A VAL 45  ? A VAL 45  
46 1 Y 1 A ASN 46  ? A ASN 46  
47 1 Y 1 A ALA 47  ? A ALA 47  
48 1 Y 1 A LEU 48  ? A LEU 48  
49 1 Y 1 A THR 49  ? A THR 49  
50 1 Y 1 A GLY 50  ? A GLY 50  
51 1 Y 1 A GLU 51  ? A GLU 51  
52 1 Y 1 A ASN 52  ? A ASN 52  
53 1 Y 1 A ARG 53  ? A ARG 53  
54 1 Y 1 A VAL 54  ? A VAL 54  
55 1 Y 1 A HIS 55  ? A HIS 55  
56 1 Y 1 A PHE 146 ? A PHE 146 
57 1 Y 1 A THR 147 ? A THR 147 
58 1 Y 1 A PRO 148 ? A PRO 148 
59 1 Y 1 A HIS 149 ? A HIS 149 
60 1 Y 1 A GLU 150 ? A GLU 150 
61 1 Y 1 A HIS 151 ? A HIS 151 
62 1 Y 1 A GLU 152 ? A GLU 152 
63 1 Y 1 A ARG 153 ? A ARG 153 
64 1 Y 1 A THR 154 ? A THR 154 
65 1 Y 1 A GLY 155 ? A GLY 155 
66 1 Y 1 A HIS 156 ? A HIS 156 
67 1 Y 1 A GLN 157 ? A GLN 157 
68 1 Y 1 A GLY 158 ? A GLY 158 
69 1 Y 1 A PRO 159 ? A PRO 159 
70 1 Y 1 A GLU 160 ? A GLU 160 
71 1 Y 1 A ALA 161 ? A ALA 161 
72 1 Y 1 A ALA 162 ? A ALA 162 
73 1 Y 1 A ARG 163 ? A ARG 163 
74 1 Y 1 A ILE 278 ? A ILE 278 
75 1 Y 1 A PRO 279 ? A PRO 279 
76 1 Y 1 A GLU 280 ? A GLU 280 
77 1 Y 1 A THR 281 ? A THR 281 
78 1 Y 1 A HIS 282 ? A HIS 282 
79 1 Y 1 A ARG 283 ? A ARG 283 
80 1 Y 1 A ASN 284 ? A ASN 284 
81 1 Y 1 A GLY 285 ? A GLY 285 
82 1 Y 1 A HIS 286 ? A HIS 286 
83 1 Y 1 A GLU 287 ? A GLU 287 
84 1 Y 1 A THR 288 ? A THR 288 
85 1 Y 1 A GLY 309 ? A GLY 309 
# 
loop_
_chem_comp_atom.comp_id 
_chem_comp_atom.atom_id 
_chem_comp_atom.type_symbol 
_chem_comp_atom.pdbx_aromatic_flag 
_chem_comp_atom.pdbx_stereo_config 
_chem_comp_atom.pdbx_ordinal 
ALA N    N  N N 1   
ALA CA   C  N S 2   
ALA C    C  N N 3   
ALA O    O  N N 4   
ALA CB   C  N N 5   
ALA OXT  O  N N 6   
ALA H    H  N N 7   
ALA H2   H  N N 8   
ALA HA   H  N N 9   
ALA HB1  H  N N 10  
ALA HB2  H  N N 11  
ALA HB3  H  N N 12  
ALA HXT  H  N N 13  
ARG N    N  N N 14  
ARG CA   C  N S 15  
ARG C    C  N N 16  
ARG O    O  N N 17  
ARG CB   C  N N 18  
ARG CG   C  N N 19  
ARG CD   C  N N 20  
ARG NE   N  N N 21  
ARG CZ   C  N N 22  
ARG NH1  N  N N 23  
ARG NH2  N  N N 24  
ARG OXT  O  N N 25  
ARG H    H  N N 26  
ARG H2   H  N N 27  
ARG HA   H  N N 28  
ARG HB2  H  N N 29  
ARG HB3  H  N N 30  
ARG HG2  H  N N 31  
ARG HG3  H  N N 32  
ARG HD2  H  N N 33  
ARG HD3  H  N N 34  
ARG HE   H  N N 35  
ARG HH11 H  N N 36  
ARG HH12 H  N N 37  
ARG HH21 H  N N 38  
ARG HH22 H  N N 39  
ARG HXT  H  N N 40  
ASN N    N  N N 41  
ASN CA   C  N S 42  
ASN C    C  N N 43  
ASN O    O  N N 44  
ASN CB   C  N N 45  
ASN CG   C  N N 46  
ASN OD1  O  N N 47  
ASN ND2  N  N N 48  
ASN OXT  O  N N 49  
ASN H    H  N N 50  
ASN H2   H  N N 51  
ASN HA   H  N N 52  
ASN HB2  H  N N 53  
ASN HB3  H  N N 54  
ASN HD21 H  N N 55  
ASN HD22 H  N N 56  
ASN HXT  H  N N 57  
ASP N    N  N N 58  
ASP CA   C  N S 59  
ASP C    C  N N 60  
ASP O    O  N N 61  
ASP CB   C  N N 62  
ASP CG   C  N N 63  
ASP OD1  O  N N 64  
ASP OD2  O  N N 65  
ASP OXT  O  N N 66  
ASP H    H  N N 67  
ASP H2   H  N N 68  
ASP HA   H  N N 69  
ASP HB2  H  N N 70  
ASP HB3  H  N N 71  
ASP HD2  H  N N 72  
ASP HXT  H  N N 73  
CD  CD   CD N N 74  
GLN N    N  N N 75  
GLN CA   C  N S 76  
GLN C    C  N N 77  
GLN O    O  N N 78  
GLN CB   C  N N 79  
GLN CG   C  N N 80  
GLN CD   C  N N 81  
GLN OE1  O  N N 82  
GLN NE2  N  N N 83  
GLN OXT  O  N N 84  
GLN H    H  N N 85  
GLN H2   H  N N 86  
GLN HA   H  N N 87  
GLN HB2  H  N N 88  
GLN HB3  H  N N 89  
GLN HG2  H  N N 90  
GLN HG3  H  N N 91  
GLN HE21 H  N N 92  
GLN HE22 H  N N 93  
GLN HXT  H  N N 94  
GLU N    N  N N 95  
GLU CA   C  N S 96  
GLU C    C  N N 97  
GLU O    O  N N 98  
GLU CB   C  N N 99  
GLU CG   C  N N 100 
GLU CD   C  N N 101 
GLU OE1  O  N N 102 
GLU OE2  O  N N 103 
GLU OXT  O  N N 104 
GLU H    H  N N 105 
GLU H2   H  N N 106 
GLU HA   H  N N 107 
GLU HB2  H  N N 108 
GLU HB3  H  N N 109 
GLU HG2  H  N N 110 
GLU HG3  H  N N 111 
GLU HE2  H  N N 112 
GLU HXT  H  N N 113 
GLY N    N  N N 114 
GLY CA   C  N N 115 
GLY C    C  N N 116 
GLY O    O  N N 117 
GLY OXT  O  N N 118 
GLY H    H  N N 119 
GLY H2   H  N N 120 
GLY HA2  H  N N 121 
GLY HA3  H  N N 122 
GLY HXT  H  N N 123 
HIS N    N  N N 124 
HIS CA   C  N S 125 
HIS C    C  N N 126 
HIS O    O  N N 127 
HIS CB   C  N N 128 
HIS CG   C  Y N 129 
HIS ND1  N  Y N 130 
HIS CD2  C  Y N 131 
HIS CE1  C  Y N 132 
HIS NE2  N  Y N 133 
HIS OXT  O  N N 134 
HIS H    H  N N 135 
HIS H2   H  N N 136 
HIS HA   H  N N 137 
HIS HB2  H  N N 138 
HIS HB3  H  N N 139 
HIS HD1  H  N N 140 
HIS HD2  H  N N 141 
HIS HE1  H  N N 142 
HIS HE2  H  N N 143 
HIS HXT  H  N N 144 
HOH O    O  N N 145 
HOH H1   H  N N 146 
HOH H2   H  N N 147 
ILE N    N  N N 148 
ILE CA   C  N S 149 
ILE C    C  N N 150 
ILE O    O  N N 151 
ILE CB   C  N S 152 
ILE CG1  C  N N 153 
ILE CG2  C  N N 154 
ILE CD1  C  N N 155 
ILE OXT  O  N N 156 
ILE H    H  N N 157 
ILE H2   H  N N 158 
ILE HA   H  N N 159 
ILE HB   H  N N 160 
ILE HG12 H  N N 161 
ILE HG13 H  N N 162 
ILE HG21 H  N N 163 
ILE HG22 H  N N 164 
ILE HG23 H  N N 165 
ILE HD11 H  N N 166 
ILE HD12 H  N N 167 
ILE HD13 H  N N 168 
ILE HXT  H  N N 169 
LEU N    N  N N 170 
LEU CA   C  N S 171 
LEU C    C  N N 172 
LEU O    O  N N 173 
LEU CB   C  N N 174 
LEU CG   C  N N 175 
LEU CD1  C  N N 176 
LEU CD2  C  N N 177 
LEU OXT  O  N N 178 
LEU H    H  N N 179 
LEU H2   H  N N 180 
LEU HA   H  N N 181 
LEU HB2  H  N N 182 
LEU HB3  H  N N 183 
LEU HG   H  N N 184 
LEU HD11 H  N N 185 
LEU HD12 H  N N 186 
LEU HD13 H  N N 187 
LEU HD21 H  N N 188 
LEU HD22 H  N N 189 
LEU HD23 H  N N 190 
LEU HXT  H  N N 191 
MSE N    N  N N 192 
MSE CA   C  N S 193 
MSE C    C  N N 194 
MSE O    O  N N 195 
MSE OXT  O  N N 196 
MSE CB   C  N N 197 
MSE CG   C  N N 198 
MSE SE   SE N N 199 
MSE CE   C  N N 200 
MSE H    H  N N 201 
MSE H2   H  N N 202 
MSE HA   H  N N 203 
MSE HXT  H  N N 204 
MSE HB2  H  N N 205 
MSE HB3  H  N N 206 
MSE HG2  H  N N 207 
MSE HG3  H  N N 208 
MSE HE1  H  N N 209 
MSE HE2  H  N N 210 
MSE HE3  H  N N 211 
PHE N    N  N N 212 
PHE CA   C  N S 213 
PHE C    C  N N 214 
PHE O    O  N N 215 
PHE CB   C  N N 216 
PHE CG   C  Y N 217 
PHE CD1  C  Y N 218 
PHE CD2  C  Y N 219 
PHE CE1  C  Y N 220 
PHE CE2  C  Y N 221 
PHE CZ   C  Y N 222 
PHE OXT  O  N N 223 
PHE H    H  N N 224 
PHE H2   H  N N 225 
PHE HA   H  N N 226 
PHE HB2  H  N N 227 
PHE HB3  H  N N 228 
PHE HD1  H  N N 229 
PHE HD2  H  N N 230 
PHE HE1  H  N N 231 
PHE HE2  H  N N 232 
PHE HZ   H  N N 233 
PHE HXT  H  N N 234 
PRO N    N  N N 235 
PRO CA   C  N S 236 
PRO C    C  N N 237 
PRO O    O  N N 238 
PRO CB   C  N N 239 
PRO CG   C  N N 240 
PRO CD   C  N N 241 
PRO OXT  O  N N 242 
PRO H    H  N N 243 
PRO HA   H  N N 244 
PRO HB2  H  N N 245 
PRO HB3  H  N N 246 
PRO HG2  H  N N 247 
PRO HG3  H  N N 248 
PRO HD2  H  N N 249 
PRO HD3  H  N N 250 
PRO HXT  H  N N 251 
SER N    N  N N 252 
SER CA   C  N S 253 
SER C    C  N N 254 
SER O    O  N N 255 
SER CB   C  N N 256 
SER OG   O  N N 257 
SER OXT  O  N N 258 
SER H    H  N N 259 
SER H2   H  N N 260 
SER HA   H  N N 261 
SER HB2  H  N N 262 
SER HB3  H  N N 263 
SER HG   H  N N 264 
SER HXT  H  N N 265 
THR N    N  N N 266 
THR CA   C  N S 267 
THR C    C  N N 268 
THR O    O  N N 269 
THR CB   C  N R 270 
THR OG1  O  N N 271 
THR CG2  C  N N 272 
THR OXT  O  N N 273 
THR H    H  N N 274 
THR H2   H  N N 275 
THR HA   H  N N 276 
THR HB   H  N N 277 
THR HG1  H  N N 278 
THR HG21 H  N N 279 
THR HG22 H  N N 280 
THR HG23 H  N N 281 
THR HXT  H  N N 282 
TRP N    N  N N 283 
TRP CA   C  N S 284 
TRP C    C  N N 285 
TRP O    O  N N 286 
TRP CB   C  N N 287 
TRP CG   C  Y N 288 
TRP CD1  C  Y N 289 
TRP CD2  C  Y N 290 
TRP NE1  N  Y N 291 
TRP CE2  C  Y N 292 
TRP CE3  C  Y N 293 
TRP CZ2  C  Y N 294 
TRP CZ3  C  Y N 295 
TRP CH2  C  Y N 296 
TRP OXT  O  N N 297 
TRP H    H  N N 298 
TRP H2   H  N N 299 
TRP HA   H  N N 300 
TRP HB2  H  N N 301 
TRP HB3  H  N N 302 
TRP HD1  H  N N 303 
TRP HE1  H  N N 304 
TRP HE3  H  N N 305 
TRP HZ2  H  N N 306 
TRP HZ3  H  N N 307 
TRP HH2  H  N N 308 
TRP HXT  H  N N 309 
TYR N    N  N N 310 
TYR CA   C  N S 311 
TYR C    C  N N 312 
TYR O    O  N N 313 
TYR CB   C  N N 314 
TYR CG   C  Y N 315 
TYR CD1  C  Y N 316 
TYR CD2  C  Y N 317 
TYR CE1  C  Y N 318 
TYR CE2  C  Y N 319 
TYR CZ   C  Y N 320 
TYR OH   O  N N 321 
TYR OXT  O  N N 322 
TYR H    H  N N 323 
TYR H2   H  N N 324 
TYR HA   H  N N 325 
TYR HB2  H  N N 326 
TYR HB3  H  N N 327 
TYR HD1  H  N N 328 
TYR HD2  H  N N 329 
TYR HE1  H  N N 330 
TYR HE2  H  N N 331 
TYR HH   H  N N 332 
TYR HXT  H  N N 333 
VAL N    N  N N 334 
VAL CA   C  N S 335 
VAL C    C  N N 336 
VAL O    O  N N 337 
VAL CB   C  N N 338 
VAL CG1  C  N N 339 
VAL CG2  C  N N 340 
VAL OXT  O  N N 341 
VAL H    H  N N 342 
VAL H2   H  N N 343 
VAL HA   H  N N 344 
VAL HB   H  N N 345 
VAL HG11 H  N N 346 
VAL HG12 H  N N 347 
VAL HG13 H  N N 348 
VAL HG21 H  N N 349 
VAL HG22 H  N N 350 
VAL HG23 H  N N 351 
VAL HXT  H  N N 352 
# 
loop_
_chem_comp_bond.comp_id 
_chem_comp_bond.atom_id_1 
_chem_comp_bond.atom_id_2 
_chem_comp_bond.value_order 
_chem_comp_bond.pdbx_aromatic_flag 
_chem_comp_bond.pdbx_stereo_config 
_chem_comp_bond.pdbx_ordinal 
ALA N   CA   sing N N 1   
ALA N   H    sing N N 2   
ALA N   H2   sing N N 3   
ALA CA  C    sing N N 4   
ALA CA  CB   sing N N 5   
ALA CA  HA   sing N N 6   
ALA C   O    doub N N 7   
ALA C   OXT  sing N N 8   
ALA CB  HB1  sing N N 9   
ALA CB  HB2  sing N N 10  
ALA CB  HB3  sing N N 11  
ALA OXT HXT  sing N N 12  
ARG N   CA   sing N N 13  
ARG N   H    sing N N 14  
ARG N   H2   sing N N 15  
ARG CA  C    sing N N 16  
ARG CA  CB   sing N N 17  
ARG CA  HA   sing N N 18  
ARG C   O    doub N N 19  
ARG C   OXT  sing N N 20  
ARG CB  CG   sing N N 21  
ARG CB  HB2  sing N N 22  
ARG CB  HB3  sing N N 23  
ARG CG  CD   sing N N 24  
ARG CG  HG2  sing N N 25  
ARG CG  HG3  sing N N 26  
ARG CD  NE   sing N N 27  
ARG CD  HD2  sing N N 28  
ARG CD  HD3  sing N N 29  
ARG NE  CZ   sing N N 30  
ARG NE  HE   sing N N 31  
ARG CZ  NH1  sing N N 32  
ARG CZ  NH2  doub N N 33  
ARG NH1 HH11 sing N N 34  
ARG NH1 HH12 sing N N 35  
ARG NH2 HH21 sing N N 36  
ARG NH2 HH22 sing N N 37  
ARG OXT HXT  sing N N 38  
ASN N   CA   sing N N 39  
ASN N   H    sing N N 40  
ASN N   H2   sing N N 41  
ASN CA  C    sing N N 42  
ASN CA  CB   sing N N 43  
ASN CA  HA   sing N N 44  
ASN C   O    doub N N 45  
ASN C   OXT  sing N N 46  
ASN CB  CG   sing N N 47  
ASN CB  HB2  sing N N 48  
ASN CB  HB3  sing N N 49  
ASN CG  OD1  doub N N 50  
ASN CG  ND2  sing N N 51  
ASN ND2 HD21 sing N N 52  
ASN ND2 HD22 sing N N 53  
ASN OXT HXT  sing N N 54  
ASP N   CA   sing N N 55  
ASP N   H    sing N N 56  
ASP N   H2   sing N N 57  
ASP CA  C    sing N N 58  
ASP CA  CB   sing N N 59  
ASP CA  HA   sing N N 60  
ASP C   O    doub N N 61  
ASP C   OXT  sing N N 62  
ASP CB  CG   sing N N 63  
ASP CB  HB2  sing N N 64  
ASP CB  HB3  sing N N 65  
ASP CG  OD1  doub N N 66  
ASP CG  OD2  sing N N 67  
ASP OD2 HD2  sing N N 68  
ASP OXT HXT  sing N N 69  
GLN N   CA   sing N N 70  
GLN N   H    sing N N 71  
GLN N   H2   sing N N 72  
GLN CA  C    sing N N 73  
GLN CA  CB   sing N N 74  
GLN CA  HA   sing N N 75  
GLN C   O    doub N N 76  
GLN C   OXT  sing N N 77  
GLN CB  CG   sing N N 78  
GLN CB  HB2  sing N N 79  
GLN CB  HB3  sing N N 80  
GLN CG  CD   sing N N 81  
GLN CG  HG2  sing N N 82  
GLN CG  HG3  sing N N 83  
GLN CD  OE1  doub N N 84  
GLN CD  NE2  sing N N 85  
GLN NE2 HE21 sing N N 86  
GLN NE2 HE22 sing N N 87  
GLN OXT HXT  sing N N 88  
GLU N   CA   sing N N 89  
GLU N   H    sing N N 90  
GLU N   H2   sing N N 91  
GLU CA  C    sing N N 92  
GLU CA  CB   sing N N 93  
GLU CA  HA   sing N N 94  
GLU C   O    doub N N 95  
GLU C   OXT  sing N N 96  
GLU CB  CG   sing N N 97  
GLU CB  HB2  sing N N 98  
GLU CB  HB3  sing N N 99  
GLU CG  CD   sing N N 100 
GLU CG  HG2  sing N N 101 
GLU CG  HG3  sing N N 102 
GLU CD  OE1  doub N N 103 
GLU CD  OE2  sing N N 104 
GLU OE2 HE2  sing N N 105 
GLU OXT HXT  sing N N 106 
GLY N   CA   sing N N 107 
GLY N   H    sing N N 108 
GLY N   H2   sing N N 109 
GLY CA  C    sing N N 110 
GLY CA  HA2  sing N N 111 
GLY CA  HA3  sing N N 112 
GLY C   O    doub N N 113 
GLY C   OXT  sing N N 114 
GLY OXT HXT  sing N N 115 
HIS N   CA   sing N N 116 
HIS N   H    sing N N 117 
HIS N   H2   sing N N 118 
HIS CA  C    sing N N 119 
HIS CA  CB   sing N N 120 
HIS CA  HA   sing N N 121 
HIS C   O    doub N N 122 
HIS C   OXT  sing N N 123 
HIS CB  CG   sing N N 124 
HIS CB  HB2  sing N N 125 
HIS CB  HB3  sing N N 126 
HIS CG  ND1  sing Y N 127 
HIS CG  CD2  doub Y N 128 
HIS ND1 CE1  doub Y N 129 
HIS ND1 HD1  sing N N 130 
HIS CD2 NE2  sing Y N 131 
HIS CD2 HD2  sing N N 132 
HIS CE1 NE2  sing Y N 133 
HIS CE1 HE1  sing N N 134 
HIS NE2 HE2  sing N N 135 
HIS OXT HXT  sing N N 136 
HOH O   H1   sing N N 137 
HOH O   H2   sing N N 138 
ILE N   CA   sing N N 139 
ILE N   H    sing N N 140 
ILE N   H2   sing N N 141 
ILE CA  C    sing N N 142 
ILE CA  CB   sing N N 143 
ILE CA  HA   sing N N 144 
ILE C   O    doub N N 145 
ILE C   OXT  sing N N 146 
ILE CB  CG1  sing N N 147 
ILE CB  CG2  sing N N 148 
ILE CB  HB   sing N N 149 
ILE CG1 CD1  sing N N 150 
ILE CG1 HG12 sing N N 151 
ILE CG1 HG13 sing N N 152 
ILE CG2 HG21 sing N N 153 
ILE CG2 HG22 sing N N 154 
ILE CG2 HG23 sing N N 155 
ILE CD1 HD11 sing N N 156 
ILE CD1 HD12 sing N N 157 
ILE CD1 HD13 sing N N 158 
ILE OXT HXT  sing N N 159 
LEU N   CA   sing N N 160 
LEU N   H    sing N N 161 
LEU N   H2   sing N N 162 
LEU CA  C    sing N N 163 
LEU CA  CB   sing N N 164 
LEU CA  HA   sing N N 165 
LEU C   O    doub N N 166 
LEU C   OXT  sing N N 167 
LEU CB  CG   sing N N 168 
LEU CB  HB2  sing N N 169 
LEU CB  HB3  sing N N 170 
LEU CG  CD1  sing N N 171 
LEU CG  CD2  sing N N 172 
LEU CG  HG   sing N N 173 
LEU CD1 HD11 sing N N 174 
LEU CD1 HD12 sing N N 175 
LEU CD1 HD13 sing N N 176 
LEU CD2 HD21 sing N N 177 
LEU CD2 HD22 sing N N 178 
LEU CD2 HD23 sing N N 179 
LEU OXT HXT  sing N N 180 
MSE N   CA   sing N N 181 
MSE N   H    sing N N 182 
MSE N   H2   sing N N 183 
MSE CA  C    sing N N 184 
MSE CA  CB   sing N N 185 
MSE CA  HA   sing N N 186 
MSE C   O    doub N N 187 
MSE C   OXT  sing N N 188 
MSE OXT HXT  sing N N 189 
MSE CB  CG   sing N N 190 
MSE CB  HB2  sing N N 191 
MSE CB  HB3  sing N N 192 
MSE CG  SE   sing N N 193 
MSE CG  HG2  sing N N 194 
MSE CG  HG3  sing N N 195 
MSE SE  CE   sing N N 196 
MSE CE  HE1  sing N N 197 
MSE CE  HE2  sing N N 198 
MSE CE  HE3  sing N N 199 
PHE N   CA   sing N N 200 
PHE N   H    sing N N 201 
PHE N   H2   sing N N 202 
PHE CA  C    sing N N 203 
PHE CA  CB   sing N N 204 
PHE CA  HA   sing N N 205 
PHE C   O    doub N N 206 
PHE C   OXT  sing N N 207 
PHE CB  CG   sing N N 208 
PHE CB  HB2  sing N N 209 
PHE CB  HB3  sing N N 210 
PHE CG  CD1  doub Y N 211 
PHE CG  CD2  sing Y N 212 
PHE CD1 CE1  sing Y N 213 
PHE CD1 HD1  sing N N 214 
PHE CD2 CE2  doub Y N 215 
PHE CD2 HD2  sing N N 216 
PHE CE1 CZ   doub Y N 217 
PHE CE1 HE1  sing N N 218 
PHE CE2 CZ   sing Y N 219 
PHE CE2 HE2  sing N N 220 
PHE CZ  HZ   sing N N 221 
PHE OXT HXT  sing N N 222 
PRO N   CA   sing N N 223 
PRO N   CD   sing N N 224 
PRO N   H    sing N N 225 
PRO CA  C    sing N N 226 
PRO CA  CB   sing N N 227 
PRO CA  HA   sing N N 228 
PRO C   O    doub N N 229 
PRO C   OXT  sing N N 230 
PRO CB  CG   sing N N 231 
PRO CB  HB2  sing N N 232 
PRO CB  HB3  sing N N 233 
PRO CG  CD   sing N N 234 
PRO CG  HG2  sing N N 235 
PRO CG  HG3  sing N N 236 
PRO CD  HD2  sing N N 237 
PRO CD  HD3  sing N N 238 
PRO OXT HXT  sing N N 239 
SER N   CA   sing N N 240 
SER N   H    sing N N 241 
SER N   H2   sing N N 242 
SER CA  C    sing N N 243 
SER CA  CB   sing N N 244 
SER CA  HA   sing N N 245 
SER C   O    doub N N 246 
SER C   OXT  sing N N 247 
SER CB  OG   sing N N 248 
SER CB  HB2  sing N N 249 
SER CB  HB3  sing N N 250 
SER OG  HG   sing N N 251 
SER OXT HXT  sing N N 252 
THR N   CA   sing N N 253 
THR N   H    sing N N 254 
THR N   H2   sing N N 255 
THR CA  C    sing N N 256 
THR CA  CB   sing N N 257 
THR CA  HA   sing N N 258 
THR C   O    doub N N 259 
THR C   OXT  sing N N 260 
THR CB  OG1  sing N N 261 
THR CB  CG2  sing N N 262 
THR CB  HB   sing N N 263 
THR OG1 HG1  sing N N 264 
THR CG2 HG21 sing N N 265 
THR CG2 HG22 sing N N 266 
THR CG2 HG23 sing N N 267 
THR OXT HXT  sing N N 268 
TRP N   CA   sing N N 269 
TRP N   H    sing N N 270 
TRP N   H2   sing N N 271 
TRP CA  C    sing N N 272 
TRP CA  CB   sing N N 273 
TRP CA  HA   sing N N 274 
TRP C   O    doub N N 275 
TRP C   OXT  sing N N 276 
TRP CB  CG   sing N N 277 
TRP CB  HB2  sing N N 278 
TRP CB  HB3  sing N N 279 
TRP CG  CD1  doub Y N 280 
TRP CG  CD2  sing Y N 281 
TRP CD1 NE1  sing Y N 282 
TRP CD1 HD1  sing N N 283 
TRP CD2 CE2  doub Y N 284 
TRP CD2 CE3  sing Y N 285 
TRP NE1 CE2  sing Y N 286 
TRP NE1 HE1  sing N N 287 
TRP CE2 CZ2  sing Y N 288 
TRP CE3 CZ3  doub Y N 289 
TRP CE3 HE3  sing N N 290 
TRP CZ2 CH2  doub Y N 291 
TRP CZ2 HZ2  sing N N 292 
TRP CZ3 CH2  sing Y N 293 
TRP CZ3 HZ3  sing N N 294 
TRP CH2 HH2  sing N N 295 
TRP OXT HXT  sing N N 296 
TYR N   CA   sing N N 297 
TYR N   H    sing N N 298 
TYR N   H2   sing N N 299 
TYR CA  C    sing N N 300 
TYR CA  CB   sing N N 301 
TYR CA  HA   sing N N 302 
TYR C   O    doub N N 303 
TYR C   OXT  sing N N 304 
TYR CB  CG   sing N N 305 
TYR CB  HB2  sing N N 306 
TYR CB  HB3  sing N N 307 
TYR CG  CD1  doub Y N 308 
TYR CG  CD2  sing Y N 309 
TYR CD1 CE1  sing Y N 310 
TYR CD1 HD1  sing N N 311 
TYR CD2 CE2  doub Y N 312 
TYR CD2 HD2  sing N N 313 
TYR CE1 CZ   doub Y N 314 
TYR CE1 HE1  sing N N 315 
TYR CE2 CZ   sing Y N 316 
TYR CE2 HE2  sing N N 317 
TYR CZ  OH   sing N N 318 
TYR OH  HH   sing N N 319 
TYR OXT HXT  sing N N 320 
VAL N   CA   sing N N 321 
VAL N   H    sing N N 322 
VAL N   H2   sing N N 323 
VAL CA  C    sing N N 324 
VAL CA  CB   sing N N 325 
VAL CA  HA   sing N N 326 
VAL C   O    doub N N 327 
VAL C   OXT  sing N N 328 
VAL CB  CG1  sing N N 329 
VAL CB  CG2  sing N N 330 
VAL CB  HB   sing N N 331 
VAL CG1 HG11 sing N N 332 
VAL CG1 HG12 sing N N 333 
VAL CG1 HG13 sing N N 334 
VAL CG2 HG21 sing N N 335 
VAL CG2 HG22 sing N N 336 
VAL CG2 HG23 sing N N 337 
VAL OXT HXT  sing N N 338 
# 
_pdbx_audit_support.funding_organization   
'National Institutes of Health/National Institute of General Medical Sciences (NIH/NIGMS)' 
_pdbx_audit_support.country                'United States' 
_pdbx_audit_support.grant_number           R01GM115373 
_pdbx_audit_support.ordinal                1 
# 
_atom_sites.entry_id                    5TSB 
_atom_sites.fract_transf_matrix[1][1]   -0.00356639 
_atom_sites.fract_transf_matrix[1][2]   -0.00410241 
_atom_sites.fract_transf_matrix[1][3]   -0.00955262 
_atom_sites.fract_transf_matrix[2][1]   -0.00469235 
_atom_sites.fract_transf_matrix[2][2]   -0.01356889 
_atom_sites.fract_transf_matrix[2][3]   0.00757907 
_atom_sites.fract_transf_matrix[3][1]   -0.01842044 
_atom_sites.fract_transf_matrix[3][2]   0.00503022 
_atom_sites.fract_transf_matrix[3][3]   -0.00239880 
_atom_sites.fract_transf_vector[1]      0.335562 
_atom_sites.fract_transf_vector[2]      0.071624 
_atom_sites.fract_transf_vector[3]      0.015258 
# 
loop_
_atom_type.symbol 
C  
CD 
N  
O  
SE 
# 
loop_
_atom_site.group_PDB 
_atom_site.id 
_atom_site.type_symbol 
_atom_site.label_atom_id 
_atom_site.label_alt_id 
_atom_site.label_comp_id 
_atom_site.label_asym_id 
_atom_site.label_entity_id 
_atom_site.label_seq_id 
_atom_site.pdbx_PDB_ins_code 
_atom_site.Cartn_x 
_atom_site.Cartn_y 
_atom_site.Cartn_z 
_atom_site.occupancy 
_atom_site.B_iso_or_equiv 
_atom_site.pdbx_formal_charge 
_atom_site.auth_seq_id 
_atom_site.auth_comp_id 
_atom_site.auth_asym_id 
_atom_site.auth_atom_id 
_atom_site.pdbx_PDB_model_num 
ATOM   1    N  N   . VAL A 1 56  ? 16.550  7.694   0.553   1.00 49.08  ? 56  VAL A N   1 
ATOM   2    C  CA  . VAL A 1 56  ? 15.472  8.661   0.411   1.00 55.68  ? 56  VAL A CA  1 
ATOM   3    C  C   . VAL A 1 56  ? 15.116  8.845   -1.050  1.00 58.74  ? 56  VAL A C   1 
ATOM   4    O  O   . VAL A 1 56  ? 13.948  8.758   -1.426  1.00 59.05  ? 56  VAL A O   1 
ATOM   5    C  CB  . VAL A 1 56  ? 15.835  10.009  1.029   1.00 50.66  ? 56  VAL A CB  1 
ATOM   6    C  CG1 . VAL A 1 56  ? 14.633  10.931  0.983   1.00 52.93  ? 56  VAL A CG1 1 
ATOM   7    C  CG2 . VAL A 1 56  ? 16.318  9.819   2.446   1.00 53.69  ? 56  VAL A CG2 1 
ATOM   8    N  N   . GLY A 1 57  ? 16.133  9.112   -1.870  1.00 60.98  ? 57  GLY A N   1 
ATOM   9    C  CA  . GLY A 1 57  ? 15.893  9.285   -3.293  1.00 59.95  ? 57  GLY A CA  1 
ATOM   10   C  C   . GLY A 1 57  ? 15.309  8.044   -3.941  1.00 56.47  ? 57  GLY A C   1 
ATOM   11   O  O   . GLY A 1 57  ? 14.382  8.133   -4.754  1.00 65.60  ? 57  GLY A O   1 
ATOM   12   N  N   . TYR A 1 58  ? 15.845  6.870   -3.598  1.00 47.03  ? 58  TYR A N   1 
ATOM   13   C  CA  . TYR A 1 58  ? 15.244  5.639   -4.087  1.00 52.21  ? 58  TYR A CA  1 
ATOM   14   C  C   . TYR A 1 58  ? 13.819  5.499   -3.581  1.00 56.62  ? 58  TYR A C   1 
ATOM   15   O  O   . TYR A 1 58  ? 12.972  4.910   -4.261  1.00 55.85  ? 58  TYR A O   1 
ATOM   16   C  CB  . TYR A 1 58  ? 16.086  4.432   -3.674  1.00 44.85  ? 58  TYR A CB  1 
ATOM   17   N  N   . ALA A 1 59  ? 13.524  6.080   -2.419  1.00 52.94  ? 59  ALA A N   1 
ATOM   18   C  CA  . ALA A 1 59  ? 12.185  5.992   -1.857  1.00 55.26  ? 59  ALA A CA  1 
ATOM   19   C  C   . ALA A 1 59  ? 11.243  7.031   -2.463  1.00 55.82  ? 59  ALA A C   1 
ATOM   20   O  O   . ALA A 1 59  ? 10.064  6.737   -2.695  1.00 57.73  ? 59  ALA A O   1 
ATOM   21   C  CB  . ALA A 1 59  ? 12.252  6.149   -0.339  1.00 51.77  ? 59  ALA A CB  1 
ATOM   22   N  N   . VAL A 1 60  ? 11.739  8.249   -2.706  1.00 54.83  ? 60  VAL A N   1 
ATOM   23   C  CA  . VAL A 1 60  ? 10.920  9.276   -3.350  1.00 50.90  ? 60  VAL A CA  1 
ATOM   24   C  C   . VAL A 1 60  ? 10.563  8.847   -4.763  1.00 53.66  ? 60  VAL A C   1 
ATOM   25   O  O   . VAL A 1 60  ? 9.411   8.973   -5.195  1.00 52.25  ? 60  VAL A O   1 
ATOM   26   C  CB  . VAL A 1 60  ? 11.647  10.636  -3.339  1.00 52.96  ? 60  VAL A CB  1 
ATOM   27   C  CG1 . VAL A 1 60  ? 11.149  11.523  -4.455  1.00 51.92  ? 60  VAL A CG1 1 
ATOM   28   C  CG2 . VAL A 1 60  ? 11.442  11.343  -2.018  1.00 54.48  ? 60  VAL A CG2 1 
ATOM   29   N  N   . LEU A 1 61  ? 11.542  8.325   -5.504  1.00 52.86  ? 61  LEU A N   1 
ATOM   30   C  CA  . LEU A 1 61  ? 11.239  7.749   -6.807  1.00 59.84  ? 61  LEU A CA  1 
ATOM   31   C  C   . LEU A 1 61  ? 10.275  6.567   -6.687  1.00 53.68  ? 61  LEU A C   1 
ATOM   32   O  O   . LEU A 1 61  ? 9.453   6.335   -7.585  1.00 54.04  ? 61  LEU A O   1 
ATOM   33   C  CB  . LEU A 1 61  ? 12.546  7.355   -7.503  1.00 60.46  ? 61  LEU A CB  1 
ATOM   34   C  CG  . LEU A 1 61  ? 13.134  8.497   -8.329  1.00 67.80  ? 61  LEU A CG  1 
ATOM   35   C  CD1 . LEU A 1 61  ? 14.599  8.460   -8.400  1.00 68.75  ? 61  LEU A CD1 1 
ATOM   36   C  CD2 . LEU A 1 61  ? 12.585  8.499   -9.704  1.00 46.76  ? 61  LEU A CD2 1 
ATOM   37   N  N   . GLY A 1 62  ? 10.326  5.832   -5.577  1.00 47.51  ? 62  GLY A N   1 
ATOM   38   C  CA  . GLY A 1 62  ? 9.388   4.737   -5.395  1.00 49.06  ? 62  GLY A CA  1 
ATOM   39   C  C   . GLY A 1 62  ? 7.967   5.230   -5.203  1.00 47.61  ? 62  GLY A C   1 
ATOM   40   O  O   . GLY A 1 62  ? 7.029   4.718   -5.824  1.00 45.86  ? 62  GLY A O   1 
ATOM   41   N  N   . GLY A 1 63  ? 7.787   6.228   -4.336  1.00 42.17  ? 63  GLY A N   1 
ATOM   42   C  CA  . GLY A 1 63  ? 6.484   6.853   -4.219  1.00 41.50  ? 63  GLY A CA  1 
ATOM   43   C  C   . GLY A 1 63  ? 6.052   7.509   -5.517  1.00 44.65  ? 63  GLY A C   1 
ATOM   44   O  O   . GLY A 1 63  ? 4.883   7.422   -5.905  1.00 46.84  ? 63  GLY A O   1 
ATOM   45   N  N   . ALA A 1 64  ? 6.996   8.167   -6.208  1.00 43.17  ? 64  ALA A N   1 
ATOM   46   C  CA  . ALA A 1 64  ? 6.707   8.780   -7.504  1.00 46.28  ? 64  ALA A CA  1 
ATOM   47   C  C   . ALA A 1 64  ? 6.111   7.767   -8.470  1.00 43.94  ? 64  ALA A C   1 
ATOM   48   O  O   . ALA A 1 64  ? 5.099   8.040   -9.124  1.00 40.91  ? 64  ALA A O   1 
ATOM   49   C  CB  . ALA A 1 64  ? 7.973   9.400   -8.104  1.00 41.15  ? 64  ALA A CB  1 
ATOM   50   N  N   . ALA A 1 65  ? 6.728   6.587   -8.577  1.00 39.42  ? 65  ALA A N   1 
ATOM   51   C  CA  . ALA A 1 65  ? 6.154   5.550   -9.432  1.00 44.33  ? 65  ALA A CA  1 
ATOM   52   C  C   . ALA A 1 65  ? 4.750   5.182   -8.965  1.00 45.49  ? 65  ALA A C   1 
ATOM   53   O  O   . ALA A 1 65  ? 3.856   4.949   -9.788  1.00 41.16  ? 65  ALA A O   1 
ATOM   54   C  CB  . ALA A 1 65  ? 7.063   4.319   -9.465  1.00 37.16  ? 65  ALA A CB  1 
ATOM   55   N  N   . GLY A 1 66  ? 4.534   5.168   -7.644  1.00 45.71  ? 66  GLY A N   1 
ATOM   56   C  CA  . GLY A 1 66  ? 3.200   4.944   -7.106  1.00 45.86  ? 66  GLY A CA  1 
ATOM   57   C  C   . GLY A 1 66  ? 2.206   6.045   -7.449  1.00 46.48  ? 66  GLY A C   1 
ATOM   58   O  O   . GLY A 1 66  ? 1.039   5.759   -7.748  1.00 46.33  ? 66  GLY A O   1 
ATOM   59   N  N   . PHE A 1 67  ? 2.635   7.314   -7.391  1.00 39.33  ? 67  PHE A N   1 
ATOM   60   C  CA  . PHE A 1 67  ? 1.759   8.402   -7.838  1.00 37.75  ? 67  PHE A CA  1 
ATOM   61   C  C   . PHE A 1 67  ? 1.433   8.266   -9.314  1.00 40.06  ? 67  PHE A C   1 
ATOM   62   O  O   . PHE A 1 67  ? 0.270   8.368   -9.717  1.00 39.85  ? 67  PHE A O   1 
ATOM   63   C  CB  . PHE A 1 67  ? 2.394   9.772   -7.597  1.00 40.04  ? 67  PHE A CB  1 
ATOM   64   C  CG  . PHE A 1 67  ? 1.678   10.910  -8.308  1.00 37.55  ? 67  PHE A CG  1 
ATOM   65   C  CD1 . PHE A 1 67  ? 0.639   11.599  -7.685  1.00 37.23  ? 67  PHE A CD1 1 
ATOM   66   C  CD2 . PHE A 1 67  ? 2.050   11.302  -9.595  1.00 37.16  ? 67  PHE A CD2 1 
ATOM   67   C  CE1 . PHE A 1 67  ? -0.028  12.637  -8.335  1.00 35.68  ? 67  PHE A CE1 1 
ATOM   68   C  CE2 . PHE A 1 67  ? 1.394   12.351  -10.243 1.00 34.59  ? 67  PHE A CE2 1 
ATOM   69   C  CZ  . PHE A 1 67  ? 0.349   13.011  -9.609  1.00 31.99  ? 67  PHE A CZ  1 
ATOM   70   N  N   . ALA A 1 68  ? 2.468   8.083   -10.142 1.00 42.03  ? 68  ALA A N   1 
ATOM   71   C  CA  . ALA A 1 68  ? 2.271   7.969   -11.579 1.00 41.56  ? 68  ALA A CA  1 
ATOM   72   C  C   . ALA A 1 68  ? 1.301   6.846   -11.910 1.00 43.61  ? 68  ALA A C   1 
ATOM   73   O  O   . ALA A 1 68  ? 0.417   7.011   -12.760 1.00 37.80  ? 68  ALA A O   1 
ATOM   74   C  CB  . ALA A 1 68  ? 3.615   7.750   -12.276 1.00 36.51  ? 68  ALA A CB  1 
ATOM   75   N  N   . ALA A 1 69  ? 1.428   5.708   -11.223 1.00 37.58  ? 69  ALA A N   1 
ATOM   76   C  CA  . ALA A 1 69  ? 0.577   4.561   -11.533 1.00 38.65  ? 69  ALA A CA  1 
ATOM   77   C  C   . ALA A 1 69  ? -0.871  4.809   -11.128 1.00 39.71  ? 69  ALA A C   1 
ATOM   78   O  O   . ALA A 1 69  ? -1.791  4.443   -11.861 1.00 40.19  ? 69  ALA A O   1 
ATOM   79   C  CB  . ALA A 1 69  ? 1.117   3.314   -10.842 1.00 39.20  ? 69  ALA A CB  1 
ATOM   80   N  N   . THR A 1 70  ? -1.097  5.402   -9.954  1.00 37.28  ? 70  THR A N   1 
ATOM   81   C  CA  . THR A 1 70  ? -2.440  5.848   -9.613  1.00 35.63  ? 70  THR A CA  1 
ATOM   82   C  C   . THR A 1 70  ? -3.005  6.751   -10.702 1.00 35.84  ? 70  THR A C   1 
ATOM   83   O  O   . THR A 1 70  ? -4.181  6.644   -11.057 1.00 38.37  ? 70  THR A O   1 
ATOM   84   C  CB  . THR A 1 70  ? -2.431  6.575   -8.268  1.00 36.91  ? 70  THR A CB  1 
ATOM   85   O  OG1 . THR A 1 70  ? -1.885  5.725   -7.246  1.00 34.91  ? 70  THR A OG1 1 
ATOM   86   C  CG2 . THR A 1 70  ? -3.858  7.014   -7.875  1.00 36.55  ? 70  THR A CG2 1 
ATOM   87   N  N   . ALA A 1 71  ? -2.169  7.631   -11.263 1.00 38.17  ? 71  ALA A N   1 
ATOM   88   C  CA  . ALA A 1 71  ? -2.625  8.554   -12.304 1.00 42.29  ? 71  ALA A CA  1 
ATOM   89   C  C   . ALA A 1 71  ? -3.079  7.817   -13.560 1.00 41.63  ? 71  ALA A C   1 
ATOM   90   O  O   . ALA A 1 71  ? -4.124  8.138   -14.131 1.00 37.92  ? 71  ALA A O   1 
ATOM   91   C  CB  . ALA A 1 71  ? -1.508  9.537   -12.649 1.00 36.49  ? 71  ALA A CB  1 
ATOM   92   N  N   . LEU A 1 72  ? -2.297  6.834   -14.005 1.00 41.82  ? 72  LEU A N   1 
ATOM   93   C  CA  . LEU A 1 72  ? -2.645  6.053   -15.188 1.00 41.76  ? 72  LEU A CA  1 
ATOM   94   C  C   . LEU A 1 72  ? -4.002  5.367   -15.036 1.00 49.42  ? 72  LEU A C   1 
ATOM   95   O  O   . LEU A 1 72  ? -4.804  5.357   -15.977 1.00 49.32  ? 72  LEU A O   1 
ATOM   96   C  CB  . LEU A 1 72  ? -1.549  5.015   -15.456 1.00 44.13  ? 72  LEU A CB  1 
ATOM   97   C  CG  . LEU A 1 72  ? -1.793  3.947   -16.528 1.00 51.16  ? 72  LEU A CG  1 
ATOM   98   C  CD1 . LEU A 1 72  ? -1.985  4.605   -17.889 1.00 50.20  ? 72  LEU A CD1 1 
ATOM   99   C  CD2 . LEU A 1 72  ? -0.631  2.963   -16.565 1.00 47.95  ? 72  LEU A CD2 1 
ATOM   100  N  N   . GLY A 1 73  ? -4.267  4.766   -13.869 1.00 46.35  ? 73  GLY A N   1 
ATOM   101  C  CA  . GLY A 1 73  ? -5.577  4.170   -13.632 1.00 41.92  ? 73  GLY A CA  1 
ATOM   102  C  C   . GLY A 1 73  ? -6.681  5.207   -13.504 1.00 43.55  ? 73  GLY A C   1 
ATOM   103  O  O   . GLY A 1 73  ? -7.797  5.005   -13.990 1.00 41.54  ? 73  GLY A O   1 
ATOM   104  N  N   . ALA A 1 74  ? -6.388  6.332   -12.858 1.00 39.85  ? 74  ALA A N   1 
ATOM   105  C  CA  . ALA A 1 74  ? -7.367  7.411   -12.784 1.00 35.77  ? 74  ALA A CA  1 
ATOM   106  C  C   . ALA A 1 74  ? -7.688  7.993   -14.162 1.00 39.87  ? 74  ALA A C   1 
ATOM   107  O  O   . ALA A 1 74  ? -8.848  8.293   -14.453 1.00 47.02  ? 74  ALA A O   1 
ATOM   108  C  CB  . ALA A 1 74  ? -6.866  8.501   -11.839 1.00 38.09  ? 74  ALA A CB  1 
ATOM   109  N  N   . LEU A 1 75  ? -6.681  8.171   -15.028 1.00 39.63  ? 75  LEU A N   1 
ATOM   110  C  CA  . LEU A 1 75  ? -6.947  8.727   -16.359 1.00 44.22  ? 75  LEU A CA  1 
ATOM   111  C  C   . LEU A 1 75  ? -7.708  7.755   -17.255 1.00 43.53  ? 75  LEU A C   1 
ATOM   112  O  O   . LEU A 1 75  ? -8.388  8.181   -18.191 1.00 38.49  ? 75  LEU A O   1 
ATOM   113  C  CB  . LEU A 1 75  ? -5.642  9.132   -17.045 1.00 40.13  ? 75  LEU A CB  1 
ATOM   114  C  CG  . LEU A 1 75  ? -4.857  10.260  -16.372 1.00 44.53  ? 75  LEU A CG  1 
ATOM   115  C  CD1 . LEU A 1 75  ? -3.463  10.345  -16.978 1.00 43.24  ? 75  LEU A CD1 1 
ATOM   116  C  CD2 . LEU A 1 75  ? -5.585  11.576  -16.491 1.00 40.53  ? 75  LEU A CD2 1 
HETATM 117  N  N   . MSE A 1 76  ? -7.589  6.460   -17.007 1.00 42.97  ? 76  MSE A N   1 
HETATM 118  C  CA  . MSE A 1 76  ? -8.347  5.458   -17.738 1.00 42.18  ? 76  MSE A CA  1 
HETATM 119  C  C   . MSE A 1 76  ? -9.837  5.544   -17.464 1.00 49.06  ? 76  MSE A C   1 
HETATM 120  O  O   . MSE A 1 76  ? -10.631 5.128   -18.301 1.00 51.12  ? 76  MSE A O   1 
HETATM 121  C  CB  . MSE A 1 76  ? -7.862  4.057   -17.386 1.00 44.50  ? 76  MSE A CB  1 
HETATM 122  C  CG  . MSE A 1 76  ? -6.553  3.671   -18.051 1.00 61.09  ? 76  MSE A CG  1 
HETATM 123  SE SE  . MSE A 1 76  ? -5.886  1.984   -17.337 1.00 88.62  ? 76  MSE A SE  1 
HETATM 124  C  CE  . MSE A 1 76  ? -7.484  0.877   -17.563 1.00 72.15  ? 76  MSE A CE  1 
ATOM   125  N  N   . ALA A 1 77  ? -10.220 6.067   -16.290 1.00 43.21  ? 77  ALA A N   1 
ATOM   126  C  CA  . ALA A 1 77  ? -11.639 6.229   -15.977 1.00 42.64  ? 77  ALA A CA  1 
ATOM   127  C  C   . ALA A 1 77  ? -12.294 7.300   -16.834 1.00 44.07  ? 77  ALA A C   1 
ATOM   128  O  O   . ALA A 1 77  ? -13.519 7.265   -17.014 1.00 41.25  ? 77  ALA A O   1 
ATOM   129  C  CB  . ALA A 1 77  ? -11.842 6.567   -14.499 1.00 39.37  ? 77  ALA A CB  1 
ATOM   130  N  N   . LEU A 1 78  ? -11.500 8.248   -17.352 1.00 47.40  ? 78  LEU A N   1 
ATOM   131  C  CA  . LEU A 1 78  ? -12.001 9.242   -18.298 1.00 45.91  ? 78  LEU A CA  1 
ATOM   132  C  C   . LEU A 1 78  ? -12.792 8.597   -19.422 1.00 52.73  ? 78  LEU A C   1 
ATOM   133  O  O   . LEU A 1 78  ? -13.800 9.149   -19.877 1.00 56.13  ? 78  LEU A O   1 
ATOM   134  C  CB  . LEU A 1 78  ? -10.842 10.032  -18.890 1.00 45.73  ? 78  LEU A CB  1 
ATOM   135  C  CG  . LEU A 1 78  ? -10.198 11.109  -18.040 1.00 47.01  ? 78  LEU A CG  1 
ATOM   136  C  CD1 . LEU A 1 78  ? -8.935  11.610  -18.728 1.00 46.33  ? 78  LEU A CD1 1 
ATOM   137  C  CD2 . LEU A 1 78  ? -11.199 12.228  -17.820 1.00 41.95  ? 78  LEU A CD2 1 
ATOM   138  N  N   . GLY A 1 79  ? -12.343 7.439   -19.892 1.00 47.19  ? 79  GLY A N   1 
ATOM   139  C  CA  . GLY A 1 79  ? -13.022 6.767   -20.977 1.00 44.12  ? 79  GLY A CA  1 
ATOM   140  C  C   . GLY A 1 79  ? -14.135 5.857   -20.519 1.00 49.30  ? 79  GLY A C   1 
ATOM   141  O  O   . GLY A 1 79  ? -15.214 5.863   -21.112 1.00 61.70  ? 79  GLY A O   1 
ATOM   142  N  N   . LEU A 1 80  ? -13.899 5.059   -19.479 1.00 48.35  ? 80  LEU A N   1 
ATOM   143  C  CA  . LEU A 1 80  ? -14.943 4.152   -19.014 1.00 46.26  ? 80  LEU A CA  1 
ATOM   144  C  C   . LEU A 1 80  ? -16.123 4.922   -18.431 1.00 41.61  ? 80  LEU A C   1 
ATOM   145  O  O   . LEU A 1 80  ? -17.269 4.711   -18.837 1.00 47.02  ? 80  LEU A O   1 
ATOM   146  C  CB  . LEU A 1 80  ? -14.374 3.186   -17.980 1.00 52.64  ? 80  LEU A CB  1 
ATOM   147  C  CG  . LEU A 1 80  ? -13.227 2.309   -18.452 1.00 50.63  ? 80  LEU A CG  1 
ATOM   148  C  CD1 . LEU A 1 80  ? -12.889 1.252   -17.387 1.00 51.23  ? 80  LEU A CD1 1 
ATOM   149  C  CD2 . LEU A 1 80  ? -13.612 1.674   -19.772 1.00 46.36  ? 80  LEU A CD2 1 
ATOM   150  N  N   . ARG A 1 81  ? -15.859 5.799   -17.457 1.00 43.49  ? 81  ARG A N   1 
ATOM   151  C  CA  . ARG A 1 81  ? -16.856 6.586   -16.725 1.00 43.98  ? 81  ARG A CA  1 
ATOM   152  C  C   . ARG A 1 81  ? -17.711 5.724   -15.797 1.00 40.81  ? 81  ARG A C   1 
ATOM   153  O  O   . ARG A 1 81  ? -18.124 6.189   -14.729 1.00 42.73  ? 81  ARG A O   1 
ATOM   154  C  CB  . ARG A 1 81  ? -17.747 7.394   -17.681 1.00 43.55  ? 81  ARG A CB  1 
ATOM   155  C  CG  . ARG A 1 81  ? -16.953 8.337   -18.591 1.00 52.96  ? 81  ARG A CG  1 
ATOM   156  C  CD  . ARG A 1 81  ? -17.806 9.420   -19.234 1.00 53.94  ? 81  ARG A CD  1 
ATOM   157  N  NE  . ARG A 1 81  ? -18.950 8.864   -19.951 1.00 59.89  ? 81  ARG A NE  1 
ATOM   158  C  CZ  . ARG A 1 81  ? -18.976 8.641   -21.260 1.00 58.24  ? 81  ARG A CZ  1 
ATOM   159  N  NH1 . ARG A 1 81  ? -17.907 8.934   -21.988 1.00 64.77  ? 81  ARG A NH1 1 
ATOM   160  N  NH2 . ARG A 1 81  ? -20.071 8.131   -21.831 1.00 53.50  ? 81  ARG A NH2 1 
ATOM   161  N  N   . ALA A 1 82  ? -17.957 4.467   -16.154 1.00 36.45  ? 82  ALA A N   1 
ATOM   162  C  CA  . ALA A 1 82  ? -18.759 3.609   -15.295 1.00 37.20  ? 82  ALA A CA  1 
ATOM   163  C  C   . ALA A 1 82  ? -18.563 2.160   -15.722 1.00 44.35  ? 82  ALA A C   1 
ATOM   164  O  O   . ALA A 1 82  ? -18.532 1.855   -16.920 1.00 51.58  ? 82  ALA A O   1 
ATOM   165  C  CB  . ALA A 1 82  ? -20.246 4.001   -15.338 1.00 28.60  ? 82  ALA A CB  1 
ATOM   166  N  N   . ILE A 1 83  ? -18.434 1.275   -14.732 1.00 47.53  ? 83  ILE A N   1 
ATOM   167  C  CA  . ILE A 1 83  ? -18.198 -0.149  -14.941 1.00 47.19  ? 83  ILE A CA  1 
ATOM   168  C  C   . ILE A 1 83  ? -19.183 -0.950  -14.095 1.00 45.82  ? 83  ILE A C   1 
ATOM   169  O  O   . ILE A 1 83  ? -19.737 -0.466  -13.104 1.00 40.75  ? 83  ILE A O   1 
ATOM   170  C  CB  . ILE A 1 83  ? -16.748 -0.562  -14.589 1.00 50.14  ? 83  ILE A CB  1 
ATOM   171  C  CG1 . ILE A 1 83  ? -16.465 -0.263  -13.108 1.00 50.89  ? 83  ILE A CG1 1 
ATOM   172  C  CG2 . ILE A 1 83  ? -15.762 0.138   -15.497 1.00 50.39  ? 83  ILE A CG2 1 
ATOM   173  C  CD1 . ILE A 1 83  ? -15.115 -0.729  -12.585 1.00 50.43  ? 83  ILE A CD1 1 
ATOM   174  N  N   . SER A 1 84  ? -19.377 -2.203  -14.490 1.00 50.39  ? 84  SER A N   1 
ATOM   175  C  CA  . SER A 1 84  ? -20.230 -3.101  -13.725 1.00 48.28  ? 84  SER A CA  1 
ATOM   176  C  C   . SER A 1 84  ? -19.679 -3.287  -12.318 1.00 53.47  ? 84  SER A C   1 
ATOM   177  O  O   . SER A 1 84  ? -18.476 -3.157  -12.072 1.00 54.97  ? 84  SER A O   1 
ATOM   178  C  CB  . SER A 1 84  ? -20.333 -4.443  -14.429 1.00 46.60  ? 84  SER A CB  1 
ATOM   179  O  OG  . SER A 1 84  ? -19.041 -4.927  -14.766 1.00 54.12  ? 84  SER A OG  1 
ATOM   180  N  N   . ALA A 1 85  ? -20.581 -3.568  -11.379 1.00 52.31  ? 85  ALA A N   1 
ATOM   181  C  CA  . ALA A 1 85  ? -20.163 -3.719  -9.992  1.00 54.44  ? 85  ALA A CA  1 
ATOM   182  C  C   . ALA A 1 85  ? -19.142 -4.840  -9.853  1.00 54.71  ? 85  ALA A C   1 
ATOM   183  O  O   . ALA A 1 85  ? -18.104 -4.669  -9.204  1.00 53.83  ? 85  ALA A O   1 
ATOM   184  C  CB  . ALA A 1 85  ? -21.379 -3.976  -9.104  1.00 66.27  ? 85  ALA A CB  1 
ATOM   185  N  N   . ARG A 1 86  ? -19.410 -5.979  -10.499 1.00 54.72  ? 86  ARG A N   1 
ATOM   186  C  CA  . ARG A 1 86  ? -18.528 -7.135  -10.415 1.00 56.12  ? 86  ARG A CA  1 
ATOM   187  C  C   . ARG A 1 86  ? -17.094 -6.797  -10.828 1.00 55.81  ? 86  ARG A C   1 
ATOM   188  O  O   . ARG A 1 86  ? -16.139 -7.211  -10.158 1.00 57.29  ? 86  ARG A O   1 
ATOM   189  C  CB  . ARG A 1 86  ? -19.096 -8.269  -11.276 1.00 41.59  ? 86  ARG A CB  1 
ATOM   190  N  N   . THR A 1 87  ? -16.920 -6.049  -11.929 1.00 54.74  ? 87  THR A N   1 
ATOM   191  C  CA  . THR A 1 87  ? -15.574 -5.682  -12.374 1.00 51.64  ? 87  THR A CA  1 
ATOM   192  C  C   . THR A 1 87  ? -14.845 -4.830  -11.343 1.00 53.90  ? 87  THR A C   1 
ATOM   193  O  O   . THR A 1 87  ? -13.647 -5.019  -11.104 1.00 52.12  ? 87  THR A O   1 
ATOM   194  C  CB  . THR A 1 87  ? -15.634 -4.935  -13.694 1.00 50.31  ? 87  THR A CB  1 
ATOM   195  O  OG1 . THR A 1 87  ? -16.320 -5.744  -14.656 1.00 63.41  ? 87  THR A OG1 1 
ATOM   196  C  CG2 . THR A 1 87  ? -14.219 -4.635  -14.183 1.00 51.99  ? 87  THR A CG2 1 
ATOM   197  N  N   . GLN A 1 88  ? -15.536 -3.877  -10.728 1.00 53.13  ? 88  GLN A N   1 
ATOM   198  C  CA  . GLN A 1 88  ? -14.912 -3.165  -9.624  1.00 48.59  ? 88  GLN A CA  1 
ATOM   199  C  C   . GLN A 1 88  ? -14.513 -4.146  -8.528  1.00 51.97  ? 88  GLN A C   1 
ATOM   200  O  O   . GLN A 1 88  ? -13.356 -4.168  -8.094  1.00 53.28  ? 88  GLN A O   1 
ATOM   201  C  CB  . GLN A 1 88  ? -15.851 -2.079  -9.098  1.00 47.54  ? 88  GLN A CB  1 
ATOM   202  N  N   . ASP A 1 89  ? -15.448 -5.004  -8.110  1.00 51.24  ? 89  ASP A N   1 
ATOM   203  C  CA  . ASP A 1 89  ? -15.153 -6.009  -7.090  1.00 56.02  ? 89  ASP A CA  1 
ATOM   204  C  C   . ASP A 1 89  ? -14.002 -6.930  -7.508  1.00 53.78  ? 89  ASP A C   1 
ATOM   205  O  O   . ASP A 1 89  ? -13.240 -7.402  -6.653  1.00 51.33  ? 89  ASP A O   1 
ATOM   206  C  CB  . ASP A 1 89  ? -16.420 -6.831  -6.771  1.00 58.80  ? 89  ASP A CB  1 
ATOM   207  C  CG  . ASP A 1 89  ? -17.492 -6.022  -6.012  1.00 75.09  ? 89  ASP A CG  1 
ATOM   208  O  OD1 . ASP A 1 89  ? -17.121 -5.076  -5.281  1.00 85.09  ? 89  ASP A OD1 1 
ATOM   209  O  OD2 . ASP A 1 89  ? -18.702 -6.358  -6.102  1.00 74.20  ? 89  ASP A OD2 1 
ATOM   210  N  N   . ALA A 1 90  ? -13.854 -7.210  -8.802  1.00 46.34  ? 90  ALA A N   1 
ATOM   211  C  CA  . ALA A 1 90  ? -12.700 -7.981  -9.240  1.00 44.85  ? 90  ALA A CA  1 
ATOM   212  C  C   . ALA A 1 90  ? -11.419 -7.203  -8.985  1.00 45.27  ? 90  ALA A C   1 
ATOM   213  O  O   . ALA A 1 90  ? -10.468 -7.721  -8.390  1.00 43.28  ? 90  ALA A O   1 
ATOM   214  C  CB  . ALA A 1 90  ? -12.824 -8.344  -10.725 1.00 44.10  ? 90  ALA A CB  1 
HETATM 215  N  N   . MSE A 1 91  ? -11.394 -5.944  -9.405  1.00 47.09  ? 91  MSE A N   1 
HETATM 216  C  CA  . MSE A 1 91  ? -10.232 -5.092  -9.257  1.00 43.63  ? 91  MSE A CA  1 
HETATM 217  C  C   . MSE A 1 91  ? -9.853  -4.854  -7.819  1.00 43.97  ? 91  MSE A C   1 
HETATM 218  O  O   . MSE A 1 91  ? -8.664  -4.684  -7.489  1.00 39.34  ? 91  MSE A O   1 
HETATM 219  C  CB  . MSE A 1 91  ? -10.486 -3.762  -9.926  1.00 42.76  ? 91  MSE A CB  1 
HETATM 220  C  CG  . MSE A 1 91  ? -10.425 -3.837  -11.417 1.00 41.94  ? 91  MSE A CG  1 
HETATM 221  SE SE  . MSE A 1 91  ? -10.926 -2.100  -12.105 0.54 52.05  ? 91  MSE A SE  1 
HETATM 222  C  CE  . MSE A 1 91  ? -10.492 -2.446  -13.994 1.00 60.70  ? 91  MSE A CE  1 
ATOM   223  N  N   . LEU A 1 92  ? -10.870 -4.822  -6.959  1.00 40.43  ? 92  LEU A N   1 
ATOM   224  C  CA  . LEU A 1 92  ? -10.600 -4.592  -5.549  1.00 39.99  ? 92  LEU A CA  1 
ATOM   225  C  C   . LEU A 1 92  ? -10.106 -5.850  -4.866  1.00 41.68  ? 92  LEU A C   1 
ATOM   226  O  O   . LEU A 1 92  ? -9.337  -5.766  -3.902  1.00 50.47  ? 92  LEU A O   1 
ATOM   227  C  CB  . LEU A 1 92  ? -11.850 -4.077  -4.833  1.00 45.53  ? 92  LEU A CB  1 
ATOM   228  C  CG  . LEU A 1 92  ? -12.241 -2.638  -5.144  1.00 39.43  ? 92  LEU A CG  1 
ATOM   229  C  CD1 . LEU A 1 92  ? -13.336 -2.221  -4.199  1.00 41.02  ? 92  LEU A CD1 1 
ATOM   230  C  CD2 . LEU A 1 92  ? -11.022 -1.742  -5.058  1.00 35.40  ? 92  LEU A CD2 1 
ATOM   231  N  N   . GLY A 1 93  ? -10.550 -7.015  -5.327  1.00 37.45  ? 93  GLY A N   1 
ATOM   232  C  CA  . GLY A 1 93  ? -9.968  -8.242  -4.831  1.00 40.59  ? 93  GLY A CA  1 
ATOM   233  C  C   . GLY A 1 93  ? -8.540  -8.382  -5.297  1.00 40.15  ? 93  GLY A C   1 
ATOM   234  O  O   . GLY A 1 93  ? -7.665  -8.816  -4.539  1.00 38.26  ? 93  GLY A O   1 
ATOM   235  N  N   . PHE A 1 94  ? -8.277  -7.992  -6.545  1.00 39.38  ? 94  PHE A N   1 
ATOM   236  C  CA  . PHE A 1 94  ? -6.913  -8.051  -7.055  1.00 39.57  ? 94  PHE A CA  1 
ATOM   237  C  C   . PHE A 1 94  ? -5.992  -7.135  -6.261  1.00 40.88  ? 94  PHE A C   1 
ATOM   238  O  O   . PHE A 1 94  ? -4.898  -7.550  -5.864  1.00 38.96  ? 94  PHE A O   1 
ATOM   239  C  CB  . PHE A 1 94  ? -6.879  -7.704  -8.546  1.00 33.05  ? 94  PHE A CB  1 
ATOM   240  C  CG  . PHE A 1 94  ? -5.508  -7.697  -9.115  1.00 31.51  ? 94  PHE A CG  1 
ATOM   241  C  CD1 . PHE A 1 94  ? -4.839  -8.881  -9.353  1.00 33.17  ? 94  PHE A CD1 1 
ATOM   242  C  CD2 . PHE A 1 94  ? -4.859  -6.494  -9.383  1.00 39.50  ? 94  PHE A CD2 1 
ATOM   243  C  CE1 . PHE A 1 94  ? -3.555  -8.874  -9.866  1.00 41.08  ? 94  PHE A CE1 1 
ATOM   244  C  CE2 . PHE A 1 94  ? -3.579  -6.477  -9.899  1.00 40.44  ? 94  PHE A CE2 1 
ATOM   245  C  CZ  . PHE A 1 94  ? -2.922  -7.668  -10.148 1.00 39.97  ? 94  PHE A CZ  1 
ATOM   246  N  N   . ALA A 1 95  ? -6.433  -5.899  -5.974  1.00 38.06  ? 95  ALA A N   1 
ATOM   247  C  CA  . ALA A 1 95  ? -5.562  -4.951  -5.284  1.00 38.64  ? 95  ALA A CA  1 
ATOM   248  C  C   . ALA A 1 95  ? -5.320  -5.366  -3.839  1.00 42.21  ? 95  ALA A C   1 
ATOM   249  O  O   . ALA A 1 95  ? -4.206  -5.208  -3.320  1.00 28.15  ? 95  ALA A O   1 
ATOM   250  C  CB  . ALA A 1 95  ? -6.145  -3.543  -5.346  1.00 32.99  ? 95  ALA A CB  1 
ATOM   251  N  N   . ALA A 1 96  ? -6.353  -5.880  -3.174  1.00 39.98  ? 96  ALA A N   1 
ATOM   252  C  CA  . ALA A 1 96  ? -6.180  -6.424  -1.832  1.00 33.56  ? 96  ALA A CA  1 
ATOM   253  C  C   . ALA A 1 96  ? -5.185  -7.574  -1.844  1.00 44.67  ? 96  ALA A C   1 
ATOM   254  O  O   . ALA A 1 96  ? -4.255  -7.615  -1.022  1.00 41.69  ? 96  ALA A O   1 
ATOM   255  C  CB  . ALA A 1 96  ? -7.523  -6.898  -1.289  1.00 27.41  ? 96  ALA A CB  1 
ATOM   256  N  N   . GLY A 1 97  ? -5.367  -8.511  -2.794  1.00 40.44  ? 97  GLY A N   1 
ATOM   257  C  CA  . GLY A 1 97  ? -4.495  -9.673  -2.884  1.00 37.55  ? 97  GLY A CA  1 
ATOM   258  C  C   . GLY A 1 97  ? -3.030  -9.297  -2.908  1.00 36.87  ? 97  GLY A C   1 
ATOM   259  O  O   . GLY A 1 97  ? -2.216  -9.870  -2.184  1.00 32.89  ? 97  GLY A O   1 
HETATM 260  N  N   . MSE A 1 98  ? -2.686  -8.304  -3.719  1.00 40.86  ? 98  MSE A N   1 
HETATM 261  C  CA  . MSE A 1 98  ? -1.349  -7.731  -3.760  1.00 39.59  ? 98  MSE A CA  1 
HETATM 262  C  C   . MSE A 1 98  ? -0.869  -7.285  -2.393  1.00 39.40  ? 98  MSE A C   1 
HETATM 263  O  O   . MSE A 1 98  ? 0.230   -7.652  -1.966  1.00 44.48  ? 98  MSE A O   1 
HETATM 264  C  CB  . MSE A 1 98  ? -1.321  -6.548  -4.725  1.00 38.13  ? 98  MSE A CB  1 
HETATM 265  C  CG  . MSE A 1 98  ? -1.622  -6.941  -6.166  1.00 45.83  ? 98  MSE A CG  1 
HETATM 266  SE SE  . MSE A 1 98  ? -0.165  -7.959  -6.992  0.51 58.90  ? 98  MSE A SE  1 
HETATM 267  C  CE  . MSE A 1 98  ? 0.925   -6.471  -7.615  1.00 39.40  ? 98  MSE A CE  1 
HETATM 268  N  N   . MSE A 1 99  ? -1.707  -6.512  -1.706  1.00 35.34  ? 99  MSE A N   1 
HETATM 269  C  CA  . MSE A 1 99  ? -1.362  -5.928  -0.416  1.00 36.74  ? 99  MSE A CA  1 
HETATM 270  C  C   . MSE A 1 99  ? -1.127  -7.007  0.630   1.00 45.14  ? 99  MSE A C   1 
HETATM 271  O  O   . MSE A 1 99  ? -0.106  -6.991  1.309   1.00 47.09  ? 99  MSE A O   1 
HETATM 272  C  CB  . MSE A 1 99  ? -2.458  -4.980  0.028   1.00 33.42  ? 99  MSE A CB  1 
HETATM 273  C  CG  . MSE A 1 99  ? -2.681  -3.879  -0.970  1.00 42.11  ? 99  MSE A CG  1 
HETATM 274  SE SE  . MSE A 1 99  ? -4.283  -2.814  -0.663  1.00 73.02  ? 99  MSE A SE  1 
HETATM 275  C  CE  . MSE A 1 99  ? -3.833  -2.136  1.093   1.00 55.48  ? 99  MSE A CE  1 
ATOM   276  N  N   . LEU A 1 100 ? -2.069  -7.954  0.740   1.00 44.41  ? 100 LEU A N   1 
ATOM   277  C  CA  . LEU A 1 100 ? -1.898  -9.070  1.664   1.00 39.98  ? 100 LEU A CA  1 
ATOM   278  C  C   . LEU A 1 100 ? -0.581  -9.803  1.439   1.00 46.81  ? 100 LEU A C   1 
ATOM   279  O  O   . LEU A 1 100 ? 0.151   -10.099 2.388   1.00 45.57  ? 100 LEU A O   1 
ATOM   280  C  CB  . LEU A 1 100 ? -3.044  -10.061 1.518   1.00 35.20  ? 100 LEU A CB  1 
ATOM   281  C  CG  . LEU A 1 100 ? -4.376  -9.622  2.066   1.00 47.97  ? 100 LEU A CG  1 
ATOM   282  C  CD1 . LEU A 1 100 ? -5.115  -10.869 2.502   1.00 52.31  ? 100 LEU A CD1 1 
ATOM   283  C  CD2 . LEU A 1 100 ? -4.129  -8.687  3.220   1.00 50.53  ? 100 LEU A CD2 1 
ATOM   284  N  N   . ALA A 1 101 ? -0.286  -10.159 0.189   1.00 41.45  ? 101 ALA A N   1 
ATOM   285  C  CA  . ALA A 1 101 ? 0.898   -10.966 -0.047  1.00 42.60  ? 101 ALA A CA  1 
ATOM   286  C  C   . ALA A 1 101 ? 2.160   -10.143 0.159   1.00 49.79  ? 101 ALA A C   1 
ATOM   287  O  O   . ALA A 1 101 ? 3.124   -10.617 0.779   1.00 44.80  ? 101 ALA A O   1 
ATOM   288  C  CB  . ALA A 1 101 ? 0.846   -11.577 -1.446  1.00 41.65  ? 101 ALA A CB  1 
ATOM   289  N  N   . ALA A 1 102 ? 2.158   -8.893  -0.322  1.00 44.58  ? 102 ALA A N   1 
ATOM   290  C  CA  . ALA A 1 102 ? 3.335   -8.041  -0.174  1.00 50.64  ? 102 ALA A CA  1 
ATOM   291  C  C   . ALA A 1 102 ? 3.619   -7.702  1.291   1.00 48.66  ? 102 ALA A C   1 
ATOM   292  O  O   . ALA A 1 102 ? 4.783   -7.568  1.683   1.00 42.56  ? 102 ALA A O   1 
ATOM   293  C  CB  . ALA A 1 102 ? 3.161   -6.770  -1.000  1.00 41.37  ? 102 ALA A CB  1 
ATOM   294  N  N   . SER A 1 103 ? 2.587   -7.567  2.123   1.00 44.96  ? 103 SER A N   1 
ATOM   295  C  CA  . SER A 1 103 ? 2.876   -7.338  3.532   1.00 47.41  ? 103 SER A CA  1 
ATOM   296  C  C   . SER A 1 103 ? 3.419   -8.598  4.204   1.00 48.76  ? 103 SER A C   1 
ATOM   297  O  O   . SER A 1 103 ? 4.046   -8.504  5.265   1.00 44.57  ? 103 SER A O   1 
ATOM   298  C  CB  . SER A 1 103 ? 1.635   -6.811  4.262   1.00 43.60  ? 103 SER A CB  1 
ATOM   299  O  OG  . SER A 1 103 ? 0.621   -7.792  4.296   1.00 52.09  ? 103 SER A OG  1 
ATOM   300  N  N   . ALA A 1 104 ? 3.241   -9.760  3.578   1.00 49.66  ? 104 ALA A N   1 
ATOM   301  C  CA  . ALA A 1 104 ? 3.858   -10.994 4.058   1.00 46.27  ? 104 ALA A CA  1 
ATOM   302  C  C   . ALA A 1 104 ? 5.242   -11.208 3.440   1.00 46.28  ? 104 ALA A C   1 
ATOM   303  O  O   . ALA A 1 104 ? 6.249   -11.241 4.153   1.00 48.79  ? 104 ALA A O   1 
ATOM   304  C  CB  . ALA A 1 104 ? 2.934   -12.190 3.774   1.00 37.10  ? 104 ALA A CB  1 
ATOM   305  N  N   . PHE A 1 105 ? 5.316   -11.340 2.115   1.00 49.52  ? 105 PHE A N   1 
ATOM   306  C  CA  . PHE A 1 105 ? 6.576   -11.762 1.512   1.00 45.43  ? 105 PHE A CA  1 
ATOM   307  C  C   . PHE A 1 105 ? 7.567   -10.624 1.365   1.00 46.83  ? 105 PHE A C   1 
ATOM   308  O  O   . PHE A 1 105 ? 8.764   -10.894 1.202   1.00 45.79  ? 105 PHE A O   1 
ATOM   309  C  CB  . PHE A 1 105 ? 6.334   -12.421 0.148   1.00 45.75  ? 105 PHE A CB  1 
ATOM   310  C  CG  . PHE A 1 105 ? 5.284   -13.498 0.174   1.00 52.83  ? 105 PHE A CG  1 
ATOM   311  C  CD1 . PHE A 1 105 ? 5.518   -14.707 0.821   1.00 52.41  ? 105 PHE A CD1 1 
ATOM   312  C  CD2 . PHE A 1 105 ? 4.057   -13.302 -0.444  1.00 52.64  ? 105 PHE A CD2 1 
ATOM   313  C  CE1 . PHE A 1 105 ? 4.534   -15.702 0.851   1.00 54.25  ? 105 PHE A CE1 1 
ATOM   314  C  CE2 . PHE A 1 105 ? 3.078   -14.283 -0.419  1.00 53.82  ? 105 PHE A CE2 1 
ATOM   315  C  CZ  . PHE A 1 105 ? 3.318   -15.487 0.231   1.00 51.55  ? 105 PHE A CZ  1 
ATOM   316  N  N   . SER A 1 106 ? 7.105   -9.367  1.446   1.00 48.78  ? 106 SER A N   1 
ATOM   317  C  CA  . SER A 1 106 ? 7.969   -8.204  1.296   1.00 49.03  ? 106 SER A CA  1 
ATOM   318  C  C   . SER A 1 106 ? 8.181   -7.402  2.570   1.00 44.92  ? 106 SER A C   1 
ATOM   319  O  O   . SER A 1 106 ? 9.183   -6.689  2.660   1.00 49.38  ? 106 SER A O   1 
ATOM   320  C  CB  . SER A 1 106 ? 7.427   -7.236  0.232   1.00 52.48  ? 106 SER A CB  1 
ATOM   321  O  OG  . SER A 1 106 ? 7.290   -7.854  -1.027  1.00 54.29  ? 106 SER A OG  1 
ATOM   322  N  N   . LEU A 1 107 ? 7.277   -7.456  3.538   1.00 41.14  ? 107 LEU A N   1 
ATOM   323  C  CA  . LEU A 1 107 ? 7.560   -6.768  4.787   1.00 49.42  ? 107 LEU A CA  1 
ATOM   324  C  C   . LEU A 1 107 ? 7.845   -7.728  5.934   1.00 48.59  ? 107 LEU A C   1 
ATOM   325  O  O   . LEU A 1 107 ? 8.934   -7.669  6.507   1.00 45.72  ? 107 LEU A O   1 
ATOM   326  C  CB  . LEU A 1 107 ? 6.431   -5.789  5.143   1.00 40.70  ? 107 LEU A CB  1 
ATOM   327  C  CG  . LEU A 1 107 ? 6.056   -4.813  4.033   1.00 48.25  ? 107 LEU A CG  1 
ATOM   328  C  CD1 . LEU A 1 107 ? 4.663   -4.282  4.200   1.00 39.83  ? 107 LEU A CD1 1 
ATOM   329  C  CD2 . LEU A 1 107 ? 7.059   -3.691  3.951   1.00 40.87  ? 107 LEU A CD2 1 
ATOM   330  N  N   . ILE A 1 108 ? 6.905   -8.611  6.285   1.00 45.45  ? 108 ILE A N   1 
ATOM   331  C  CA  . ILE A 1 108 ? 7.048   -9.384  7.515   1.00 39.66  ? 108 ILE A CA  1 
ATOM   332  C  C   . ILE A 1 108 ? 8.261   -10.300 7.426   1.00 47.14  ? 108 ILE A C   1 
ATOM   333  O  O   . ILE A 1 108 ? 9.185   -10.218 8.249   1.00 41.24  ? 108 ILE A O   1 
ATOM   334  C  CB  . ILE A 1 108 ? 5.759   -10.169 7.825   1.00 42.75  ? 108 ILE A CB  1 
ATOM   335  C  CG1 . ILE A 1 108 ? 4.646   -9.215  8.276   1.00 38.23  ? 108 ILE A CG1 1 
ATOM   336  C  CG2 . ILE A 1 108 ? 6.011   -11.200 8.926   1.00 36.26  ? 108 ILE A CG2 1 
ATOM   337  C  CD1 . ILE A 1 108 ? 3.267   -9.809  8.137   1.00 36.66  ? 108 ILE A CD1 1 
ATOM   338  N  N   . LEU A 1 109 ? 8.296   -11.160 6.407   1.00 47.44  ? 109 LEU A N   1 
ATOM   339  C  CA  . LEU A 1 109 ? 9.391   -12.117 6.320   1.00 46.40  ? 109 LEU A CA  1 
ATOM   340  C  C   . LEU A 1 109 ? 10.758  -11.466 6.096   1.00 49.67  ? 109 LEU A C   1 
ATOM   341  O  O   . LEU A 1 109 ? 11.751  -11.950 6.653   1.00 46.39  ? 109 LEU A O   1 
ATOM   342  C  CB  . LEU A 1 109 ? 9.097   -13.142 5.241   1.00 39.05  ? 109 LEU A CB  1 
ATOM   343  C  CG  . LEU A 1 109 ? 7.853   -13.963 5.579   1.00 42.37  ? 109 LEU A CG  1 
ATOM   344  C  CD1 . LEU A 1 109 ? 7.752   -15.199 4.697   1.00 45.62  ? 109 LEU A CD1 1 
ATOM   345  C  CD2 . LEU A 1 109 ? 7.855   -14.361 7.037   1.00 50.70  ? 109 LEU A CD2 1 
ATOM   346  N  N   . PRO A 1 110 ? 10.880  -10.384 5.312   1.00 54.32  ? 110 PRO A N   1 
ATOM   347  C  CA  . PRO A 1 110 ? 12.170  -9.669  5.297   1.00 51.34  ? 110 PRO A CA  1 
ATOM   348  C  C   . PRO A 1 110 ? 12.458  -8.925  6.593   1.00 52.54  ? 110 PRO A C   1 
ATOM   349  O  O   . PRO A 1 110 ? 13.627  -8.834  6.995   1.00 56.14  ? 110 PRO A O   1 
ATOM   350  C  CB  . PRO A 1 110 ? 12.041  -8.708  4.102   1.00 46.42  ? 110 PRO A CB  1 
ATOM   351  C  CG  . PRO A 1 110 ? 10.965  -9.277  3.251   1.00 44.48  ? 110 PRO A CG  1 
ATOM   352  C  CD  . PRO A 1 110 ? 10.011  -9.959  4.193   1.00 44.58  ? 110 PRO A CD  1 
ATOM   353  N  N   . GLY A 1 111 ? 11.440  -8.394  7.269   1.00 51.61  ? 111 GLY A N   1 
ATOM   354  C  CA  . GLY A 1 111 ? 11.683  -7.782  8.568   1.00 46.18  ? 111 GLY A CA  1 
ATOM   355  C  C   . GLY A 1 111 ? 12.303  -8.755  9.555   1.00 47.23  ? 111 GLY A C   1 
ATOM   356  O  O   . GLY A 1 111 ? 13.292  -8.434  10.219  1.00 48.11  ? 111 GLY A O   1 
ATOM   357  N  N   . LEU A 1 112 ? 11.738  -9.968  9.650   1.00 46.71  ? 112 LEU A N   1 
ATOM   358  C  CA  . LEU A 1 112 ? 12.277  -10.976 10.561  1.00 44.53  ? 112 LEU A CA  1 
ATOM   359  C  C   . LEU A 1 112 ? 13.751  -11.235 10.280  1.00 55.56  ? 112 LEU A C   1 
ATOM   360  O  O   . LEU A 1 112 ? 14.565  -11.323 11.210  1.00 52.06  ? 112 LEU A O   1 
ATOM   361  C  CB  . LEU A 1 112 ? 11.481  -12.278 10.454  1.00 41.23  ? 112 LEU A CB  1 
ATOM   362  C  CG  . LEU A 1 112 ? 9.987   -12.306 10.817  1.00 47.48  ? 112 LEU A CG  1 
ATOM   363  C  CD1 . LEU A 1 112 ? 9.272   -13.546 10.251  1.00 32.95  ? 112 LEU A CD1 1 
ATOM   364  C  CD2 . LEU A 1 112 ? 9.810   -12.244 12.307  1.00 42.82  ? 112 LEU A CD2 1 
ATOM   365  N  N   . ASP A 1 113 ? 14.116  -11.343 8.999   1.00 52.54  ? 113 ASP A N   1 
ATOM   366  C  CA  . ASP A 1 113 ? 15.518  -11.519 8.643   1.00 49.79  ? 113 ASP A CA  1 
ATOM   367  C  C   . ASP A 1 113 ? 16.324  -10.283 9.004   1.00 50.51  ? 113 ASP A C   1 
ATOM   368  O  O   . ASP A 1 113 ? 17.402  -10.383 9.596   1.00 51.10  ? 113 ASP A O   1 
ATOM   369  C  CB  . ASP A 1 113 ? 15.644  -11.848 7.154   1.00 51.43  ? 113 ASP A CB  1 
ATOM   370  C  CG  . ASP A 1 113 ? 14.972  -13.175 6.786   1.00 63.87  ? 113 ASP A CG  1 
ATOM   371  O  OD1 . ASP A 1 113 ? 14.528  -13.897 7.704   1.00 64.04  ? 113 ASP A OD1 1 
ATOM   372  O  OD2 . ASP A 1 113 ? 14.891  -13.505 5.581   1.00 72.04  ? 113 ASP A OD2 1 
ATOM   373  N  N   . ALA A 1 114 ? 15.808  -9.104  8.668   1.00 49.08  ? 114 ALA A N   1 
ATOM   374  C  CA  . ALA A 1 114 ? 16.439  -7.870  9.116   1.00 45.37  ? 114 ALA A CA  1 
ATOM   375  C  C   . ALA A 1 114 ? 16.643  -7.889  10.620  1.00 52.20  ? 114 ALA A C   1 
ATOM   376  O  O   . ALA A 1 114 ? 17.728  -7.571  11.115  1.00 52.08  ? 114 ALA A O   1 
ATOM   377  C  CB  . ALA A 1 114 ? 15.583  -6.672  8.715   1.00 45.20  ? 114 ALA A CB  1 
ATOM   378  N  N   . ALA A 1 115 ? 15.600  -8.272  11.363  1.00 52.19  ? 115 ALA A N   1 
ATOM   379  C  CA  . ALA A 1 115 ? 15.696  -8.340  12.819  1.00 50.51  ? 115 ALA A CA  1 
ATOM   380  C  C   . ALA A 1 115 ? 16.709  -9.391  13.253  1.00 55.26  ? 115 ALA A C   1 
ATOM   381  O  O   . ALA A 1 115 ? 17.573  -9.134  14.102  1.00 50.81  ? 115 ALA A O   1 
ATOM   382  C  CB  . ALA A 1 115 ? 14.323  -8.644  13.415  1.00 41.60  ? 115 ALA A CB  1 
ATOM   383  N  N   . GLY A 1 116 ? 16.627  -10.582 12.654  1.00 54.85  ? 116 GLY A N   1 
ATOM   384  C  CA  . GLY A 1 116 ? 17.496  -11.677 13.037  1.00 46.47  ? 116 GLY A CA  1 
ATOM   385  C  C   . GLY A 1 116 ? 18.981  -11.374 12.945  1.00 54.65  ? 116 GLY A C   1 
ATOM   386  O  O   . GLY A 1 116 ? 19.779  -11.987 13.657  1.00 58.97  ? 116 GLY A O   1 
ATOM   387  N  N   . THR A 1 117 ? 19.390  -10.444 12.077  1.00 56.65  ? 117 THR A N   1 
ATOM   388  C  CA  . THR A 1 117 ? 20.816  -10.124 12.052  1.00 55.76  ? 117 THR A CA  1 
ATOM   389  C  C   . THR A 1 117 ? 21.185  -8.993  13.001  1.00 63.16  ? 117 THR A C   1 
ATOM   390  O  O   . THR A 1 117 ? 22.348  -8.907  13.412  1.00 68.56  ? 117 THR A O   1 
ATOM   391  C  CB  . THR A 1 117 ? 21.297  -9.767  10.639  1.00 53.14  ? 117 THR A CB  1 
ATOM   392  O  OG1 . THR A 1 117 ? 20.560  -8.645  10.143  1.00 55.73  ? 117 THR A OG1 1 
ATOM   393  C  CG2 . THR A 1 117 ? 21.144  -10.957 9.690   1.00 49.94  ? 117 THR A CG2 1 
ATOM   394  N  N   . ILE A 1 118 ? 20.232  -8.136  13.368  1.00 56.77  ? 118 ILE A N   1 
ATOM   395  C  CA  . ILE A 1 118 ? 20.531  -7.062  14.312  1.00 56.62  ? 118 ILE A CA  1 
ATOM   396  C  C   . ILE A 1 118 ? 20.522  -7.576  15.744  1.00 59.68  ? 118 ILE A C   1 
ATOM   397  O  O   . ILE A 1 118 ? 21.303  -7.112  16.587  1.00 62.87  ? 118 ILE A O   1 
ATOM   398  C  CB  . ILE A 1 118 ? 19.526  -5.910  14.144  1.00 58.96  ? 118 ILE A CB  1 
ATOM   399  C  CG1 . ILE A 1 118 ? 19.488  -5.435  12.695  1.00 60.06  ? 118 ILE A CG1 1 
ATOM   400  C  CG2 . ILE A 1 118 ? 19.859  -4.762  15.079  1.00 57.33  ? 118 ILE A CG2 1 
ATOM   401  C  CD1 . ILE A 1 118 ? 18.296  -4.565  12.391  1.00 57.16  ? 118 ILE A CD1 1 
ATOM   402  N  N   . VAL A 1 119 ? 19.647  -8.526  16.046  1.00 56.14  ? 119 VAL A N   1 
ATOM   403  C  CA  . VAL A 1 119 ? 19.442  -8.953  17.423  1.00 50.19  ? 119 VAL A CA  1 
ATOM   404  C  C   . VAL A 1 119 ? 19.723  -10.433 17.619  1.00 45.63  ? 119 VAL A C   1 
ATOM   405  O  O   . VAL A 1 119 ? 19.951  -10.856 18.759  1.00 52.62  ? 119 VAL A O   1 
ATOM   406  C  CB  . VAL A 1 119 ? 18.010  -8.604  17.896  1.00 47.27  ? 119 VAL A CB  1 
ATOM   407  C  CG1 . VAL A 1 119 ? 17.010  -9.577  17.345  1.00 50.04  ? 119 VAL A CG1 1 
ATOM   408  C  CG2 . VAL A 1 119 ? 17.916  -8.517  19.399  1.00 51.35  ? 119 VAL A CG2 1 
ATOM   409  N  N   . GLY A 1 120 ? 19.747  -11.235 16.560  1.00 48.65  ? 120 GLY A N   1 
ATOM   410  C  CA  . GLY A 1 120 ? 20.050  -12.641 16.669  1.00 45.58  ? 120 GLY A CA  1 
ATOM   411  C  C   . GLY A 1 120 ? 18.924  -13.493 16.128  1.00 45.99  ? 120 GLY A C   1 
ATOM   412  O  O   . GLY A 1 120 ? 17.818  -13.007 15.884  1.00 49.24  ? 120 GLY A O   1 
ATOM   413  N  N   . PRO A 1 121 ? 19.173  -14.794 15.957  1.00 43.39  ? 121 PRO A N   1 
ATOM   414  C  CA  . PRO A 1 121 ? 18.121  -15.684 15.434  1.00 46.68  ? 121 PRO A CA  1 
ATOM   415  C  C   . PRO A 1 121 ? 17.008  -15.994 16.429  1.00 50.15  ? 121 PRO A C   1 
ATOM   416  O  O   . PRO A 1 121 ? 16.032  -16.651 16.045  1.00 50.95  ? 121 PRO A O   1 
ATOM   417  C  CB  . PRO A 1 121 ? 18.890  -16.961 15.081  1.00 46.45  ? 121 PRO A CB  1 
ATOM   418  C  CG  . PRO A 1 121 ? 20.015  -16.993 16.097  1.00 46.65  ? 121 PRO A CG  1 
ATOM   419  C  CD  . PRO A 1 121 ? 20.367  -15.539 16.412  1.00 43.93  ? 121 PRO A CD  1 
ATOM   420  N  N   . GLY A 1 122 ? 17.116  -15.555 17.689  1.00 47.94  ? 122 GLY A N   1 
ATOM   421  C  CA  . GLY A 1 122 ? 16.170  -15.951 18.693  1.00 44.41  ? 122 GLY A CA  1 
ATOM   422  C  C   . GLY A 1 122 ? 14.795  -15.321 18.501  1.00 49.93  ? 122 GLY A C   1 
ATOM   423  O  O   . GLY A 1 122 ? 14.548  -14.549 17.561  1.00 48.24  ? 122 GLY A O   1 
ATOM   424  N  N   . PRO A 1 123 ? 13.882  -15.644 19.420  1.00 47.40  ? 123 PRO A N   1 
ATOM   425  C  CA  . PRO A 1 123 ? 12.513  -15.108 19.337  1.00 43.26  ? 123 PRO A CA  1 
ATOM   426  C  C   . PRO A 1 123 ? 12.397  -13.619 19.597  1.00 40.13  ? 123 PRO A C   1 
ATOM   427  O  O   . PRO A 1 123 ? 11.310  -13.066 19.383  1.00 44.11  ? 123 PRO A O   1 
ATOM   428  C  CB  . PRO A 1 123 ? 11.769  -15.901 20.407  1.00 44.11  ? 123 PRO A CB  1 
ATOM   429  C  CG  . PRO A 1 123 ? 12.851  -16.268 21.384  1.00 50.34  ? 123 PRO A CG  1 
ATOM   430  C  CD  . PRO A 1 123 ? 14.039  -16.587 20.537  1.00 46.19  ? 123 PRO A CD  1 
ATOM   431  N  N   . ALA A 1 124 ? 13.462  -12.953 20.052  1.00 36.67  ? 124 ALA A N   1 
ATOM   432  C  CA  . ALA A 1 124 ? 13.400  -11.508 20.222  1.00 39.20  ? 124 ALA A CA  1 
ATOM   433  C  C   . ALA A 1 124 ? 13.268  -10.797 18.876  1.00 38.59  ? 124 ALA A C   1 
ATOM   434  O  O   . ALA A 1 124 ? 12.561  -9.788  18.768  1.00 38.35  ? 124 ALA A O   1 
ATOM   435  C  CB  . ALA A 1 124 ? 14.624  -11.015 20.984  1.00 41.06  ? 124 ALA A CB  1 
ATOM   436  N  N   . ALA A 1 125 ? 13.921  -11.320 17.837  1.00 39.62  ? 125 ALA A N   1 
ATOM   437  C  CA  . ALA A 1 125 ? 13.777  -10.757 16.496  1.00 37.66  ? 125 ALA A CA  1 
ATOM   438  C  C   . ALA A 1 125 ? 12.338  -10.860 15.994  1.00 41.57  ? 125 ALA A C   1 
ATOM   439  O  O   . ALA A 1 125 ? 11.780  -9.887  15.472  1.00 42.51  ? 125 ALA A O   1 
ATOM   440  C  CB  . ALA A 1 125 ? 14.733  -11.467 15.538  1.00 38.28  ? 125 ALA A CB  1 
ATOM   441  N  N   . ALA A 1 126 ? 11.716  -12.038 16.126  1.00 34.46  ? 126 ALA A N   1 
ATOM   442  C  CA  . ALA A 1 126 ? 10.296  -12.128 15.794  1.00 42.70  ? 126 ALA A CA  1 
ATOM   443  C  C   . ALA A 1 126 ? 9.434   -11.303 16.741  1.00 42.87  ? 126 ALA A C   1 
ATOM   444  O  O   . ALA A 1 126 ? 8.325   -10.905 16.367  1.00 42.24  ? 126 ALA A O   1 
ATOM   445  C  CB  . ALA A 1 126 ? 9.818   -13.575 15.812  1.00 36.89  ? 126 ALA A CB  1 
ATOM   446  N  N   . ALA A 1 127 ? 9.914   -11.036 17.959  1.00 34.02  ? 127 ALA A N   1 
ATOM   447  C  CA  . ALA A 1 127 ? 9.118   -10.251 18.891  1.00 35.04  ? 127 ALA A CA  1 
ATOM   448  C  C   . ALA A 1 127 ? 9.063   -8.791  18.465  1.00 35.36  ? 127 ALA A C   1 
ATOM   449  O  O   . ALA A 1 127 ? 8.036   -8.125  18.640  1.00 34.64  ? 127 ALA A O   1 
ATOM   450  C  CB  . ALA A 1 127 ? 9.698   -10.384 20.301  1.00 37.28  ? 127 ALA A CB  1 
ATOM   451  N  N   . VAL A 1 128 ? 10.176  -8.281  17.931  1.00 37.04  ? 128 VAL A N   1 
ATOM   452  C  CA  . VAL A 1 128 ? 10.262  -6.902  17.448  1.00 38.20  ? 128 VAL A CA  1 
ATOM   453  C  C   . VAL A 1 128 ? 9.294   -6.676  16.290  1.00 41.21  ? 128 VAL A C   1 
ATOM   454  O  O   . VAL A 1 128 ? 8.511   -5.714  16.282  1.00 34.10  ? 128 VAL A O   1 
ATOM   455  C  CB  . VAL A 1 128 ? 11.715  -6.596  17.039  1.00 40.31  ? 128 VAL A CB  1 
ATOM   456  C  CG1 . VAL A 1 128 ? 11.786  -5.404  16.137  1.00 42.29  ? 128 VAL A CG1 1 
ATOM   457  C  CG2 . VAL A 1 128 ? 12.574  -6.348  18.286  1.00 40.87  ? 128 VAL A CG2 1 
ATOM   458  N  N   . VAL A 1 129 ? 9.332   -7.573  15.301  1.00 40.09  ? 129 VAL A N   1 
ATOM   459  C  CA  . VAL A 1 129 ? 8.530   -7.421  14.094  1.00 39.61  ? 129 VAL A CA  1 
ATOM   460  C  C   . VAL A 1 129 ? 7.049   -7.578  14.411  1.00 38.92  ? 129 VAL A C   1 
ATOM   461  O  O   . VAL A 1 129 ? 6.203   -6.852  13.870  1.00 40.66  ? 129 VAL A O   1 
ATOM   462  C  CB  . VAL A 1 129 ? 8.993   -8.428  13.021  1.00 41.98  ? 129 VAL A CB  1 
ATOM   463  C  CG1 . VAL A 1 129 ? 8.204   -8.247  11.751  1.00 33.80  ? 129 VAL A CG1 1 
ATOM   464  C  CG2 . VAL A 1 129 ? 10.491  -8.274  12.743  1.00 38.03  ? 129 VAL A CG2 1 
ATOM   465  N  N   . ALA A 1 130 ? 6.707   -8.534  15.276  1.00 35.44  ? 130 ALA A N   1 
ATOM   466  C  CA  . ALA A 1 130 ? 5.310   -8.725  15.660  1.00 35.85  ? 130 ALA A CA  1 
ATOM   467  C  C   . ALA A 1 130 ? 4.804   -7.555  16.498  1.00 36.38  ? 130 ALA A C   1 
ATOM   468  O  O   . ALA A 1 130 ? 3.679   -7.080  16.296  1.00 37.98  ? 130 ALA A O   1 
ATOM   469  C  CB  . ALA A 1 130 ? 5.144   -10.049 16.420  1.00 27.76  ? 130 ALA A CB  1 
ATOM   470  N  N   . LEU A 1 131 ? 5.616   -7.069  17.434  1.00 35.74  ? 131 LEU A N   1 
ATOM   471  C  CA  . LEU A 1 131 ? 5.229   -5.880  18.189  1.00 37.34  ? 131 LEU A CA  1 
ATOM   472  C  C   . LEU A 1 131 ? 5.079   -4.673  17.271  1.00 39.11  ? 131 LEU A C   1 
ATOM   473  O  O   . LEU A 1 131 ? 4.086   -3.942  17.349  1.00 43.74  ? 131 LEU A O   1 
ATOM   474  C  CB  . LEU A 1 131 ? 6.241   -5.598  19.295  1.00 40.15  ? 131 LEU A CB  1 
ATOM   475  C  CG  . LEU A 1 131 ? 6.111   -6.501  20.520  1.00 39.56  ? 131 LEU A CG  1 
ATOM   476  C  CD1 . LEU A 1 131 ? 7.291   -6.308  21.429  1.00 33.24  ? 131 LEU A CD1 1 
ATOM   477  C  CD2 . LEU A 1 131 ? 4.820   -6.180  21.247  1.00 39.96  ? 131 LEU A CD2 1 
ATOM   478  N  N   . GLY A 1 132 ? 6.054   -4.448  16.385  1.00 37.51  ? 132 GLY A N   1 
ATOM   479  C  CA  . GLY A 1 132 ? 5.860   -3.449  15.346  1.00 34.35  ? 132 GLY A CA  1 
ATOM   480  C  C   . GLY A 1 132 ? 4.575   -3.681  14.566  1.00 40.77  ? 132 GLY A C   1 
ATOM   481  O  O   . GLY A 1 132 ? 3.807   -2.748  14.310  1.00 38.21  ? 132 GLY A O   1 
ATOM   482  N  N   . LEU A 1 133 ? 4.306   -4.934  14.206  1.00 37.80  ? 133 LEU A N   1 
ATOM   483  C  CA  . LEU A 1 133 ? 3.097   -5.221  13.441  1.00 35.71  ? 133 LEU A CA  1 
ATOM   484  C  C   . LEU A 1 133 ? 1.838   -4.890  14.238  1.00 39.92  ? 133 LEU A C   1 
ATOM   485  O  O   . LEU A 1 133 ? 0.887   -4.324  13.692  1.00 46.80  ? 133 LEU A O   1 
ATOM   486  C  CB  . LEU A 1 133 ? 3.100   -6.679  12.988  1.00 34.08  ? 133 LEU A CB  1 
ATOM   487  C  CG  . LEU A 1 133 ? 2.108   -7.089  11.907  1.00 39.75  ? 133 LEU A CG  1 
ATOM   488  C  CD1 . LEU A 1 133 ? 2.587   -8.350  11.250  1.00 35.88  ? 133 LEU A CD1 1 
ATOM   489  C  CD2 . LEU A 1 133 ? 0.731   -7.329  12.499  1.00 42.82  ? 133 LEU A CD2 1 
ATOM   490  N  N   . GLY A 1 134 ? 1.807   -5.223  15.526  1.00 45.10  ? 134 GLY A N   1 
ATOM   491  C  CA  . GLY A 1 134 ? 0.639   -4.871  16.328  1.00 38.94  ? 134 GLY A CA  1 
ATOM   492  C  C   . GLY A 1 134 ? 0.438   -3.370  16.436  1.00 38.03  ? 134 GLY A C   1 
ATOM   493  O  O   . GLY A 1 134 ? -0.692  -2.879  16.398  1.00 35.93  ? 134 GLY A O   1 
ATOM   494  N  N   . LEU A 1 135 ? 1.537   -2.621  16.564  1.00 36.21  ? 135 LEU A N   1 
ATOM   495  C  CA  . LEU A 1 135 ? 1.438   -1.170  16.663  1.00 40.73  ? 135 LEU A CA  1 
ATOM   496  C  C   . LEU A 1 135 ? 0.872   -0.547  15.383  1.00 46.75  ? 135 LEU A C   1 
ATOM   497  O  O   . LEU A 1 135 ? 0.129   0.438   15.448  1.00 43.99  ? 135 LEU A O   1 
ATOM   498  C  CB  . LEU A 1 135 ? 2.813   -0.599  17.012  1.00 38.91  ? 135 LEU A CB  1 
ATOM   499  C  CG  . LEU A 1 135 ? 2.920   0.883   17.365  1.00 45.38  ? 135 LEU A CG  1 
ATOM   500  C  CD1 . LEU A 1 135 ? 1.908   1.285   18.444  1.00 47.88  ? 135 LEU A CD1 1 
ATOM   501  C  CD2 . LEU A 1 135 ? 4.316   1.168   17.827  1.00 48.78  ? 135 LEU A CD2 1 
ATOM   502  N  N   . GLY A 1 136 ? 1.180   -1.120  14.218  1.00 45.94  ? 136 GLY A N   1 
ATOM   503  C  CA  . GLY A 1 136 ? 0.551   -0.661  12.989  1.00 39.43  ? 136 GLY A CA  1 
ATOM   504  C  C   . GLY A 1 136 ? -0.961  -0.809  13.001  1.00 47.70  ? 136 GLY A C   1 
ATOM   505  O  O   . GLY A 1 136 ? -1.686  0.091   12.568  1.00 50.38  ? 136 GLY A O   1 
ATOM   506  N  N   . VAL A 1 137 ? -1.460  -1.955  13.477  1.00 41.68  ? 137 VAL A N   1 
ATOM   507  C  CA  . VAL A 1 137 ? -2.907  -2.143  13.574  1.00 42.40  ? 137 VAL A CA  1 
ATOM   508  C  C   . VAL A 1 137 ? -3.519  -1.069  14.467  1.00 47.61  ? 137 VAL A C   1 
ATOM   509  O  O   . VAL A 1 137 ? -4.486  -0.395  14.092  1.00 55.88  ? 137 VAL A O   1 
ATOM   510  C  CB  . VAL A 1 137 ? -3.240  -3.559  14.090  1.00 42.10  ? 137 VAL A CB  1 
ATOM   511  C  CG1 . VAL A 1 137 ? -4.749  -3.720  14.289  1.00 46.30  ? 137 VAL A CG1 1 
ATOM   512  C  CG2 . VAL A 1 137 ? -2.744  -4.623  13.133  1.00 38.76  ? 137 VAL A CG2 1 
ATOM   513  N  N   . LEU A 1 138 ? -2.957  -0.893  15.664  1.00 45.45  ? 138 LEU A N   1 
ATOM   514  C  CA  . LEU A 1 138 ? -3.482  0.112   16.583  1.00 54.00  ? 138 LEU A CA  1 
ATOM   515  C  C   . LEU A 1 138 ? -3.427  1.498   15.960  1.00 56.13  ? 138 LEU A C   1 
ATOM   516  O  O   . LEU A 1 138 ? -4.370  2.289   16.092  1.00 58.41  ? 138 LEU A O   1 
ATOM   517  C  CB  . LEU A 1 138 ? -2.700  0.083   17.896  1.00 54.31  ? 138 LEU A CB  1 
ATOM   518  C  CG  . LEU A 1 138 ? -3.494  0.183   19.196  1.00 59.05  ? 138 LEU A CG  1 
ATOM   519  C  CD1 . LEU A 1 138 ? -4.502  -0.957  19.324  1.00 57.35  ? 138 LEU A CD1 1 
ATOM   520  C  CD2 . LEU A 1 138 ? -2.535  0.175   20.382  1.00 57.78  ? 138 LEU A CD2 1 
ATOM   521  N  N   . LEU A 1 139 ? -2.328  1.805   15.273  1.00 50.80  ? 139 LEU A N   1 
ATOM   522  C  CA  . LEU A 1 139 ? -2.207  3.071   14.553  1.00 55.36  ? 139 LEU A CA  1 
ATOM   523  C  C   . LEU A 1 139 ? -3.382  3.305   13.599  1.00 60.54  ? 139 LEU A C   1 
ATOM   524  O  O   . LEU A 1 139 ? -4.016  4.365   13.625  1.00 61.84  ? 139 LEU A O   1 
ATOM   525  C  CB  . LEU A 1 139 ? -0.892  3.084   13.783  1.00 55.96  ? 139 LEU A CB  1 
ATOM   526  C  CG  . LEU A 1 139 ? -0.860  4.036   12.603  1.00 59.80  ? 139 LEU A CG  1 
ATOM   527  C  CD1 . LEU A 1 139 ? -0.781  5.465   13.122  1.00 59.30  ? 139 LEU A CD1 1 
ATOM   528  C  CD2 . LEU A 1 139 ? 0.319   3.704   11.702  1.00 64.57  ? 139 LEU A CD2 1 
HETATM 529  N  N   . MSE A 1 140 ? -3.653  2.340   12.746  1.00 57.26  ? 140 MSE A N   1 
HETATM 530  C  CA  . MSE A 1 140 ? -4.756  2.418   11.827  1.00 55.36  ? 140 MSE A CA  1 
HETATM 531  C  C   . MSE A 1 140 ? -6.072  2.394   12.529  1.00 60.59  ? 140 MSE A C   1 
HETATM 532  O  O   . MSE A 1 140 ? -6.974  3.115   12.118  1.00 63.96  ? 140 MSE A O   1 
HETATM 533  C  CB  . MSE A 1 140 ? -4.685  1.368   10.734  1.00 49.44  ? 140 MSE A CB  1 
HETATM 534  C  CG  . MSE A 1 140 ? -3.576  1.549   9.715   1.00 49.16  ? 140 MSE A CG  1 
HETATM 535  SE SE  . MSE A 1 140 ? -3.196  3.345   9.057   1.00 75.90  ? 140 MSE A SE  1 
HETATM 536  C  CE  . MSE A 1 140 ? -4.850  3.567   8.083   1.00 57.11  ? 140 MSE A CE  1 
ATOM   537  N  N   . LEU A 1 141 ? -6.214  1.621   13.591  1.00 63.46  ? 141 LEU A N   1 
ATOM   538  C  CA  . LEU A 1 141 ? -7.466  1.638   14.346  1.00 68.59  ? 141 LEU A CA  1 
ATOM   539  C  C   . LEU A 1 141 ? -7.707  2.999   14.961  1.00 68.51  ? 141 LEU A C   1 
ATOM   540  O  O   . LEU A 1 141 ? -8.819  3.464   15.026  1.00 70.30  ? 141 LEU A O   1 
ATOM   541  C  CB  . LEU A 1 141 ? -7.496  0.574   15.424  1.00 60.21  ? 141 LEU A CB  1 
ATOM   542  C  CG  . LEU A 1 141 ? -8.372  -0.566  14.981  1.00 64.29  ? 141 LEU A CG  1 
ATOM   543  C  CD1 . LEU A 1 141 ? -8.498  -1.568  16.086  1.00 70.33  ? 141 LEU A CD1 1 
ATOM   544  C  CD2 . LEU A 1 141 ? -9.735  -0.016  14.642  1.00 63.71  ? 141 LEU A CD2 1 
ATOM   545  N  N   . GLY A 1 142 ? -6.658  3.612   15.461  1.00 60.81  ? 142 GLY A N   1 
ATOM   546  C  CA  . GLY A 1 142 ? -6.779  4.940   16.000  1.00 66.64  ? 142 GLY A CA  1 
ATOM   547  C  C   . GLY A 1 142 ? -7.169  5.933   14.927  1.00 70.05  ? 142 GLY A C   1 
ATOM   548  O  O   . GLY A 1 142 ? -7.981  6.784   15.172  1.00 73.00  ? 142 GLY A O   1 
ATOM   549  N  N   . LEU A 1 143 ? -6.595  5.797   13.741  1.00 72.28  ? 143 LEU A N   1 
ATOM   550  C  CA  . LEU A 1 143 ? -6.882  6.680   12.624  1.00 71.35  ? 143 LEU A CA  1 
ATOM   551  C  C   . LEU A 1 143 ? -8.285  6.542   12.127  1.00 74.42  ? 143 LEU A C   1 
ATOM   552  O  O   . LEU A 1 143 ? -8.733  7.374   11.371  1.00 72.54  ? 143 LEU A O   1 
ATOM   553  C  CB  . LEU A 1 143 ? -5.956  6.413   11.461  1.00 63.67  ? 143 LEU A CB  1 
ATOM   554  C  CG  . LEU A 1 143 ? -4.580  6.974   11.658  1.00 66.03  ? 143 LEU A CG  1 
ATOM   555  C  CD1 . LEU A 1 143 ? -3.712  6.613   10.480  1.00 66.72  ? 143 LEU A CD1 1 
ATOM   556  C  CD2 . LEU A 1 143 ? -4.664  8.468   11.832  1.00 68.39  ? 143 LEU A CD2 1 
ATOM   557  N  N   . ASP A 1 144 ? -9.000  5.515   12.555  1.00 72.49  ? 144 ASP A N   1 
ATOM   558  C  CA  . ASP A 1 144 ? -10.366 5.369   12.115  1.00 77.72  ? 144 ASP A CA  1 
ATOM   559  C  C   . ASP A 1 144 ? -11.198 6.262   13.027  1.00 90.14  ? 144 ASP A C   1 
ATOM   560  O  O   . ASP A 1 144 ? -11.670 5.860   14.094  1.00 87.65  ? 144 ASP A O   1 
ATOM   561  C  CB  . ASP A 1 144 ? -10.831 3.933   12.199  1.00 80.89  ? 144 ASP A CB  1 
ATOM   562  C  CG  . ASP A 1 144 ? -11.882 3.628   11.190  1.00 84.86  ? 144 ASP A CG  1 
ATOM   563  O  OD1 . ASP A 1 144 ? -11.483 3.354   10.043  1.00 87.35  ? 144 ASP A OD1 1 
ATOM   564  O  OD2 . ASP A 1 144 ? -13.084 3.741   11.506  1.00 93.42  ? 144 ASP A OD2 1 
ATOM   565  N  N   . TYR A 1 145 ? -11.350 7.495   12.551  1.00 94.16  ? 145 TYR A N   1 
ATOM   566  C  CA  . TYR A 1 145 ? -12.050 8.608   13.188  1.00 86.48  ? 145 TYR A CA  1 
ATOM   567  C  C   . TYR A 1 145 ? -12.043 9.775   12.199  1.00 74.65  ? 145 TYR A C   1 
ATOM   568  O  O   . TYR A 1 145 ? -11.925 9.592   10.985  1.00 69.79  ? 145 TYR A O   1 
ATOM   569  C  CB  . TYR A 1 145 ? -11.360 9.031   14.494  1.00 69.53  ? 145 TYR A CB  1 
ATOM   570  N  N   . VAL A 1 164 ? -22.596 15.606  -1.007  1.00 69.63  ? 164 VAL A N   1 
ATOM   571  C  CA  . VAL A 1 164 ? -23.499 16.146  0.007   1.00 71.23  ? 164 VAL A CA  1 
ATOM   572  C  C   . VAL A 1 164 ? -22.776 16.317  1.343   1.00 84.39  ? 164 VAL A C   1 
ATOM   573  O  O   . VAL A 1 164 ? -23.262 15.864  2.383   1.00 86.13  ? 164 VAL A O   1 
ATOM   574  C  CB  . VAL A 1 164 ? -24.730 15.243  0.210   1.00 67.73  ? 164 VAL A CB  1 
ATOM   575  N  N   . ASN A 1 165 ? -21.615 16.976  1.304   1.00 87.56  ? 165 ASN A N   1 
ATOM   576  C  CA  . ASN A 1 165 ? -20.658 17.030  2.408   1.00 79.80  ? 165 ASN A CA  1 
ATOM   577  C  C   . ASN A 1 165 ? -20.163 15.648  2.803   1.00 75.58  ? 165 ASN A C   1 
ATOM   578  O  O   . ASN A 1 165 ? -19.492 15.501  3.832   1.00 66.56  ? 165 ASN A O   1 
ATOM   579  C  CB  . ASN A 1 165 ? -21.237 17.745  3.636   1.00 83.26  ? 165 ASN A CB  1 
ATOM   580  N  N   . ARG A 1 166 ? -20.481 14.627  1.999   1.00 82.11  ? 166 ARG A N   1 
ATOM   581  C  CA  . ARG A 1 166 ? -20.046 13.261  2.231   1.00 72.06  ? 166 ARG A CA  1 
ATOM   582  C  C   . ARG A 1 166 ? -19.024 12.782  1.214   1.00 61.56  ? 166 ARG A C   1 
ATOM   583  O  O   . ARG A 1 166 ? -18.513 11.665  1.358   1.00 57.04  ? 166 ARG A O   1 
ATOM   584  C  CB  . ARG A 1 166 ? -21.254 12.305  2.230   1.00 70.84  ? 166 ARG A CB  1 
ATOM   585  C  CG  . ARG A 1 166 ? -21.641 11.751  0.865   1.00 68.27  ? 166 ARG A CG  1 
ATOM   586  C  CD  . ARG A 1 166 ? -23.142 11.836  0.651   1.00 74.29  ? 166 ARG A CD  1 
ATOM   587  N  NE  . ARG A 1 166 ? -23.571 11.233  -0.607  1.00 75.11  ? 166 ARG A NE  1 
ATOM   588  C  CZ  . ARG A 1 166 ? -24.787 11.385  -1.121  1.00 79.98  ? 166 ARG A CZ  1 
ATOM   589  N  NH1 . ARG A 1 166 ? -25.683 12.132  -0.483  1.00 71.72  ? 166 ARG A NH1 1 
ATOM   590  N  NH2 . ARG A 1 166 ? -25.104 10.798  -2.270  1.00 83.08  ? 166 ARG A NH2 1 
ATOM   591  N  N   . VAL A 1 167 ? -18.724 13.580  0.183   1.00 60.10  ? 167 VAL A N   1 
ATOM   592  C  CA  . VAL A 1 167 ? -17.586 13.263  -0.677  1.00 49.33  ? 167 VAL A CA  1 
ATOM   593  C  C   . VAL A 1 167 ? -16.299 13.324  0.136   1.00 53.44  ? 167 VAL A C   1 
ATOM   594  O  O   . VAL A 1 167 ? -15.486 12.389  0.116   1.00 53.39  ? 167 VAL A O   1 
ATOM   595  C  CB  . VAL A 1 167 ? -17.530 14.205  -1.892  1.00 45.99  ? 167 VAL A CB  1 
ATOM   596  C  CG1 . VAL A 1 167 ? -16.460 13.716  -2.883  1.00 47.19  ? 167 VAL A CG1 1 
ATOM   597  C  CG2 . VAL A 1 167 ? -18.891 14.306  -2.571  1.00 49.38  ? 167 VAL A CG2 1 
ATOM   598  N  N   . TRP A 1 168 ? -16.116 14.419  0.884   1.00 44.27  ? 168 TRP A N   1 
ATOM   599  C  CA  . TRP A 1 168 ? -14.930 14.590  1.723   1.00 51.59  ? 168 TRP A CA  1 
ATOM   600  C  C   . TRP A 1 168 ? -14.666 13.389  2.631   1.00 57.84  ? 168 TRP A C   1 
ATOM   601  O  O   . TRP A 1 168 ? -13.507 12.992  2.829   1.00 51.22  ? 168 TRP A O   1 
ATOM   602  C  CB  . TRP A 1 168 ? -15.069 15.858  2.566   1.00 45.45  ? 168 TRP A CB  1 
ATOM   603  C  CG  . TRP A 1 168 ? -14.391 17.009  1.961   1.00 44.70  ? 168 TRP A CG  1 
ATOM   604  C  CD1 . TRP A 1 168 ? -14.962 18.172  1.530   1.00 42.37  ? 168 TRP A CD1 1 
ATOM   605  C  CD2 . TRP A 1 168 ? -12.995 17.106  1.672   1.00 48.45  ? 168 TRP A CD2 1 
ATOM   606  N  NE1 . TRP A 1 168 ? -13.996 18.998  1.002   1.00 49.32  ? 168 TRP A NE1 1 
ATOM   607  C  CE2 . TRP A 1 168 ? -12.779 18.367  1.076   1.00 50.16  ? 168 TRP A CE2 1 
ATOM   608  C  CE3 . TRP A 1 168 ? -11.904 16.241  1.850   1.00 49.91  ? 168 TRP A CE3 1 
ATOM   609  C  CZ2 . TRP A 1 168 ? -11.511 18.794  0.663   1.00 46.36  ? 168 TRP A CZ2 1 
ATOM   610  C  CZ3 . TRP A 1 168 ? -10.646 16.663  1.447   1.00 51.29  ? 168 TRP A CZ3 1 
ATOM   611  C  CH2 . TRP A 1 168 ? -10.459 17.931  0.857   1.00 50.15  ? 168 TRP A CH2 1 
ATOM   612  N  N   . LEU A 1 169 ? -15.721 12.813  3.225   1.00 59.31  ? 169 LEU A N   1 
ATOM   613  C  CA  . LEU A 1 169 ? -15.498 11.686  4.125   1.00 56.21  ? 169 LEU A CA  1 
ATOM   614  C  C   . LEU A 1 169 ? -15.077 10.452  3.350   1.00 52.30  ? 169 LEU A C   1 
ATOM   615  O  O   . LEU A 1 169 ? -14.328 9.615   3.862   1.00 56.14  ? 169 LEU A O   1 
ATOM   616  C  CB  . LEU A 1 169 ? -16.746 11.409  4.962   1.00 53.94  ? 169 LEU A CB  1 
ATOM   617  C  CG  . LEU A 1 169 ? -16.975 12.388  6.124   1.00 55.05  ? 169 LEU A CG  1 
ATOM   618  C  CD1 . LEU A 1 169 ? -18.291 12.118  6.844   1.00 57.97  ? 169 LEU A CD1 1 
ATOM   619  C  CD2 . LEU A 1 169 ? -15.811 12.348  7.111   1.00 62.51  ? 169 LEU A CD2 1 
ATOM   620  N  N   . PHE A 1 170 ? -15.502 10.348  2.099   1.00 50.46  ? 170 PHE A N   1 
ATOM   621  C  CA  . PHE A 1 170 ? -15.048 9.239   1.284   1.00 47.95  ? 170 PHE A CA  1 
ATOM   622  C  C   . PHE A 1 170 ? -13.603 9.412   0.828   1.00 49.35  ? 170 PHE A C   1 
ATOM   623  O  O   . PHE A 1 170 ? -12.897 8.413   0.643   1.00 48.77  ? 170 PHE A O   1 
ATOM   624  C  CB  . PHE A 1 170 ? -15.967 9.080   0.087   1.00 51.43  ? 170 PHE A CB  1 
ATOM   625  C  CG  . PHE A 1 170 ? -15.521 8.032   -0.860  1.00 49.54  ? 170 PHE A CG  1 
ATOM   626  C  CD1 . PHE A 1 170 ? -15.277 6.746   -0.413  1.00 44.34  ? 170 PHE A CD1 1 
ATOM   627  C  CD2 . PHE A 1 170 ? -15.334 8.326   -2.203  1.00 49.59  ? 170 PHE A CD2 1 
ATOM   628  C  CE1 . PHE A 1 170 ? -14.860 5.759   -1.299  1.00 50.27  ? 170 PHE A CE1 1 
ATOM   629  C  CE2 . PHE A 1 170 ? -14.915 7.343   -3.103  1.00 49.64  ? 170 PHE A CE2 1 
ATOM   630  C  CZ  . PHE A 1 170 ? -14.675 6.060   -2.654  1.00 50.72  ? 170 PHE A CZ  1 
ATOM   631  N  N   . VAL A 1 171 ? -13.132 10.647  0.628   1.00 50.09  ? 171 VAL A N   1 
ATOM   632  C  CA  . VAL A 1 171 ? -11.768 10.754  0.119   1.00 50.13  ? 171 VAL A CA  1 
ATOM   633  C  C   . VAL A 1 171 ? -10.762 10.661  1.257   1.00 46.29  ? 171 VAL A C   1 
ATOM   634  O  O   . VAL A 1 171 ? -9.649  10.159  1.063   1.00 46.91  ? 171 VAL A O   1 
ATOM   635  C  CB  . VAL A 1 171 ? -11.555 12.014  -0.754  1.00 46.95  ? 171 VAL A CB  1 
ATOM   636  C  CG1 . VAL A 1 171 ? -12.729 12.210  -1.698  1.00 50.58  ? 171 VAL A CG1 1 
ATOM   637  C  CG2 . VAL A 1 171 ? -11.310 13.262  0.066   1.00 41.77  ? 171 VAL A CG2 1 
ATOM   638  N  N   . LEU A 1 172 ? -11.127 11.081  2.468   1.00 49.01  ? 172 LEU A N   1 
ATOM   639  C  CA  . LEU A 1 172 ? -10.238 10.803  3.592   1.00 55.80  ? 172 LEU A CA  1 
ATOM   640  C  C   . LEU A 1 172 ? -9.960  9.305   3.719   1.00 51.02  ? 172 LEU A C   1 
ATOM   641  O  O   . LEU A 1 172 ? -8.812  8.898   3.949   1.00 49.35  ? 172 LEU A O   1 
ATOM   642  C  CB  . LEU A 1 172 ? -10.816 11.377  4.884   1.00 53.03  ? 172 LEU A CB  1 
ATOM   643  C  CG  . LEU A 1 172 ? -10.947 12.898  4.873   1.00 58.26  ? 172 LEU A CG  1 
ATOM   644  C  CD1 . LEU A 1 172 ? -12.092 13.372  5.739   1.00 70.51  ? 172 LEU A CD1 1 
ATOM   645  C  CD2 . LEU A 1 172 ? -9.653  13.523  5.334   1.00 61.51  ? 172 LEU A CD2 1 
ATOM   646  N  N   . THR A 1 173 ? -10.988 8.470   3.527   1.00 45.04  ? 173 THR A N   1 
ATOM   647  C  CA  . THR A 1 173 ? -10.801 7.022   3.461   1.00 48.64  ? 173 THR A CA  1 
ATOM   648  C  C   . THR A 1 173 ? -9.731  6.640   2.449   1.00 43.07  ? 173 THR A C   1 
ATOM   649  O  O   . THR A 1 173 ? -8.799  5.886   2.757   1.00 43.40  ? 173 THR A O   1 
ATOM   650  C  CB  . THR A 1 173 ? -12.118 6.352   3.084   1.00 51.54  ? 173 THR A CB  1 
ATOM   651  O  OG1 . THR A 1 173 ? -12.954 6.299   4.244   1.00 57.09  ? 173 THR A OG1 1 
ATOM   652  C  CG2 . THR A 1 173 ? -11.858 4.921   2.553   1.00 42.62  ? 173 THR A CG2 1 
ATOM   653  N  N   . ILE A 1 174 ? -9.876  7.124   1.215   1.00 42.95  ? 174 ILE A N   1 
ATOM   654  C  CA  . ILE A 1 174 ? -8.882  6.838   0.191   1.00 47.59  ? 174 ILE A CA  1 
ATOM   655  C  C   . ILE A 1 174 ? -7.515  7.343   0.626   1.00 48.65  ? 174 ILE A C   1 
ATOM   656  O  O   . ILE A 1 174 ? -6.503  6.655   0.445   1.00 50.74  ? 174 ILE A O   1 
ATOM   657  C  CB  . ILE A 1 174 ? -9.324  7.440   -1.157  1.00 48.49  ? 174 ILE A CB  1 
ATOM   658  C  CG1 . ILE A 1 174 ? -10.656 6.812   -1.589  1.00 50.76  ? 174 ILE A CG1 1 
ATOM   659  C  CG2 . ILE A 1 174 ? -8.265  7.210   -2.222  1.00 41.55  ? 174 ILE A CG2 1 
ATOM   660  C  CD1 . ILE A 1 174 ? -11.478 7.705   -2.490  1.00 53.99  ? 174 ILE A CD1 1 
ATOM   661  N  N   . ILE A 1 175 ? -7.458  8.529   1.234   1.00 45.31  ? 175 ILE A N   1 
ATOM   662  C  CA  . ILE A 1 175 ? -6.178  9.033   1.720   1.00 47.77  ? 175 ILE A CA  1 
ATOM   663  C  C   . ILE A 1 175 ? -5.641  8.152   2.848   1.00 51.12  ? 175 ILE A C   1 
ATOM   664  O  O   . ILE A 1 175 ? -4.451  7.802   2.861   1.00 51.48  ? 175 ILE A O   1 
ATOM   665  C  CB  . ILE A 1 175 ? -6.304  10.511  2.136   1.00 47.71  ? 175 ILE A CB  1 
ATOM   666  C  CG1 . ILE A 1 175 ? -6.291  11.410  0.892   1.00 47.85  ? 175 ILE A CG1 1 
ATOM   667  C  CG2 . ILE A 1 175 ? -5.174  10.914  3.073   1.00 45.25  ? 175 ILE A CG2 1 
ATOM   668  C  CD1 . ILE A 1 175 ? -6.877  12.831  1.125   1.00 42.56  ? 175 ILE A CD1 1 
ATOM   669  N  N   . LEU A 1 176 ? -6.498  7.755   3.797   1.00 49.72  ? 176 LEU A N   1 
ATOM   670  C  CA  . LEU A 1 176 ? -6.044  6.857   4.863   1.00 51.65  ? 176 LEU A CA  1 
ATOM   671  C  C   . LEU A 1 176 ? -5.622  5.487   4.334   1.00 55.35  ? 176 LEU A C   1 
ATOM   672  O  O   . LEU A 1 176 ? -4.693  4.879   4.888   1.00 57.20  ? 176 LEU A O   1 
ATOM   673  C  CB  . LEU A 1 176 ? -7.125  6.675   5.930   1.00 52.91  ? 176 LEU A CB  1 
ATOM   674  C  CG  . LEU A 1 176 ? -7.224  7.702   7.059   1.00 58.17  ? 176 LEU A CG  1 
ATOM   675  C  CD1 . LEU A 1 176 ? -7.921  7.090   8.257   1.00 60.85  ? 176 LEU A CD1 1 
ATOM   676  C  CD2 . LEU A 1 176 ? -5.856  8.231   7.443   1.00 63.26  ? 176 LEU A CD2 1 
ATOM   677  N  N   . HIS A 1 177 ? -6.301  4.978   3.292   1.00 50.96  ? 177 HIS A N   1 
ATOM   678  C  CA  . HIS A 1 177 ? -5.878  3.733   2.648   1.00 46.60  ? 177 HIS A CA  1 
ATOM   679  C  C   . HIS A 1 177 ? -4.442  3.831   2.167   1.00 44.43  ? 177 HIS A C   1 
ATOM   680  O  O   . HIS A 1 177 ? -3.656  2.901   2.360   1.00 51.02  ? 177 HIS A O   1 
ATOM   681  C  CB  . HIS A 1 177 ? -6.819  3.387   1.479   1.00 50.86  ? 177 HIS A CB  1 
ATOM   682  C  CG  . HIS A 1 177 ? -6.501  2.096   0.775   1.00 56.47  ? 177 HIS A CG  1 
ATOM   683  N  ND1 . HIS A 1 177 ? -6.538  0.868   1.403   1.00 77.16  ? 177 HIS A ND1 1 
ATOM   684  C  CD2 . HIS A 1 177 ? -6.085  1.850   -0.492  1.00 46.17  ? 177 HIS A CD2 1 
ATOM   685  C  CE1 . HIS A 1 177 ? -6.194  -0.079  0.549   1.00 65.79  ? 177 HIS A CE1 1 
ATOM   686  N  NE2 . HIS A 1 177 ? -5.912  0.490   -0.607  1.00 42.72  ? 177 HIS A NE2 1 
ATOM   687  N  N   . ASN A 1 178 ? -4.075  4.946   1.540   1.00 45.35  ? 178 ASN A N   1 
ATOM   688  C  CA  . ASN A 1 178 ? -2.759  5.055   0.921   1.00 52.87  ? 178 ASN A CA  1 
ATOM   689  C  C   . ASN A 1 178 ? -1.639  5.350   1.893   1.00 52.32  ? 178 ASN A C   1 
ATOM   690  O  O   . ASN A 1 178 ? -0.473  5.285   1.486   1.00 53.31  ? 178 ASN A O   1 
ATOM   691  C  CB  . ASN A 1 178 ? -2.742  6.145   -0.142  1.00 52.37  ? 178 ASN A CB  1 
ATOM   692  C  CG  . ASN A 1 178 ? -3.494  5.747   -1.342  1.00 51.27  ? 178 ASN A CG  1 
ATOM   693  O  OD1 . ASN A 1 178 ? -3.837  4.578   -1.475  1.00 58.65  ? 178 ASN A OD1 1 
ATOM   694  N  ND2 . ASN A 1 178 ? -3.784  6.698   -2.225  1.00 54.18  ? 178 ASN A ND2 1 
ATOM   695  N  N   . LEU A 1 179 ? -1.941  5.713   3.136   1.00 47.40  ? 179 LEU A N   1 
ATOM   696  C  CA  . LEU A 1 179 ? -0.849  6.006   4.061   1.00 52.21  ? 179 LEU A CA  1 
ATOM   697  C  C   . LEU A 1 179 ? 0.028   4.788   4.306   1.00 46.64  ? 179 LEU A C   1 
ATOM   698  O  O   . LEU A 1 179 ? 1.259   4.921   4.217   1.00 39.27  ? 179 LEU A O   1 
ATOM   699  C  CB  . LEU A 1 179 ? -1.406  6.600   5.357   1.00 56.77  ? 179 LEU A CB  1 
ATOM   700  C  CG  . LEU A 1 179 ? -0.426  6.859   6.504   1.00 55.41  ? 179 LEU A CG  1 
ATOM   701  C  CD1 . LEU A 1 179 ? 0.796   7.630   6.045   1.00 47.68  ? 179 LEU A CD1 1 
ATOM   702  C  CD2 . LEU A 1 179 ? -1.141  7.598   7.637   1.00 62.19  ? 179 LEU A CD2 1 
ATOM   703  N  N   . PRO A 1 180 ? -0.456  3.613   4.631   1.00 49.46  ? 180 PRO A N   1 
ATOM   704  C  CA  . PRO A 1 180 ? 0.459   2.472   4.772   1.00 51.39  ? 180 PRO A CA  1 
ATOM   705  C  C   . PRO A 1 180 ? 1.270   2.205   3.511   1.00 47.20  ? 180 PRO A C   1 
ATOM   706  O  O   . PRO A 1 180 ? 2.489   1.999   3.592   1.00 44.40  ? 180 PRO A O   1 
ATOM   707  C  CB  . PRO A 1 180 ? -0.480  1.305   5.118   1.00 46.55  ? 180 PRO A CB  1 
ATOM   708  C  CG  . PRO A 1 180 ? -1.662  1.945   5.760   1.00 38.88  ? 180 PRO A CG  1 
ATOM   709  C  CD  . PRO A 1 180 ? -1.833  3.264   5.056   1.00 46.07  ? 180 PRO A CD  1 
ATOM   710  N  N   . GLU A 1 181 ? 0.627   2.243   2.340   1.00 47.43  ? 181 GLU A N   1 
ATOM   711  C  CA  . GLU A 1 181 ? 1.326   1.914   1.101   1.00 44.87  ? 181 GLU A CA  1 
ATOM   712  C  C   . GLU A 1 181 ? 2.461   2.892   0.834   1.00 40.09  ? 181 GLU A C   1 
ATOM   713  O  O   . GLU A 1 181 ? 3.526   2.485   0.362   1.00 34.50  ? 181 GLU A O   1 
ATOM   714  C  CB  . GLU A 1 181 ? 0.329   1.875   -0.061  1.00 48.06  ? 181 GLU A CB  1 
ATOM   715  C  CG  . GLU A 1 181 ? -1.009  1.371   0.427   1.00 61.06  ? 181 GLU A CG  1 
ATOM   716  C  CD  . GLU A 1 181 ? -2.070  1.189   -0.641  1.00 55.46  ? 181 GLU A CD  1 
ATOM   717  O  OE1 . GLU A 1 181 ? -1.750  1.147   -1.843  1.00 50.99  ? 181 GLU A OE1 1 
ATOM   718  O  OE2 . GLU A 1 181 ? -3.250  1.129   -0.232  1.00 66.21  ? 181 GLU A OE2 1 
ATOM   719  N  N   . GLY A 1 182 ? 2.267   4.175   1.157   1.00 40.26  ? 182 GLY A N   1 
ATOM   720  C  CA  . GLY A 1 182 ? 3.369   5.122   1.069   1.00 39.51  ? 182 GLY A CA  1 
ATOM   721  C  C   . GLY A 1 182 ? 4.519   4.756   1.991   1.00 41.65  ? 182 GLY A C   1 
ATOM   722  O  O   . GLY A 1 182 ? 5.672   4.663   1.561   1.00 40.16  ? 182 GLY A O   1 
HETATM 723  N  N   . MSE A 1 183 ? 4.276   4.464   3.312   1.00 38.11  ? 183 MSE A N   1 
HETATM 724  C  CA  . MSE A 1 183 ? 5.311   4.076   4.274   1.00 40.94  ? 183 MSE A CA  1 
HETATM 725  C  C   . MSE A 1 183 ? 6.017   2.807   3.869   1.00 38.26  ? 183 MSE A C   1 
HETATM 726  O  O   . MSE A 1 183 ? 7.241   2.720   3.951   1.00 42.63  ? 183 MSE A O   1 
HETATM 727  C  CB  . MSE A 1 183 ? 4.704   3.900   5.658   1.00 43.77  ? 183 MSE A CB  1 
HETATM 728  C  CG  . MSE A 1 183 ? 3.728   4.997   5.979   1.00 47.51  ? 183 MSE A CG  1 
HETATM 729  SE SE  . MSE A 1 183 ? 3.376   5.218   7.854   1.00 79.57  ? 183 MSE A SE  1 
HETATM 730  C  CE  . MSE A 1 183 ? 2.869   3.389   8.327   1.00 54.93  ? 183 MSE A CE  1 
ATOM   731  N  N   . ALA A 1 184 ? 5.227   1.818   3.445   1.00 36.84  ? 184 ALA A N   1 
ATOM   732  C  CA  . ALA A 1 184 ? 5.788   0.554   2.993   1.00 39.18  ? 184 ALA A CA  1 
ATOM   733  C  C   . ALA A 1 184 ? 6.909   0.789   1.993   1.00 39.39  ? 184 ALA A C   1 
ATOM   734  O  O   . ALA A 1 184 ? 7.989   0.195   2.105   1.00 41.67  ? 184 ALA A O   1 
ATOM   735  C  CB  . ALA A 1 184 ? 4.692   -0.317  2.379   1.00 37.39  ? 184 ALA A CB  1 
ATOM   736  N  N   . ILE A 1 185 ? 6.678   1.680   1.021   1.00 33.14  ? 185 ILE A N   1 
ATOM   737  C  CA  . ILE A 1 185 ? 7.703   1.973   0.025   1.00 40.79  ? 185 ILE A CA  1 
ATOM   738  C  C   . ILE A 1 185 ? 8.935   2.570   0.700   1.00 39.61  ? 185 ILE A C   1 
ATOM   739  O  O   . ILE A 1 185 ? 10.059  2.096   0.513   1.00 39.06  ? 185 ILE A O   1 
ATOM   740  C  CB  . ILE A 1 185 ? 7.134   2.895   -1.073  1.00 45.38  ? 185 ILE A CB  1 
ATOM   741  C  CG1 . ILE A 1 185 ? 6.080   2.152   -1.895  1.00 41.15  ? 185 ILE A CG1 1 
ATOM   742  C  CG2 . ILE A 1 185 ? 8.237   3.418   -2.021  1.00 41.54  ? 185 ILE A CG2 1 
ATOM   743  C  CD1 . ILE A 1 185 ? 5.209   3.071   -2.748  1.00 41.09  ? 185 ILE A CD1 1 
ATOM   744  N  N   . GLY A 1 186 ? 8.738   3.599   1.517   1.00 38.75  ? 186 GLY A N   1 
ATOM   745  C  CA  . GLY A 1 186 ? 9.856   4.219   2.200   1.00 41.81  ? 186 GLY A CA  1 
ATOM   746  C  C   . GLY A 1 186 ? 10.556  3.304   3.187   1.00 46.54  ? 186 GLY A C   1 
ATOM   747  O  O   . GLY A 1 186 ? 11.771  3.407   3.374   1.00 45.14  ? 186 GLY A O   1 
ATOM   748  N  N   . VAL A 1 187 ? 9.808   2.413   3.847   1.00 40.87  ? 187 VAL A N   1 
ATOM   749  C  CA  . VAL A 1 187 ? 10.438  1.489   4.785   1.00 41.46  ? 187 VAL A CA  1 
ATOM   750  C  C   . VAL A 1 187 ? 11.248  0.434   4.038   1.00 45.75  ? 187 VAL A C   1 
ATOM   751  O  O   . VAL A 1 187 ? 12.333  0.041   4.479   1.00 52.78  ? 187 VAL A O   1 
ATOM   752  C  CB  . VAL A 1 187 ? 9.383   0.845   5.702   1.00 37.50  ? 187 VAL A CB  1 
ATOM   753  C  CG1 . VAL A 1 187 ? 10.038  -0.140  6.627   1.00 40.91  ? 187 VAL A CG1 1 
ATOM   754  C  CG2 . VAL A 1 187 ? 8.701   1.888   6.521   1.00 42.24  ? 187 VAL A CG2 1 
ATOM   755  N  N   . SER A 1 188 ? 10.742  -0.043  2.898   1.00 42.06  ? 188 SER A N   1 
ATOM   756  C  CA  . SER A 1 188 ? 11.421  -1.101  2.162   1.00 46.44  ? 188 SER A CA  1 
ATOM   757  C  C   . SER A 1 188 ? 12.738  -0.641  1.560   1.00 44.09  ? 188 SER A C   1 
ATOM   758  O  O   . SER A 1 188 ? 13.526  -1.471  1.098   1.00 45.72  ? 188 SER A O   1 
ATOM   759  C  CB  . SER A 1 188 ? 10.523  -1.632  1.050   1.00 44.28  ? 188 SER A CB  1 
ATOM   760  O  OG  . SER A 1 188 ? 10.501  -0.724  -0.040  1.00 46.00  ? 188 SER A OG  1 
ATOM   761  N  N   . PHE A 1 189 ? 12.999  0.650   1.560   1.00 43.05  ? 189 PHE A N   1 
ATOM   762  C  CA  . PHE A 1 189 ? 14.191  1.179   0.934   1.00 49.38  ? 189 PHE A CA  1 
ATOM   763  C  C   . PHE A 1 189 ? 15.212  1.738   1.916   1.00 55.75  ? 189 PHE A C   1 
ATOM   764  O  O   . PHE A 1 189 ? 16.349  1.994   1.510   1.00 62.30  ? 189 PHE A O   1 
ATOM   765  C  CB  . PHE A 1 189 ? 13.797  2.269   -0.066  1.00 52.77  ? 189 PHE A CB  1 
ATOM   766  C  CG  . PHE A 1 189 ? 13.482  1.743   -1.428  1.00 53.43  ? 189 PHE A CG  1 
ATOM   767  C  CD1 . PHE A 1 189 ? 14.431  1.029   -2.138  1.00 51.87  ? 189 PHE A CD1 1 
ATOM   768  C  CD2 . PHE A 1 189 ? 12.246  1.974   -2.004  1.00 53.60  ? 189 PHE A CD2 1 
ATOM   769  C  CE1 . PHE A 1 189 ? 14.162  0.567   -3.402  1.00 54.02  ? 189 PHE A CE1 1 
ATOM   770  C  CE2 . PHE A 1 189 ? 11.962  1.501   -3.267  1.00 48.08  ? 189 PHE A CE2 1 
ATOM   771  C  CZ  . PHE A 1 189 ? 12.921  0.798   -3.973  1.00 49.44  ? 189 PHE A CZ  1 
ATOM   772  N  N   . ALA A 1 190 ? 14.857  1.899   3.190   1.00 53.87  ? 190 ALA A N   1 
ATOM   773  C  CA  . ALA A 1 190 ? 15.690  2.660   4.116   1.00 56.74  ? 190 ALA A CA  1 
ATOM   774  C  C   . ALA A 1 190 ? 17.078  2.046   4.317   1.00 60.30  ? 190 ALA A C   1 
ATOM   775  O  O   . ALA A 1 190 ? 17.990  2.742   4.784   1.00 61.86  ? 190 ALA A O   1 
ATOM   776  C  CB  . ALA A 1 190 ? 14.954  2.796   5.449   1.00 52.54  ? 190 ALA A CB  1 
ATOM   777  N  N   . THR A 1 191 ? 17.259  0.770   3.976   1.00 53.07  ? 191 THR A N   1 
ATOM   778  C  CA  . THR A 1 191 ? 18.567  0.123   3.961   1.00 53.74  ? 191 THR A CA  1 
ATOM   779  C  C   . THR A 1 191 ? 19.154  0.006   2.554   1.00 59.34  ? 191 THR A C   1 
ATOM   780  O  O   . THR A 1 191 ? 20.226  -0.582  2.390   1.00 51.57  ? 191 THR A O   1 
ATOM   781  C  CB  . THR A 1 191 ? 18.475  -1.278  4.593   1.00 49.36  ? 191 THR A CB  1 
ATOM   782  N  N   . GLY A 1 192 ? 18.467  0.528   1.534   1.00 60.94  ? 192 GLY A N   1 
ATOM   783  C  CA  . GLY A 1 192 ? 18.932  0.455   0.166   1.00 50.21  ? 192 GLY A CA  1 
ATOM   784  C  C   . GLY A 1 192 ? 18.756  -0.881  -0.538  1.00 60.59  ? 192 GLY A C   1 
ATOM   785  O  O   . GLY A 1 192 ? 18.867  -0.921  -1.772  1.00 63.94  ? 192 GLY A O   1 
ATOM   786  N  N   . ASP A 1 193 ? 18.494  -1.976  0.187   1.00 56.61  ? 193 ASP A N   1 
ATOM   787  C  CA  . ASP A 1 193 ? 18.373  -3.295  -0.438  1.00 61.99  ? 193 ASP A CA  1 
ATOM   788  C  C   . ASP A 1 193 ? 17.260  -3.315  -1.482  1.00 63.07  ? 193 ASP A C   1 
ATOM   789  O  O   . ASP A 1 193 ? 16.072  -3.431  -1.142  1.00 51.75  ? 193 ASP A O   1 
ATOM   790  C  CB  . ASP A 1 193 ? 18.130  -4.393  0.610   1.00 47.16  ? 193 ASP A CB  1 
ATOM   791  N  N   . LEU A 1 194 ? 17.650  -3.199  -2.760  1.00 61.98  ? 194 LEU A N   1 
ATOM   792  C  CA  . LEU A 1 194 ? 16.700  -3.258  -3.866  1.00 58.54  ? 194 LEU A CA  1 
ATOM   793  C  C   . LEU A 1 194 ? 16.022  -4.616  -3.978  1.00 59.80  ? 194 LEU A C   1 
ATOM   794  O  O   . LEU A 1 194 ? 14.975  -4.719  -4.630  1.00 58.20  ? 194 LEU A O   1 
ATOM   795  C  CB  . LEU A 1 194 ? 17.392  -2.925  -5.183  1.00 61.32  ? 194 LEU A CB  1 
ATOM   796  C  CG  . LEU A 1 194 ? 18.326  -1.719  -5.192  1.00 70.33  ? 194 LEU A CG  1 
ATOM   797  C  CD1 . LEU A 1 194 ? 18.802  -1.459  -6.616  1.00 79.68  ? 194 LEU A CD1 1 
ATOM   798  C  CD2 . LEU A 1 194 ? 17.625  -0.504  -4.630  1.00 61.68  ? 194 LEU A CD2 1 
ATOM   799  N  N   . ARG A 1 195 ? 16.584  -5.661  -3.363  1.00 56.27  ? 195 ARG A N   1 
ATOM   800  C  CA  . ARG A 1 195 ? 15.850  -6.920  -3.279  1.00 57.82  ? 195 ARG A CA  1 
ATOM   801  C  C   . ARG A 1 195 ? 14.674  -6.850  -2.297  1.00 56.77  ? 195 ARG A C   1 
ATOM   802  O  O   . ARG A 1 195 ? 13.951  -7.841  -2.159  1.00 58.42  ? 195 ARG A O   1 
ATOM   803  C  CB  . ARG A 1 195 ? 16.799  -8.065  -2.905  1.00 46.99  ? 195 ARG A CB  1 
ATOM   804  N  N   . ILE A 1 196 ? 14.467  -5.707  -1.631  1.00 54.83  ? 196 ILE A N   1 
ATOM   805  C  CA  . ILE A 1 196 ? 13.286  -5.457  -0.816  1.00 57.19  ? 196 ILE A CA  1 
ATOM   806  C  C   . ILE A 1 196 ? 12.503  -4.252  -1.317  1.00 52.68  ? 196 ILE A C   1 
ATOM   807  O  O   . ILE A 1 196 ? 11.268  -4.272  -1.333  1.00 54.71  ? 196 ILE A O   1 
ATOM   808  C  CB  . ILE A 1 196 ? 13.661  -5.267  0.671   1.00 55.84  ? 196 ILE A CB  1 
ATOM   809  C  CG1 . ILE A 1 196 ? 14.391  -6.498  1.188   1.00 52.36  ? 196 ILE A CG1 1 
ATOM   810  C  CG2 . ILE A 1 196 ? 12.401  -5.027  1.512   1.00 53.72  ? 196 ILE A CG2 1 
ATOM   811  C  CD1 . ILE A 1 196 ? 14.434  -6.562  2.694   1.00 66.16  ? 196 ILE A CD1 1 
ATOM   812  N  N   . GLY A 1 197 ? 13.194  -3.194  -1.734  1.00 47.90  ? 197 GLY A N   1 
ATOM   813  C  CA  . GLY A 1 197 ? 12.486  -2.030  -2.237  1.00 48.96  ? 197 GLY A CA  1 
ATOM   814  C  C   . GLY A 1 197 ? 11.679  -2.305  -3.497  1.00 54.58  ? 197 GLY A C   1 
ATOM   815  O  O   . GLY A 1 197 ? 10.501  -1.933  -3.584  1.00 54.14  ? 197 GLY A O   1 
ATOM   816  N  N   . LEU A 1 198 ? 12.287  -2.976  -4.489  1.00 51.33  ? 198 LEU A N   1 
ATOM   817  C  CA  . LEU A 1 198 ? 11.643  -3.007  -5.802  1.00 56.39  ? 198 LEU A CA  1 
ATOM   818  C  C   . LEU A 1 198 ? 10.508  -4.031  -5.920  1.00 54.71  ? 198 LEU A C   1 
ATOM   819  O  O   . LEU A 1 198 ? 9.440   -3.676  -6.437  1.00 51.85  ? 198 LEU A O   1 
ATOM   820  C  CB  . LEU A 1 198 ? 12.682  -3.218  -6.914  1.00 53.32  ? 198 LEU A CB  1 
ATOM   821  C  CG  . LEU A 1 198 ? 12.239  -2.621  -8.262  1.00 58.68  ? 198 LEU A CG  1 
ATOM   822  C  CD1 . LEU A 1 198 ? 13.434  -2.315  -9.140  1.00 65.76  ? 198 LEU A CD1 1 
ATOM   823  C  CD2 . LEU A 1 198 ? 11.272  -3.517  -9.008  1.00 59.92  ? 198 LEU A CD2 1 
ATOM   824  N  N   . PRO A 1 199 ? 10.665  -5.289  -5.499  1.00 52.20  ? 199 PRO A N   1 
ATOM   825  C  CA  . PRO A 1 199 ? 9.495   -6.193  -5.544  1.00 50.43  ? 199 PRO A CA  1 
ATOM   826  C  C   . PRO A 1 199 ? 8.261   -5.581  -4.885  1.00 54.97  ? 199 PRO A C   1 
ATOM   827  O  O   . PRO A 1 199 ? 7.150   -5.649  -5.431  1.00 53.29  ? 199 PRO A O   1 
ATOM   828  C  CB  . PRO A 1 199 ? 9.967   -7.444  -4.787  1.00 46.78  ? 199 PRO A CB  1 
ATOM   829  C  CG  . PRO A 1 199 ? 11.438  -7.358  -4.715  1.00 51.44  ? 199 PRO A CG  1 
ATOM   830  C  CD  . PRO A 1 199 ? 11.827  -5.913  -4.839  1.00 52.98  ? 199 PRO A CD  1 
ATOM   831  N  N   . LEU A 1 200 ? 8.450   -4.956  -3.720  1.00 55.18  ? 200 LEU A N   1 
ATOM   832  C  CA  . LEU A 1 200 ? 7.367   -4.240  -3.056  1.00 53.60  ? 200 LEU A CA  1 
ATOM   833  C  C   . LEU A 1 200 ? 6.895   -3.046  -3.877  1.00 48.40  ? 200 LEU A C   1 
ATOM   834  O  O   . LEU A 1 200 ? 5.694   -2.880  -4.124  1.00 46.15  ? 200 LEU A O   1 
ATOM   835  C  CB  . LEU A 1 200 ? 7.818   -3.755  -1.679  1.00 51.06  ? 200 LEU A CB  1 
ATOM   836  C  CG  . LEU A 1 200 ? 6.673   -2.968  -1.060  1.00 50.63  ? 200 LEU A CG  1 
ATOM   837  C  CD1 . LEU A 1 200 ? 5.772   -3.854  -0.211  1.00 56.92  ? 200 LEU A CD1 1 
ATOM   838  C  CD2 . LEU A 1 200 ? 7.209   -1.764  -0.321  1.00 44.87  ? 200 LEU A CD2 1 
ATOM   839  N  N   . THR A 1 201 ? 7.817   -2.166  -4.258  1.00 45.22  ? 201 THR A N   1 
ATOM   840  C  CA  . THR A 1 201 ? 7.383   -0.962  -4.943  1.00 48.55  ? 201 THR A CA  1 
ATOM   841  C  C   . THR A 1 201 ? 6.668   -1.299  -6.241  1.00 43.34  ? 201 THR A C   1 
ATOM   842  O  O   . THR A 1 201 ? 5.589   -0.765  -6.512  1.00 38.84  ? 201 THR A O   1 
ATOM   843  C  CB  . THR A 1 201 ? 8.562   -0.036  -5.180  1.00 44.07  ? 201 THR A CB  1 
ATOM   844  O  OG1 . THR A 1 201 ? 9.074   0.345   -3.904  1.00 47.63  ? 201 THR A OG1 1 
ATOM   845  C  CG2 . THR A 1 201 ? 8.107   1.210   -5.924  1.00 42.90  ? 201 THR A CG2 1 
ATOM   846  N  N   . SER A 1 202 ? 7.236   -2.210  -7.037  1.00 43.74  ? 202 SER A N   1 
ATOM   847  C  CA  . SER A 1 202 ? 6.532   -2.607  -8.257  1.00 46.23  ? 202 SER A CA  1 
ATOM   848  C  C   . SER A 1 202 ? 5.201   -3.272  -7.922  1.00 48.93  ? 202 SER A C   1 
ATOM   849  O  O   . SER A 1 202 ? 4.202   -3.051  -8.614  1.00 46.43  ? 202 SER A O   1 
ATOM   850  C  CB  . SER A 1 202 ? 7.400   -3.510  -9.145  1.00 39.69  ? 202 SER A CB  1 
ATOM   851  O  OG  . SER A 1 202 ? 7.960   -4.578  -8.426  1.00 55.32  ? 202 SER A OG  1 
ATOM   852  N  N   . ALA A 1 203 ? 5.139   -4.046  -6.835  1.00 47.07  ? 203 ALA A N   1 
ATOM   853  C  CA  . ALA A 1 203 ? 3.861   -4.582  -6.373  1.00 41.45  ? 203 ALA A CA  1 
ATOM   854  C  C   . ALA A 1 203 ? 2.864   -3.475  -6.003  1.00 45.87  ? 203 ALA A C   1 
ATOM   855  O  O   . ALA A 1 203 ? 1.666   -3.610  -6.273  1.00 50.89  ? 203 ALA A O   1 
ATOM   856  C  CB  . ALA A 1 203 ? 4.085   -5.512  -5.186  1.00 41.02  ? 203 ALA A CB  1 
ATOM   857  N  N   . ILE A 1 204 ? 3.320   -2.386  -5.360  1.00 37.46  ? 204 ILE A N   1 
ATOM   858  C  CA  . ILE A 1 204 ? 2.375   -1.328  -4.998  1.00 37.38  ? 204 ILE A CA  1 
ATOM   859  C  C   . ILE A 1 204 ? 1.890   -0.591  -6.243  1.00 42.38  ? 204 ILE A C   1 
ATOM   860  O  O   . ILE A 1 204 ? 0.698   -0.283  -6.382  1.00 42.09  ? 204 ILE A O   1 
ATOM   861  C  CB  . ILE A 1 204 ? 2.988   -0.344  -3.986  1.00 41.80  ? 204 ILE A CB  1 
ATOM   862  C  CG1 . ILE A 1 204 ? 3.334   -1.040  -2.674  1.00 46.23  ? 204 ILE A CG1 1 
ATOM   863  C  CG2 . ILE A 1 204 ? 2.017   0.796   -3.726  1.00 38.65  ? 204 ILE A CG2 1 
ATOM   864  C  CD1 . ILE A 1 204 ? 2.139   -1.302  -1.796  1.00 49.40  ? 204 ILE A CD1 1 
ATOM   865  N  N   . ALA A 1 205 ? 2.802   -0.307  -7.173  1.00 41.78  ? 205 ALA A N   1 
ATOM   866  C  CA  . ALA A 1 205 ? 2.442   0.426   -8.382  1.00 40.22  ? 205 ALA A CA  1 
ATOM   867  C  C   . ALA A 1 205 ? 1.607   -0.411  -9.350  1.00 41.67  ? 205 ALA A C   1 
ATOM   868  O  O   . ALA A 1 205 ? 0.767   0.136   -10.073 1.00 39.73  ? 205 ALA A O   1 
ATOM   869  C  CB  . ALA A 1 205 ? 3.707   0.925   -9.070  1.00 39.41  ? 205 ALA A CB  1 
ATOM   870  N  N   . ILE A 1 206 ? 1.799   -1.727  -9.387  1.00 38.88  ? 206 ILE A N   1 
ATOM   871  C  CA  . ILE A 1 206 ? 0.928   -2.527  -10.240 1.00 40.46  ? 206 ILE A CA  1 
ATOM   872  C  C   . ILE A 1 206 ? -0.524  -2.407  -9.785  1.00 43.92  ? 206 ILE A C   1 
ATOM   873  O  O   . ILE A 1 206 ? -1.440  -2.298  -10.609 1.00 49.33  ? 206 ILE A O   1 
ATOM   874  C  CB  . ILE A 1 206 ? 1.410   -3.989  -10.294 1.00 42.40  ? 206 ILE A CB  1 
ATOM   875  C  CG1 . ILE A 1 206 ? 2.695   -4.087  -11.114 1.00 37.28  ? 206 ILE A CG1 1 
ATOM   876  C  CG2 . ILE A 1 206 ? 0.362   -4.878  -10.930 1.00 37.02  ? 206 ILE A CG2 1 
ATOM   877  C  CD1 . ILE A 1 206 ? 3.436   -5.385  -10.893 1.00 39.84  ? 206 ILE A CD1 1 
ATOM   878  N  N   . GLN A 1 207 ? -0.763  -2.385  -8.481  1.00 38.69  ? 207 GLN A N   1 
ATOM   879  C  CA  . GLN A 1 207 ? -2.129  -2.312  -7.979  1.00 34.80  ? 207 GLN A CA  1 
ATOM   880  C  C   . GLN A 1 207 ? -2.641  -0.884  -7.775  1.00 40.28  ? 207 GLN A C   1 
ATOM   881  O  O   . GLN A 1 207 ? -3.790  -0.714  -7.356  1.00 41.38  ? 207 GLN A O   1 
ATOM   882  C  CB  . GLN A 1 207 ? -2.250  -3.105  -6.668  1.00 35.89  ? 207 GLN A CB  1 
ATOM   883  C  CG  . GLN A 1 207 ? -1.245  -2.686  -5.577  1.00 46.79  ? 207 GLN A CG  1 
ATOM   884  C  CD  . GLN A 1 207 ? -1.830  -1.693  -4.588  1.00 45.22  ? 207 GLN A CD  1 
ATOM   885  O  OE1 . GLN A 1 207 ? -2.799  -2.010  -3.915  1.00 40.23  ? 207 GLN A OE1 1 
ATOM   886  N  NE2 . GLN A 1 207 ? -1.239  -0.492  -4.497  1.00 35.44  ? 207 GLN A NE2 1 
ATOM   887  N  N   . ASP A 1 208 ? -1.836  0.151   -8.048  1.00 43.23  ? 208 ASP A N   1 
ATOM   888  C  CA  . ASP A 1 208 ? -2.379  1.506   -8.032  1.00 42.12  ? 208 ASP A CA  1 
ATOM   889  C  C   . ASP A 1 208 ? -3.129  1.846   -9.311  1.00 40.13  ? 208 ASP A C   1 
ATOM   890  O  O   . ASP A 1 208 ? -3.999  2.723   -9.281  1.00 41.34  ? 208 ASP A O   1 
ATOM   891  C  CB  . ASP A 1 208 ? -1.278  2.543   -7.797  1.00 44.85  ? 208 ASP A CB  1 
ATOM   892  C  CG  . ASP A 1 208 ? -0.822  2.600   -6.350  1.00 50.20  ? 208 ASP A CG  1 
ATOM   893  O  OD1 . ASP A 1 208 ? -1.483  1.977   -5.492  1.00 52.17  ? 208 ASP A OD1 1 
ATOM   894  O  OD2 . ASP A 1 208 ? 0.201   3.264   -6.076  1.00 47.47  ? 208 ASP A OD2 1 
ATOM   895  N  N   . VAL A 1 209 ? -2.826  1.173   -10.417 1.00 38.72  ? 209 VAL A N   1 
ATOM   896  C  CA  . VAL A 1 209 ? -3.605  1.332   -11.643 1.00 39.79  ? 209 VAL A CA  1 
ATOM   897  C  C   . VAL A 1 209 ? -5.057  0.995   -11.331 1.00 41.42  ? 209 VAL A C   1 
ATOM   898  O  O   . VAL A 1 209 ? -5.889  1.913   -11.347 1.00 43.61  ? 209 VAL A O   1 
ATOM   899  C  CB  . VAL A 1 209 ? -3.045  0.494   -12.808 1.00 43.05  ? 209 VAL A CB  1 
ATOM   900  C  CG1 . VAL A 1 209 ? -3.747  0.864   -14.115 1.00 42.57  ? 209 VAL A CG1 1 
ATOM   901  C  CG2 . VAL A 1 209 ? -1.580  0.743   -12.968 1.00 34.76  ? 209 VAL A CG2 1 
ATOM   902  N  N   . PRO A 1 210 ? -5.421  -0.256  -10.994 1.00 43.19  ? 210 PRO A N   1 
ATOM   903  C  CA  . PRO A 1 210 ? -6.853  -0.551  -10.798 1.00 39.98  ? 210 PRO A CA  1 
ATOM   904  C  C   . PRO A 1 210 ? -7.468  0.236   -9.652  1.00 44.61  ? 210 PRO A C   1 
ATOM   905  O  O   . PRO A 1 210 ? -8.679  0.511   -9.673  1.00 42.88  ? 210 PRO A O   1 
ATOM   906  C  CB  . PRO A 1 210 ? -6.892  -2.069  -10.524 1.00 37.36  ? 210 PRO A CB  1 
ATOM   907  C  CG  . PRO A 1 210 ? -5.499  -2.566  -10.637 1.00 41.39  ? 210 PRO A CG  1 
ATOM   908  C  CD  . PRO A 1 210 ? -4.585  -1.375  -10.519 1.00 41.80  ? 210 PRO A CD  1 
ATOM   909  N  N   . GLU A 1 211 ? -6.683  0.634   -8.662  1.00 44.75  ? 211 GLU A N   1 
ATOM   910  C  CA  . GLU A 1 211 ? -7.236  1.385   -7.537  1.00 38.55  ? 211 GLU A CA  1 
ATOM   911  C  C   . GLU A 1 211 ? -7.485  2.821   -7.899  1.00 37.20  ? 211 GLU A C   1 
ATOM   912  O  O   . GLU A 1 211 ? -8.516  3.380   -7.513  1.00 42.82  ? 211 GLU A O   1 
ATOM   913  C  CB  . GLU A 1 211 ? -6.324  1.335   -6.332  1.00 32.87  ? 211 GLU A CB  1 
ATOM   914  C  CG  . GLU A 1 211 ? -6.641  0.166   -5.473  1.00 40.68  ? 211 GLU A CG  1 
ATOM   915  C  CD  . GLU A 1 211 ? -6.000  0.293   -4.140  1.00 48.31  ? 211 GLU A CD  1 
ATOM   916  O  OE1 . GLU A 1 211 ? -5.076  1.144   -4.030  1.00 44.50  ? 211 GLU A OE1 1 
ATOM   917  O  OE2 . GLU A 1 211 ? -6.459  -0.441  -3.233  1.00 50.70  ? 211 GLU A OE2 1 
ATOM   918  N  N   . GLY A 1 212 ? -6.519  3.442   -8.601  1.00 34.77  ? 212 GLY A N   1 
ATOM   919  C  CA  . GLY A 1 212 ? -6.767  4.754   -9.156  1.00 35.58  ? 212 GLY A CA  1 
ATOM   920  C  C   . GLY A 1 212 ? -8.054  4.723   -9.955  1.00 37.39  ? 212 GLY A C   1 
ATOM   921  O  O   . GLY A 1 212 ? -8.985  5.480   -9.686  1.00 37.12  ? 212 GLY A O   1 
ATOM   922  N  N   . LEU A 1 213 ? -8.115  3.814   -10.925 1.00 37.74  ? 213 LEU A N   1 
ATOM   923  C  CA  . LEU A 1 213 ? -9.336  3.588   -11.685 1.00 37.07  ? 213 LEU A CA  1 
ATOM   924  C  C   . LEU A 1 213 ? -10.546 3.464   -10.765 1.00 38.15  ? 213 LEU A C   1 
ATOM   925  O  O   . LEU A 1 213 ? -11.582 4.113   -10.973 1.00 34.55  ? 213 LEU A O   1 
ATOM   926  C  CB  . LEU A 1 213 ? -9.162  2.325   -12.532 1.00 37.32  ? 213 LEU A CB  1 
ATOM   927  C  CG  . LEU A 1 213 ? -10.231 1.972   -13.570 1.00 45.76  ? 213 LEU A CG  1 
ATOM   928  C  CD1 . LEU A 1 213 ? -10.734 3.211   -14.295 1.00 36.33  ? 213 LEU A CD1 1 
ATOM   929  C  CD2 . LEU A 1 213 ? -9.653  0.963   -14.559 1.00 43.33  ? 213 LEU A CD2 1 
ATOM   930  N  N   . ALA A 1 214 ? -10.424 2.627   -9.739  1.00 35.91  ? 214 ALA A N   1 
ATOM   931  C  CA  . ALA A 1 214 ? -11.522 2.411   -8.808  1.00 35.18  ? 214 ALA A CA  1 
ATOM   932  C  C   . ALA A 1 214 ? -11.919 3.704   -8.122  1.00 37.33  ? 214 ALA A C   1 
ATOM   933  O  O   . ALA A 1 214 ? -13.104 4.047   -8.037  1.00 39.68  ? 214 ALA A O   1 
ATOM   934  C  CB  . ALA A 1 214 ? -11.116 1.370   -7.768  1.00 40.31  ? 214 ALA A CB  1 
ATOM   935  N  N   . VAL A 1 215 ? -10.936 4.433   -7.609  1.00 36.57  ? 215 VAL A N   1 
ATOM   936  C  CA  . VAL A 1 215 ? -11.244 5.628   -6.842  1.00 35.94  ? 215 VAL A CA  1 
ATOM   937  C  C   . VAL A 1 215 ? -11.996 6.611   -7.711  1.00 31.47  ? 215 VAL A C   1 
ATOM   938  O  O   . VAL A 1 215 ? -13.058 7.111   -7.332  1.00 36.28  ? 215 VAL A O   1 
ATOM   939  C  CB  . VAL A 1 215 ? -9.958  6.232   -6.255  1.00 35.64  ? 215 VAL A CB  1 
ATOM   940  C  CG1 . VAL A 1 215 ? -10.185 7.661   -5.830  1.00 37.31  ? 215 VAL A CG1 1 
ATOM   941  C  CG2 . VAL A 1 215 ? -9.520  5.421   -5.084  1.00 31.96  ? 215 VAL A CG2 1 
ATOM   942  N  N   . ALA A 1 216 ? -11.499 6.831   -8.927  1.00 30.32  ? 216 ALA A N   1 
ATOM   943  C  CA  . ALA A 1 216 ? -12.149 7.759   -9.839  1.00 35.13  ? 216 ALA A CA  1 
ATOM   944  C  C   . ALA A 1 216 ? -13.590 7.332   -10.160 1.00 35.59  ? 216 ALA A C   1 
ATOM   945  O  O   . ALA A 1 216 ? -14.514 8.157   -10.123 1.00 31.88  ? 216 ALA A O   1 
ATOM   946  C  CB  . ALA A 1 216 ? -11.297 7.903   -11.095 1.00 28.80  ? 216 ALA A CB  1 
ATOM   947  N  N   . LEU A 1 217 ? -13.823 6.048   -10.420 1.00 30.05  ? 217 LEU A N   1 
ATOM   948  C  CA  . LEU A 1 217 ? -15.183 5.649   -10.772 1.00 30.34  ? 217 LEU A CA  1 
ATOM   949  C  C   . LEU A 1 217 ? -16.125 5.784   -9.589  1.00 33.92  ? 217 LEU A C   1 
ATOM   950  O  O   . LEU A 1 217 ? -17.270 6.239   -9.744  1.00 37.13  ? 217 LEU A O   1 
ATOM   951  C  CB  . LEU A 1 217 ? -15.201 4.225   -11.308 1.00 31.81  ? 217 LEU A CB  1 
ATOM   952  C  CG  . LEU A 1 217 ? -14.409 4.135   -12.597 1.00 37.27  ? 217 LEU A CG  1 
ATOM   953  C  CD1 . LEU A 1 217 ? -14.070 2.709   -12.916 1.00 35.94  ? 217 LEU A CD1 1 
ATOM   954  C  CD2 . LEU A 1 217 ? -15.216 4.775   -13.692 1.00 33.79  ? 217 LEU A CD2 1 
ATOM   955  N  N   . ALA A 1 218 ? -15.667 5.392   -8.403  1.00 31.40  ? 218 ALA A N   1 
ATOM   956  C  CA  . ALA A 1 218 ? -16.488 5.547   -7.212  1.00 34.38  ? 218 ALA A CA  1 
ATOM   957  C  C   . ALA A 1 218 ? -16.764 7.018   -6.911  1.00 36.93  ? 218 ALA A C   1 
ATOM   958  O  O   . ALA A 1 218 ? -17.871 7.377   -6.491  1.00 38.87  ? 218 ALA A O   1 
ATOM   959  C  CB  . ALA A 1 218 ? -15.803 4.867   -6.027  1.00 35.02  ? 218 ALA A CB  1 
ATOM   960  N  N   . LEU A 1 219 ? -15.773 7.889   -7.112  1.00 29.01  ? 219 LEU A N   1 
ATOM   961  C  CA  . LEU A 1 219 ? -16.039 9.314   -6.955  1.00 35.52  ? 219 LEU A CA  1 
ATOM   962  C  C   . LEU A 1 219 ? -17.117 9.775   -7.926  1.00 37.70  ? 219 LEU A C   1 
ATOM   963  O  O   . LEU A 1 219 ? -18.014 10.541  -7.553  1.00 34.35  ? 219 LEU A O   1 
ATOM   964  C  CB  . LEU A 1 219 ? -14.747 10.108  -7.138  1.00 33.80  ? 219 LEU A CB  1 
ATOM   965  C  CG  . LEU A 1 219 ? -13.859 9.883   -5.905  1.00 42.39  ? 219 LEU A CG  1 
ATOM   966  C  CD1 . LEU A 1 219 ? -12.427 10.327  -6.123  1.00 37.51  ? 219 LEU A CD1 1 
ATOM   967  C  CD2 . LEU A 1 219 ? -14.454 10.594  -4.703  1.00 39.55  ? 219 LEU A CD2 1 
ATOM   968  N  N   . ARG A 1 220 ? -17.070 9.283   -9.166  1.00 40.45  ? 220 ARG A N   1 
ATOM   969  C  CA  . ARG A 1 220 ? -18.105 9.617   -10.141 1.00 38.96  ? 220 ARG A CA  1 
ATOM   970  C  C   . ARG A 1 220 ? -19.437 8.977   -9.771  1.00 35.69  ? 220 ARG A C   1 
ATOM   971  O  O   . ARG A 1 220 ? -20.506 9.574   -9.962  1.00 34.24  ? 220 ARG A O   1 
ATOM   972  C  CB  . ARG A 1 220 ? -17.654 9.164   -11.533 1.00 36.80  ? 220 ARG A CB  1 
ATOM   973  C  CG  . ARG A 1 220 ? -18.356 9.822   -12.704 1.00 31.85  ? 220 ARG A CG  1 
ATOM   974  C  CD  . ARG A 1 220 ? -19.227 8.856   -13.440 1.00 31.06  ? 220 ARG A CD  1 
ATOM   975  N  NE  . ARG A 1 220 ? -20.018 9.544   -14.440 1.00 36.81  ? 220 ARG A NE  1 
ATOM   976  C  CZ  . ARG A 1 220 ? -21.088 9.034   -15.033 1.00 34.74  ? 220 ARG A CZ  1 
ATOM   977  N  NH1 . ARG A 1 220 ? -21.502 7.816   -14.707 1.00 41.46  ? 220 ARG A NH1 1 
ATOM   978  N  NH2 . ARG A 1 220 ? -21.754 9.751   -15.932 1.00 31.99  ? 220 ARG A NH2 1 
ATOM   979  N  N   . ALA A 1 221 ? -19.397 7.753   -9.250  1.00 34.26  ? 221 ALA A N   1 
ATOM   980  C  CA  . ALA A 1 221 ? -20.647 7.071   -8.947  1.00 34.61  ? 221 ALA A CA  1 
ATOM   981  C  C   . ALA A 1 221 ? -21.409 7.774   -7.835  1.00 31.53  ? 221 ALA A C   1 
ATOM   982  O  O   . ALA A 1 221 ? -22.637 7.696   -7.783  1.00 37.35  ? 221 ALA A O   1 
ATOM   983  C  CB  . ALA A 1 221 ? -20.369 5.625   -8.571  1.00 34.41  ? 221 ALA A CB  1 
ATOM   984  N  N   . VAL A 1 222 ? -20.699 8.489   -6.958  1.00 40.82  ? 222 VAL A N   1 
ATOM   985  C  CA  . VAL A 1 222 ? -21.344 9.182   -5.854  1.00 42.07  ? 222 VAL A CA  1 
ATOM   986  C  C   . VAL A 1 222 ? -21.646 10.637  -6.198  1.00 42.96  ? 222 VAL A C   1 
ATOM   987  O  O   . VAL A 1 222 ? -22.125 11.389  -5.338  1.00 48.16  ? 222 VAL A O   1 
ATOM   988  C  CB  . VAL A 1 222 ? -20.478 9.039   -4.570  1.00 42.70  ? 222 VAL A CB  1 
ATOM   989  C  CG1 . VAL A 1 222 ? -19.330 10.015  -4.553  1.00 36.70  ? 222 VAL A CG1 1 
ATOM   990  C  CG2 . VAL A 1 222 ? -21.332 9.201   -3.304  1.00 53.50  ? 222 VAL A CG2 1 
ATOM   991  N  N   . GLY A 1 223 ? -21.383 11.063  -7.433  1.00 41.40  ? 223 GLY A N   1 
ATOM   992  C  CA  . GLY A 1 223 ? -21.919 12.329  -7.882  1.00 39.46  ? 223 GLY A CA  1 
ATOM   993  C  C   . GLY A 1 223 ? -20.969 13.325  -8.512  1.00 42.28  ? 223 GLY A C   1 
ATOM   994  O  O   . GLY A 1 223 ? -21.418 14.379  -8.966  1.00 46.47  ? 223 GLY A O   1 
ATOM   995  N  N   . LEU A 1 224 ? -19.639 13.025  -8.560  1.00 41.65  ? 224 LEU A N   1 
ATOM   996  C  CA  . LEU A 1 224 ? -18.854 14.064  -9.221  1.00 40.69  ? 224 LEU A CA  1 
ATOM   997  C  C   . LEU A 1 224 ? -18.825 13.875  -10.747 1.00 38.87  ? 224 LEU A C   1 
ATOM   998  O  O   . LEU A 1 224 ? -18.917 12.745  -11.258 1.00 35.46  ? 224 LEU A O   1 
ATOM   999  C  CB  . LEU A 1 224 ? -17.413 14.073  -8.692  1.00 44.52  ? 224 LEU A CB  1 
ATOM   1000 C  CG  . LEU A 1 224 ? -17.036 14.259  -7.215  1.00 41.98  ? 224 LEU A CG  1 
ATOM   1001 C  CD1 . LEU A 1 224 ? -15.572 14.669  -7.106  1.00 38.65  ? 224 LEU A CD1 1 
ATOM   1002 C  CD2 . LEU A 1 224 ? -17.910 15.268  -6.522  1.00 46.98  ? 224 LEU A CD2 1 
ATOM   1003 N  N   . PRO A 1 225 ? -18.700 14.955  -11.511 1.00 33.90  ? 225 PRO A N   1 
ATOM   1004 C  CA  . PRO A 1 225 ? -18.365 14.800  -12.929 1.00 29.00  ? 225 PRO A CA  1 
ATOM   1005 C  C   . PRO A 1 225 ? -17.038 14.073  -13.069 1.00 35.12  ? 225 PRO A C   1 
ATOM   1006 O  O   . PRO A 1 225 ? -16.171 14.144  -12.193 1.00 38.86  ? 225 PRO A O   1 
ATOM   1007 C  CB  . PRO A 1 225 ? -18.268 16.241  -13.443 1.00 20.28  ? 225 PRO A CB  1 
ATOM   1008 C  CG  . PRO A 1 225 ? -18.908 17.080  -12.401 1.00 30.22  ? 225 PRO A CG  1 
ATOM   1009 C  CD  . PRO A 1 225 ? -18.805 16.362  -11.101 1.00 33.49  ? 225 PRO A CD  1 
ATOM   1010 N  N   . ILE A 1 226 ? -16.865 13.386  -14.194 1.00 28.42  ? 226 ILE A N   1 
ATOM   1011 C  CA  . ILE A 1 226 ? -15.716 12.496  -14.293 1.00 33.96  ? 226 ILE A CA  1 
ATOM   1012 C  C   . ILE A 1 226 ? -14.421 13.289  -14.217 1.00 36.73  ? 226 ILE A C   1 
ATOM   1013 O  O   . ILE A 1 226 ? -13.407 12.789  -13.722 1.00 37.89  ? 226 ILE A O   1 
ATOM   1014 C  CB  . ILE A 1 226 ? -15.810 11.627  -15.572 1.00 30.29  ? 226 ILE A CB  1 
ATOM   1015 C  CG1 . ILE A 1 226 ? -14.750 10.521  -15.560 1.00 40.72  ? 226 ILE A CG1 1 
ATOM   1016 C  CG2 . ILE A 1 226 ? -15.771 12.472  -16.841 1.00 16.94  ? 226 ILE A CG2 1 
ATOM   1017 C  CD1 . ILE A 1 226 ? -14.974 9.467   -14.464 1.00 39.27  ? 226 ILE A CD1 1 
ATOM   1018 N  N   . GLY A 1 227 ? -14.440 14.548  -14.658 1.00 37.52  ? 227 GLY A N   1 
ATOM   1019 C  CA  . GLY A 1 227 ? -13.217 15.333  -14.653 1.00 30.28  ? 227 GLY A CA  1 
ATOM   1020 C  C   . GLY A 1 227 ? -12.731 15.622  -13.248 1.00 39.33  ? 227 GLY A C   1 
ATOM   1021 O  O   . GLY A 1 227 ? -11.544 15.464  -12.944 1.00 41.06  ? 227 GLY A O   1 
ATOM   1022 N  N   . ARG A 1 228 ? -13.642 16.045  -12.370 1.00 36.70  ? 228 ARG A N   1 
ATOM   1023 C  CA  . ARG A 1 228 ? -13.293 16.221  -10.962 1.00 36.59  ? 228 ARG A CA  1 
ATOM   1024 C  C   . ARG A 1 228 ? -12.848 14.912  -10.343 1.00 39.32  ? 228 ARG A C   1 
ATOM   1025 O  O   . ARG A 1 228 ? -11.907 14.884  -9.539  1.00 41.71  ? 228 ARG A O   1 
ATOM   1026 C  CB  . ARG A 1 228 ? -14.487 16.749  -10.178 1.00 40.51  ? 228 ARG A CB  1 
ATOM   1027 C  CG  . ARG A 1 228 ? -14.774 18.215  -10.341 1.00 39.25  ? 228 ARG A CG  1 
ATOM   1028 C  CD  . ARG A 1 228 ? -16.170 18.489  -9.827  1.00 47.38  ? 228 ARG A CD  1 
ATOM   1029 N  NE  . ARG A 1 228 ? -16.329 19.781  -9.165  1.00 50.04  ? 228 ARG A NE  1 
ATOM   1030 C  CZ  . ARG A 1 228 ? -16.081 20.955  -9.732  1.00 43.91  ? 228 ARG A CZ  1 
ATOM   1031 N  NH1 . ARG A 1 228 ? -15.621 21.032  -10.973 1.00 44.56  ? 228 ARG A NH1 1 
ATOM   1032 N  NH2 . ARG A 1 228 ? -16.285 22.058  -9.047  1.00 39.79  ? 228 ARG A NH2 1 
ATOM   1033 N  N   . ALA A 1 229 ? -13.533 13.817  -10.694 1.00 37.46  ? 229 ALA A N   1 
ATOM   1034 C  CA  . ALA A 1 229 ? -13.256 12.530  -10.078 1.00 35.04  ? 229 ALA A CA  1 
ATOM   1035 C  C   . ALA A 1 229 ? -11.833 12.099  -10.377 1.00 34.03  ? 229 ALA A C   1 
ATOM   1036 O  O   . ALA A 1 229 ? -11.087 11.686  -9.481  1.00 35.91  ? 229 ALA A O   1 
ATOM   1037 C  CB  . ALA A 1 229 ? -14.265 11.495  -10.576 1.00 33.55  ? 229 ALA A CB  1 
ATOM   1038 N  N   . VAL A 1 230 ? -11.438 12.195  -11.640 1.00 31.35  ? 230 VAL A N   1 
ATOM   1039 C  CA  . VAL A 1 230 ? -10.060 11.913  -12.001 1.00 35.55  ? 230 VAL A CA  1 
ATOM   1040 C  C   . VAL A 1 230 ? -9.136  12.831  -11.218 1.00 33.73  ? 230 VAL A C   1 
ATOM   1041 O  O   . VAL A 1 230 ? -8.238  12.373  -10.501 1.00 33.94  ? 230 VAL A O   1 
ATOM   1042 C  CB  . VAL A 1 230 ? -9.885  12.050  -13.526 1.00 30.32  ? 230 VAL A CB  1 
ATOM   1043 C  CG1 . VAL A 1 230 ? -8.412  11.935  -13.952 1.00 28.95  ? 230 VAL A CG1 1 
ATOM   1044 C  CG2 . VAL A 1 230 ? -10.724 10.998  -14.230 1.00 34.22  ? 230 VAL A CG2 1 
ATOM   1045 N  N   . LEU A 1 231 ? -9.397  14.137  -11.289 1.00 31.33  ? 231 LEU A N   1 
ATOM   1046 C  CA  . LEU A 1 231 ? -8.589  15.122  -10.576 1.00 33.49  ? 231 LEU A CA  1 
ATOM   1047 C  C   . LEU A 1 231 ? -8.351  14.720  -9.124  1.00 32.95  ? 231 LEU A C   1 
ATOM   1048 O  O   . LEU A 1 231 ? -7.202  14.648  -8.668  1.00 31.61  ? 231 LEU A O   1 
ATOM   1049 C  CB  . LEU A 1 231 ? -9.266  16.490  -10.667 1.00 35.42  ? 231 LEU A CB  1 
ATOM   1050 C  CG  . LEU A 1 231 ? -8.456  17.718  -10.238 1.00 42.94  ? 231 LEU A CG  1 
ATOM   1051 C  CD1 . LEU A 1 231 ? -7.251  17.983  -11.163 1.00 32.25  ? 231 LEU A CD1 1 
ATOM   1052 C  CD2 . LEU A 1 231 ? -9.364  18.951  -10.147 1.00 41.70  ? 231 LEU A CD2 1 
ATOM   1053 N  N   . VAL A 1 232 ? -9.423  14.410  -8.394  1.00 30.33  ? 232 VAL A N   1 
ATOM   1054 C  CA  . VAL A 1 232 ? -9.273  14.014  -6.993  1.00 34.39  ? 232 VAL A CA  1 
ATOM   1055 C  C   . VAL A 1 232 ? -8.511  12.698  -6.882  1.00 36.92  ? 232 VAL A C   1 
ATOM   1056 O  O   . VAL A 1 232 ? -7.625  12.545  -6.030  1.00 35.52  ? 232 VAL A O   1 
ATOM   1057 C  CB  . VAL A 1 232 ? -10.647 13.931  -6.310  1.00 34.14  ? 232 VAL A CB  1 
ATOM   1058 C  CG1 . VAL A 1 232 ? -10.521 13.304  -4.935  1.00 33.14  ? 232 VAL A CG1 1 
ATOM   1059 C  CG2 . VAL A 1 232 ? -11.252 15.309  -6.184  1.00 39.11  ? 232 VAL A CG2 1 
ATOM   1060 N  N   . ALA A 1 233 ? -8.838  11.728  -7.734  1.00 35.32  ? 233 ALA A N   1 
ATOM   1061 C  CA  . ALA A 1 233 ? -8.114  10.464  -7.709  1.00 36.77  ? 233 ALA A CA  1 
ATOM   1062 C  C   . ALA A 1 233 ? -6.630  10.683  -7.968  1.00 36.62  ? 233 ALA A C   1 
ATOM   1063 O  O   . ALA A 1 233 ? -5.778  10.156  -7.244  1.00 34.47  ? 233 ALA A O   1 
ATOM   1064 C  CB  . ALA A 1 233 ? -8.712  9.499   -8.726  1.00 31.44  ? 233 ALA A CB  1 
ATOM   1065 N  N   . VAL A 1 234 ? -6.299  11.480  -8.991  1.00 36.46  ? 234 VAL A N   1 
ATOM   1066 C  CA  . VAL A 1 234 ? -4.899  11.812  -9.254  1.00 34.10  ? 234 VAL A CA  1 
ATOM   1067 C  C   . VAL A 1 234 ? -4.263  12.430  -8.009  1.00 33.65  ? 234 VAL A C   1 
ATOM   1068 O  O   . VAL A 1 234 ? -3.232  11.953  -7.525  1.00 33.56  ? 234 VAL A O   1 
ATOM   1069 C  CB  . VAL A 1 234 ? -4.782  12.726  -10.494 1.00 30.36  ? 234 VAL A CB  1 
ATOM   1070 C  CG1 . VAL A 1 234 ? -3.334  13.146  -10.752 1.00 29.02  ? 234 VAL A CG1 1 
ATOM   1071 C  CG2 . VAL A 1 234 ? -5.265  12.005  -11.717 1.00 26.05  ? 234 VAL A CG2 1 
ATOM   1072 N  N   . ALA A 1 235 ? -4.888  13.474  -7.446  1.00 33.91  ? 235 ALA A N   1 
ATOM   1073 C  CA  . ALA A 1 235 ? -4.365  14.064  -6.209  1.00 37.06  ? 235 ALA A CA  1 
ATOM   1074 C  C   . ALA A 1 235 ? -4.202  13.034  -5.091  1.00 35.39  ? 235 ALA A C   1 
ATOM   1075 O  O   . ALA A 1 235 ? -3.295  13.164  -4.269  1.00 38.50  ? 235 ALA A O   1 
ATOM   1076 C  CB  . ALA A 1 235 ? -5.271  15.197  -5.723  1.00 31.71  ? 235 ALA A CB  1 
ATOM   1077 N  N   . SER A 1 236 ? -5.074  12.027  -5.024  1.00 34.38  ? 236 SER A N   1 
ATOM   1078 C  CA  . SER A 1 236 ? -4.998  11.048  -3.941  1.00 35.85  ? 236 SER A CA  1 
ATOM   1079 C  C   . SER A 1 236 ? -3.683  10.288  -3.959  1.00 41.73  ? 236 SER A C   1 
ATOM   1080 O  O   . SER A 1 236 ? -3.169  9.908   -2.901  1.00 38.22  ? 236 SER A O   1 
ATOM   1081 C  CB  . SER A 1 236 ? -6.153  10.053  -4.046  1.00 41.07  ? 236 SER A CB  1 
ATOM   1082 O  OG  . SER A 1 236 ? -7.396  10.735  -4.111  1.00 59.00  ? 236 SER A OG  1 
ATOM   1083 N  N   . GLY A 1 237 ? -3.134  10.039  -5.145  1.00 31.85  ? 237 GLY A N   1 
ATOM   1084 C  CA  . GLY A 1 237 ? -1.865  9.346   -5.231  1.00 36.37  ? 237 GLY A CA  1 
ATOM   1085 C  C   . GLY A 1 237 ? -0.704  10.134  -4.667  1.00 43.06  ? 237 GLY A C   1 
ATOM   1086 O  O   . GLY A 1 237 ? 0.338   9.545   -4.376  1.00 40.77  ? 237 GLY A O   1 
ATOM   1087 N  N   . LEU A 1 238 ? -0.863  11.456  -4.504  1.00 43.02  ? 238 LEU A N   1 
ATOM   1088 C  CA  . LEU A 1 238 ? 0.161   12.273  -3.854  1.00 44.45  ? 238 LEU A CA  1 
ATOM   1089 C  C   . LEU A 1 238 ? 0.504   11.787  -2.454  1.00 42.64  ? 238 LEU A C   1 
ATOM   1090 O  O   . LEU A 1 238 ? 1.598   12.089  -1.980  1.00 36.56  ? 238 LEU A O   1 
ATOM   1091 C  CB  . LEU A 1 238 ? -0.264  13.745  -3.789  1.00 37.08  ? 238 LEU A CB  1 
ATOM   1092 C  CG  . LEU A 1 238 ? -0.178  14.463  -5.141  1.00 40.99  ? 238 LEU A CG  1 
ATOM   1093 C  CD1 . LEU A 1 238 ? -0.922  15.806  -5.115  1.00 35.20  ? 238 LEU A CD1 1 
ATOM   1094 C  CD2 . LEU A 1 238 ? 1.287   14.654  -5.501  1.00 29.11  ? 238 LEU A CD2 1 
HETATM 1095 N  N   . MSE A 1 239 ? -0.391  11.045  -1.790  1.00 47.42  ? 239 MSE A N   1 
HETATM 1096 C  CA  . MSE A 1 239 ? -0.113  10.396  -0.489  1.00 39.70  ? 239 MSE A CA  1 
HETATM 1097 C  C   . MSE A 1 239 ? 1.006   9.345   -0.559  1.00 49.88  ? 239 MSE A C   1 
HETATM 1098 O  O   . MSE A 1 239 ? 1.556   8.938   0.459   1.00 53.57  ? 239 MSE A O   1 
HETATM 1099 C  CB  . MSE A 1 239 ? -1.374  9.710   0.064   1.00 47.02  ? 239 MSE A CB  1 
HETATM 1100 C  CG  . MSE A 1 239 ? -1.966  10.258  1.381   1.00 56.95  ? 239 MSE A CG  1 
HETATM 1101 SE SE  . MSE A 1 239 ? -0.785  10.863  2.872   0.56 73.36  ? 239 MSE A SE  1 
HETATM 1102 C  CE  . MSE A 1 239 ? 0.260   9.305   3.070   1.00 43.46  ? 239 MSE A CE  1 
ATOM   1103 N  N   . GLU A 1 240 ? 1.347   8.878   -1.750  1.00 49.61  ? 240 GLU A N   1 
ATOM   1104 C  CA  . GLU A 1 240 ? 2.402   7.871   -1.772  1.00 46.72  ? 240 GLU A CA  1 
ATOM   1105 C  C   . GLU A 1 240 ? 3.789   8.505   -1.710  1.00 47.51  ? 240 GLU A C   1 
ATOM   1106 O  O   . GLU A 1 240 ? 4.645   8.007   -0.974  1.00 45.55  ? 240 GLU A O   1 
ATOM   1107 C  CB  . GLU A 1 240 ? 2.213   6.969   -2.983  1.00 42.48  ? 240 GLU A CB  1 
ATOM   1108 C  CG  . GLU A 1 240 ? 0.751   6.614   -3.031  1.00 53.86  ? 240 GLU A CG  1 
ATOM   1109 C  CD  . GLU A 1 240 ? 0.496   5.151   -3.182  1.00 61.20  ? 240 GLU A CD  1 
ATOM   1110 O  OE1 . GLU A 1 240 ? 1.141   4.493   -4.017  1.00 65.92  ? 240 GLU A OE1 1 
ATOM   1111 O  OE2 . GLU A 1 240 ? -0.277  4.643   -2.363  1.00 67.34  ? 240 GLU A OE2 1 
ATOM   1112 N  N   . PRO A 1 241 ? 4.066   9.597   -2.424  1.00 49.99  ? 241 PRO A N   1 
ATOM   1113 C  CA  . PRO A 1 241 ? 5.346   10.281  -2.170  1.00 47.81  ? 241 PRO A CA  1 
ATOM   1114 C  C   . PRO A 1 241 ? 5.461   10.782  -0.743  1.00 46.53  ? 241 PRO A C   1 
ATOM   1115 O  O   . PRO A 1 241 ? 6.514   10.624  -0.116  1.00 50.98  ? 241 PRO A O   1 
ATOM   1116 C  CB  . PRO A 1 241 ? 5.341   11.436  -3.184  1.00 41.57  ? 241 PRO A CB  1 
ATOM   1117 C  CG  . PRO A 1 241 ? 4.387   11.009  -4.240  1.00 53.19  ? 241 PRO A CG  1 
ATOM   1118 C  CD  . PRO A 1 241 ? 3.343   10.187  -3.567  1.00 43.58  ? 241 PRO A CD  1 
ATOM   1119 N  N   . LEU A 1 242 ? 4.398   11.386  -0.211  1.00 39.35  ? 242 LEU A N   1 
ATOM   1120 C  CA  . LEU A 1 242 ? 4.424   11.862  1.167   1.00 50.85  ? 242 LEU A CA  1 
ATOM   1121 C  C   . LEU A 1 242 ? 4.709   10.721  2.139   1.00 51.20  ? 242 LEU A C   1 
ATOM   1122 O  O   . LEU A 1 242 ? 5.625   10.810  2.968   1.00 43.92  ? 242 LEU A O   1 
ATOM   1123 C  CB  . LEU A 1 242 ? 3.095   12.532  1.506   1.00 51.61  ? 242 LEU A CB  1 
ATOM   1124 C  CG  . LEU A 1 242 ? 3.073   13.306  2.824   1.00 64.01  ? 242 LEU A CG  1 
ATOM   1125 C  CD1 . LEU A 1 242 ? 4.127   14.428  2.804   1.00 63.81  ? 242 LEU A CD1 1 
ATOM   1126 C  CD2 . LEU A 1 242 ? 1.666   13.852  3.100   1.00 60.94  ? 242 LEU A CD2 1 
ATOM   1127 N  N   . GLY A 1 243 ? 3.932   9.636   2.044   1.00 49.78  ? 243 GLY A N   1 
ATOM   1128 C  CA  . GLY A 1 243 ? 4.070   8.512   2.951   1.00 42.35  ? 243 GLY A CA  1 
ATOM   1129 C  C   . GLY A 1 243 ? 5.383   7.777   2.815   1.00 43.15  ? 243 GLY A C   1 
ATOM   1130 O  O   . GLY A 1 243 ? 5.814   7.108   3.760   1.00 45.02  ? 243 GLY A O   1 
ATOM   1131 N  N   . ALA A 1 244 ? 6.035   7.888   1.663   1.00 43.45  ? 244 ALA A N   1 
ATOM   1132 C  CA  . ALA A 1 244 ? 7.358   7.293   1.527   1.00 45.33  ? 244 ALA A CA  1 
ATOM   1133 C  C   . ALA A 1 244 ? 8.372   8.049   2.368   1.00 52.01  ? 244 ALA A C   1 
ATOM   1134 O  O   . ALA A 1 244 ? 9.229   7.435   3.014   1.00 51.05  ? 244 ALA A O   1 
ATOM   1135 C  CB  . ALA A 1 244 ? 7.780   7.258   0.058   1.00 44.94  ? 244 ALA A CB  1 
ATOM   1136 N  N   . LEU A 1 245 ? 8.290   9.384   2.368   1.00 49.28  ? 245 LEU A N   1 
ATOM   1137 C  CA  . LEU A 1 245 ? 9.095   10.173  3.291   1.00 48.98  ? 245 LEU A CA  1 
ATOM   1138 C  C   . LEU A 1 245 ? 8.867   9.724   4.722   1.00 47.77  ? 245 LEU A C   1 
ATOM   1139 O  O   . LEU A 1 245 ? 9.821   9.392   5.429   1.00 44.70  ? 245 LEU A O   1 
ATOM   1140 C  CB  . LEU A 1 245 ? 8.795   11.663  3.134   1.00 54.32  ? 245 LEU A CB  1 
ATOM   1141 C  CG  . LEU A 1 245 ? 9.800   12.421  2.260   1.00 50.66  ? 245 LEU A CG  1 
ATOM   1142 C  CD1 . LEU A 1 245 ? 10.138  11.601  1.056   1.00 52.13  ? 245 LEU A CD1 1 
ATOM   1143 C  CD2 . LEU A 1 245 ? 9.244   13.773  1.837   1.00 47.89  ? 245 LEU A CD2 1 
ATOM   1144 N  N   . VAL A 1 246 ? 7.601   9.688   5.162   1.00 48.07  ? 246 VAL A N   1 
ATOM   1145 C  CA  . VAL A 1 246 ? 7.301   9.236   6.523   1.00 52.87  ? 246 VAL A CA  1 
ATOM   1146 C  C   . VAL A 1 246 ? 7.975   7.899   6.812   1.00 52.86  ? 246 VAL A C   1 
ATOM   1147 O  O   . VAL A 1 246 ? 8.551   7.701   7.889   1.00 49.56  ? 246 VAL A O   1 
ATOM   1148 C  CB  . VAL A 1 246 ? 5.780   9.149   6.749   1.00 46.44  ? 246 VAL A CB  1 
ATOM   1149 C  CG1 . VAL A 1 246 ? 5.478   8.400   8.066   1.00 41.04  ? 246 VAL A CG1 1 
ATOM   1150 C  CG2 . VAL A 1 246 ? 5.166   10.541  6.765   1.00 42.41  ? 246 VAL A CG2 1 
ATOM   1151 N  N   . GLY A 1 247 ? 7.939   6.977   5.846   1.00 43.21  ? 247 GLY A N   1 
ATOM   1152 C  CA  . GLY A 1 247 ? 8.496   5.658   6.073   1.00 41.62  ? 247 GLY A CA  1 
ATOM   1153 C  C   . GLY A 1 247 ? 10.006  5.655   6.205   1.00 44.86  ? 247 GLY A C   1 
ATOM   1154 O  O   . GLY A 1 247 ? 10.554  4.907   7.014   1.00 51.98  ? 247 GLY A O   1 
ATOM   1155 N  N   . VAL A 1 248 ? 10.706  6.467   5.405   1.00 51.26  ? 248 VAL A N   1 
ATOM   1156 C  CA  . VAL A 1 248 ? 12.164  6.511   5.538   1.00 52.98  ? 248 VAL A CA  1 
ATOM   1157 C  C   . VAL A 1 248 ? 12.553  7.153   6.861   1.00 48.83  ? 248 VAL A C   1 
ATOM   1158 O  O   . VAL A 1 248 ? 13.592  6.812   7.441   1.00 54.02  ? 248 VAL A O   1 
ATOM   1159 C  CB  . VAL A 1 248 ? 12.852  7.234   4.355   1.00 48.07  ? 248 VAL A CB  1 
ATOM   1160 C  CG1 . VAL A 1 248 ? 12.791  6.407   3.133   1.00 46.38  ? 248 VAL A CG1 1 
ATOM   1161 C  CG2 . VAL A 1 248 ? 12.240  8.576   4.084   1.00 48.81  ? 248 VAL A CG2 1 
ATOM   1162 N  N   . GLY A 1 249 ? 11.729  8.066   7.364   1.00 43.32  ? 249 GLY A N   1 
ATOM   1163 C  CA  . GLY A 1 249 ? 11.990  8.738   8.621   1.00 51.41  ? 249 GLY A CA  1 
ATOM   1164 C  C   . GLY A 1 249 ? 11.975  7.811   9.816   1.00 53.41  ? 249 GLY A C   1 
ATOM   1165 O  O   . GLY A 1 249 ? 12.980  7.676   10.521  1.00 60.63  ? 249 GLY A O   1 
ATOM   1166 N  N   . ILE A 1 250 ? 10.837  7.150   10.044  1.00 47.95  ? 250 ILE A N   1 
ATOM   1167 C  CA  . ILE A 1 250 ? 10.676  6.274   11.202  1.00 46.30  ? 250 ILE A CA  1 
ATOM   1168 C  C   . ILE A 1 250 ? 11.452  4.973   11.091  1.00 48.39  ? 250 ILE A C   1 
ATOM   1169 O  O   . ILE A 1 250 ? 11.427  4.167   12.031  1.00 48.46  ? 250 ILE A O   1 
ATOM   1170 C  CB  . ILE A 1 250 ? 9.179   5.971   11.403  1.00 48.88  ? 250 ILE A CB  1 
ATOM   1171 C  CG1 . ILE A 1 250 ? 8.707   4.975   10.339  1.00 50.08  ? 250 ILE A CG1 1 
ATOM   1172 C  CG2 . ILE A 1 250 ? 8.390   7.268   11.339  1.00 45.73  ? 250 ILE A CG2 1 
ATOM   1173 C  CD1 . ILE A 1 250 ? 7.222   4.752   10.325  1.00 53.68  ? 250 ILE A CD1 1 
ATOM   1174 N  N   . SER A 1 251 ? 12.136  4.726   9.977   1.00 45.93  ? 251 SER A N   1 
ATOM   1175 C  CA  . SER A 1 251 ? 12.934  3.518   9.851   1.00 51.35  ? 251 SER A CA  1 
ATOM   1176 C  C   . SER A 1 251 ? 14.434  3.774   9.939   1.00 58.17  ? 251 SER A C   1 
ATOM   1177 O  O   . SER A 1 251 ? 15.214  2.819   9.870   1.00 54.51  ? 251 SER A O   1 
ATOM   1178 C  CB  . SER A 1 251 ? 12.601  2.804   8.540   1.00 45.47  ? 251 SER A CB  1 
ATOM   1179 O  OG  . SER A 1 251 ? 12.791  3.678   7.446   1.00 54.59  ? 251 SER A OG  1 
ATOM   1180 N  N   . SER A 1 252 ? 14.865  5.020   10.122  1.00 61.65  ? 252 SER A N   1 
ATOM   1181 C  CA  . SER A 1 252 ? 16.285  5.340   10.061  1.00 61.33  ? 252 SER A CA  1 
ATOM   1182 C  C   . SER A 1 252 ? 16.879  5.846   11.374  1.00 67.70  ? 252 SER A C   1 
ATOM   1183 O  O   . SER A 1 252 ? 18.106  5.969   11.465  1.00 75.39  ? 252 SER A O   1 
ATOM   1184 C  CB  . SER A 1 252 ? 16.533  6.379   8.962   1.00 67.85  ? 252 SER A CB  1 
ATOM   1185 O  OG  . SER A 1 252 ? 15.781  7.552   9.220   1.00 73.60  ? 252 SER A OG  1 
ATOM   1186 N  N   . GLY A 1 253 ? 16.066  6.105   12.401  1.00 66.72  ? 253 GLY A N   1 
ATOM   1187 C  CA  . GLY A 1 253 ? 16.595  6.717   13.614  1.00 71.48  ? 253 GLY A CA  1 
ATOM   1188 C  C   . GLY A 1 253 ? 17.499  5.826   14.453  1.00 68.41  ? 253 GLY A C   1 
ATOM   1189 O  O   . GLY A 1 253 ? 18.246  6.342   15.293  1.00 70.68  ? 253 GLY A O   1 
ATOM   1190 N  N   . PHE A 1 254 ? 17.423  4.507   14.269  1.00 63.84  ? 254 PHE A N   1 
ATOM   1191 C  CA  . PHE A 1 254 ? 18.165  3.520   15.050  1.00 57.16  ? 254 PHE A CA  1 
ATOM   1192 C  C   . PHE A 1 254 ? 17.960  2.163   14.386  1.00 57.53  ? 254 PHE A C   1 
ATOM   1193 O  O   . PHE A 1 254 ? 17.079  2.004   13.537  1.00 63.45  ? 254 PHE A O   1 
ATOM   1194 C  CB  . PHE A 1 254 ? 17.753  3.506   16.542  1.00 53.73  ? 254 PHE A CB  1 
ATOM   1195 C  CG  . PHE A 1 254 ? 16.246  3.467   16.799  1.00 58.10  ? 254 PHE A CG  1 
ATOM   1196 C  CD1 . PHE A 1 254 ? 15.661  2.362   17.408  1.00 61.22  ? 254 PHE A CD1 1 
ATOM   1197 C  CD2 . PHE A 1 254 ? 15.425  4.543   16.480  1.00 63.65  ? 254 PHE A CD2 1 
ATOM   1198 C  CE1 . PHE A 1 254 ? 14.285  2.317   17.658  1.00 58.88  ? 254 PHE A CE1 1 
ATOM   1199 C  CE2 . PHE A 1 254 ? 14.046  4.497   16.722  1.00 63.99  ? 254 PHE A CE2 1 
ATOM   1200 C  CZ  . PHE A 1 254 ? 13.479  3.383   17.315  1.00 51.36  ? 254 PHE A CZ  1 
ATOM   1201 N  N   . ALA A 1 255 ? 18.803  1.191   14.746  1.00 54.51  ? 255 ALA A N   1 
ATOM   1202 C  CA  . ALA A 1 255 ? 18.865  -0.022  13.927  1.00 57.07  ? 255 ALA A CA  1 
ATOM   1203 C  C   . ALA A 1 255 ? 17.625  -0.899  14.095  1.00 55.20  ? 255 ALA A C   1 
ATOM   1204 O  O   . ALA A 1 255 ? 17.217  -1.573  13.141  1.00 47.97  ? 255 ALA A O   1 
ATOM   1205 C  CB  . ALA A 1 255 ? 20.138  -0.818  14.233  1.00 38.95  ? 255 ALA A CB  1 
ATOM   1206 N  N   . LEU A 1 256 ? 17.015  -0.911  15.285  1.00 51.20  ? 256 LEU A N   1 
ATOM   1207 C  CA  . LEU A 1 256 ? 15.758  -1.634  15.465  1.00 48.83  ? 256 LEU A CA  1 
ATOM   1208 C  C   . LEU A 1 256 ? 14.593  -0.980  14.724  1.00 51.57  ? 256 LEU A C   1 
ATOM   1209 O  O   . LEU A 1 256 ? 13.610  -1.666  14.418  1.00 45.71  ? 256 LEU A O   1 
ATOM   1210 C  CB  . LEU A 1 256 ? 15.425  -1.762  16.955  1.00 49.26  ? 256 LEU A CB  1 
ATOM   1211 C  CG  . LEU A 1 256 ? 16.033  -2.959  17.699  1.00 48.55  ? 256 LEU A CG  1 
ATOM   1212 C  CD1 . LEU A 1 256 ? 15.563  -2.967  19.135  1.00 47.33  ? 256 LEU A CD1 1 
ATOM   1213 C  CD2 . LEU A 1 256 ? 15.679  -4.284  17.014  1.00 43.21  ? 256 LEU A CD2 1 
ATOM   1214 N  N   . ALA A 1 257 ? 14.680  0.316   14.413  1.00 50.05  ? 257 ALA A N   1 
ATOM   1215 C  CA  . ALA A 1 257 ? 13.579  0.989   13.731  1.00 50.61  ? 257 ALA A CA  1 
ATOM   1216 C  C   . ALA A 1 257 ? 13.213  0.281   12.427  1.00 47.31  ? 257 ALA A C   1 
ATOM   1217 O  O   . ALA A 1 257 ? 12.030  0.188   12.076  1.00 42.31  ? 257 ALA A O   1 
ATOM   1218 C  CB  . ALA A 1 257 ? 13.934  2.456   13.475  1.00 48.69  ? 257 ALA A CB  1 
ATOM   1219 N  N   . TYR A 1 258 ? 14.201  -0.249  11.712  1.00 46.43  ? 258 TYR A N   1 
ATOM   1220 C  CA  . TYR A 1 258 ? 13.930  -0.902  10.433  1.00 41.46  ? 258 TYR A CA  1 
ATOM   1221 C  C   . TYR A 1 258 ? 12.959  -2.068  10.605  1.00 45.20  ? 258 TYR A C   1 
ATOM   1222 O  O   . TYR A 1 258 ? 11.798  -1.940  10.187  1.00 43.83  ? 258 TYR A O   1 
ATOM   1223 C  CB  . TYR A 1 258 ? 15.243  -1.337  9.775   1.00 37.55  ? 258 TYR A CB  1 
ATOM   1224 C  CG  . TYR A 1 258 ? 15.101  -2.009  8.441   1.00 40.04  ? 258 TYR A CG  1 
ATOM   1225 C  CD1 . TYR A 1 258 ? 14.301  -1.459  7.449   1.00 50.35  ? 258 TYR A CD1 1 
ATOM   1226 C  CD2 . TYR A 1 258 ? 15.797  -3.174  8.155   1.00 42.89  ? 258 TYR A CD2 1 
ATOM   1227 C  CE1 . TYR A 1 258 ? 14.188  -2.050  6.208   1.00 51.86  ? 258 TYR A CE1 1 
ATOM   1228 C  CE2 . TYR A 1 258 ? 15.693  -3.784  6.909   1.00 48.43  ? 258 TYR A CE2 1 
ATOM   1229 C  CZ  . TYR A 1 258 ? 14.886  -3.214  5.943   1.00 59.45  ? 258 TYR A CZ  1 
ATOM   1230 O  OH  . TYR A 1 258 ? 14.762  -3.800  4.709   1.00 57.13  ? 258 TYR A OH  1 
ATOM   1231 N  N   . PRO A 1 259 ? 13.341  -3.192  11.240  1.00 50.15  ? 259 PRO A N   1 
ATOM   1232 C  CA  . PRO A 1 259 ? 12.367  -4.293  11.380  1.00 41.60  ? 259 PRO A CA  1 
ATOM   1233 C  C   . PRO A 1 259 ? 11.079  -3.895  12.088  1.00 40.29  ? 259 PRO A C   1 
ATOM   1234 O  O   . PRO A 1 259 ? 10.026  -4.467  11.768  1.00 40.50  ? 259 PRO A O   1 
ATOM   1235 C  CB  . PRO A 1 259 ? 13.142  -5.346  12.185  1.00 45.34  ? 259 PRO A CB  1 
ATOM   1236 C  CG  . PRO A 1 259 ? 14.095  -4.550  12.988  1.00 40.90  ? 259 PRO A CG  1 
ATOM   1237 C  CD  . PRO A 1 259 ? 14.556  -3.473  12.035  1.00 42.08  ? 259 PRO A CD  1 
ATOM   1238 N  N   . ILE A 1 260 ? 11.123  -2.953  13.045  1.00 34.77  ? 260 ILE A N   1 
ATOM   1239 C  CA  . ILE A 1 260 ? 9.884   -2.461  13.644  1.00 32.89  ? 260 ILE A CA  1 
ATOM   1240 C  C   . ILE A 1 260 ? 9.024   -1.801  12.579  1.00 35.31  ? 260 ILE A C   1 
ATOM   1241 O  O   . ILE A 1 260 ? 7.847   -2.139  12.402  1.00 33.57  ? 260 ILE A O   1 
ATOM   1242 C  CB  . ILE A 1 260 ? 10.170  -1.487  14.804  1.00 39.34  ? 260 ILE A CB  1 
ATOM   1243 C  CG1 . ILE A 1 260 ? 10.913  -2.150  15.959  1.00 42.72  ? 260 ILE A CG1 1 
ATOM   1244 C  CG2 . ILE A 1 260 ? 8.873   -0.918  15.377  1.00 30.06  ? 260 ILE A CG2 1 
ATOM   1245 C  CD1 . ILE A 1 260 ? 11.615  -1.116  16.885  1.00 40.29  ? 260 ILE A CD1 1 
ATOM   1246 N  N   . SER A 1 261 ? 9.606   -0.854  11.846  1.00 36.31  ? 261 SER A N   1 
ATOM   1247 C  CA  . SER A 1 261 ? 8.873   -0.166  10.786  1.00 36.48  ? 261 SER A CA  1 
ATOM   1248 C  C   . SER A 1 261 ? 8.313   -1.140  9.759   1.00 38.11  ? 261 SER A C   1 
ATOM   1249 O  O   . SER A 1 261 ? 7.208   -0.929  9.232   1.00 30.87  ? 261 SER A O   1 
ATOM   1250 C  CB  . SER A 1 261 ? 9.783   0.851   10.098  1.00 34.23  ? 261 SER A CB  1 
ATOM   1251 O  OG  . SER A 1 261 ? 10.148  1.875   11.000  1.00 40.14  ? 261 SER A OG  1 
HETATM 1252 N  N   . MSE A 1 262 ? 9.039   -2.206  9.489   1.00 35.46  ? 262 MSE A N   1 
HETATM 1253 C  CA  . MSE A 1 262 ? 8.600   -3.215  8.559   1.00 37.31  ? 262 MSE A CA  1 
HETATM 1254 C  C   . MSE A 1 262 ? 7.364   -3.861  9.055   1.00 42.44  ? 262 MSE A C   1 
HETATM 1255 O  O   . MSE A 1 262 ? 6.451   -3.990  8.256   1.00 41.30  ? 262 MSE A O   1 
HETATM 1256 C  CB  . MSE A 1 262 ? 9.644   -4.262  8.353   1.00 37.48  ? 262 MSE A CB  1 
HETATM 1257 C  CG  . MSE A 1 262 ? 10.850  -3.668  7.684   1.00 47.20  ? 262 MSE A CG  1 
HETATM 1258 SE SE  . MSE A 1 262 ? 10.485  -3.526  5.794   1.00 88.00  ? 262 MSE A SE  1 
HETATM 1259 C  CE  . MSE A 1 262 ? 11.723  -4.971  5.409   1.00 52.33  ? 262 MSE A CE  1 
ATOM   1260 N  N   . GLY A 1 263 ? 7.329   -4.313  10.304  1.00 38.63  ? 263 GLY A N   1 
ATOM   1261 C  CA  . GLY A 1 263 ? 6.127   -4.846  10.920  1.00 35.46  ? 263 GLY A CA  1 
ATOM   1262 C  C   . GLY A 1 263 ? 5.008   -3.827  10.971  1.00 37.12  ? 263 GLY A C   1 
ATOM   1263 O  O   . GLY A 1 263 ? 3.840   -4.157  10.755  1.00 36.69  ? 263 GLY A O   1 
ATOM   1264 N  N   . LEU A 1 264 ? 5.352   -2.568  11.238  1.00 37.36  ? 264 LEU A N   1 
ATOM   1265 C  CA  . LEU A 1 264 ? 4.340   -1.523  11.350  1.00 34.93  ? 264 LEU A CA  1 
ATOM   1266 C  C   . LEU A 1 264 ? 3.589   -1.334  10.037  1.00 40.71  ? 264 LEU A C   1 
ATOM   1267 O  O   . LEU A 1 264 ? 2.351   -1.286  10.025  1.00 35.33  ? 264 LEU A O   1 
ATOM   1268 C  CB  . LEU A 1 264 ? 4.998   -0.229  11.790  1.00 36.31  ? 264 LEU A CB  1 
ATOM   1269 C  CG  . LEU A 1 264 ? 4.138   0.813   12.490  1.00 41.00  ? 264 LEU A CG  1 
ATOM   1270 C  CD1 . LEU A 1 264 ? 5.051   1.769   13.236  1.00 44.97  ? 264 LEU A CD1 1 
ATOM   1271 C  CD2 . LEU A 1 264 ? 3.288   1.567   11.491  1.00 47.11  ? 264 LEU A CD2 1 
ATOM   1272 N  N   . ALA A 1 265 ? 4.322   -1.233  8.915   1.00 42.36  ? 265 ALA A N   1 
ATOM   1273 C  CA  . ALA A 1 265 ? 3.668   -1.016  7.619   1.00 35.26  ? 265 ALA A CA  1 
ATOM   1274 C  C   . ALA A 1 265 ? 2.847   -2.229  7.211   1.00 36.39  ? 265 ALA A C   1 
ATOM   1275 O  O   . ALA A 1 265 ? 1.724   -2.083  6.716   1.00 37.48  ? 265 ALA A O   1 
ATOM   1276 C  CB  . ALA A 1 265 ? 4.691   -0.684  6.537   1.00 32.07  ? 265 ALA A CB  1 
ATOM   1277 N  N   . ALA A 1 266 ? 3.381   -3.437  7.426   1.00 37.73  ? 266 ALA A N   1 
ATOM   1278 C  CA  . ALA A 1 266 ? 2.566   -4.630  7.225   1.00 34.78  ? 266 ALA A CA  1 
ATOM   1279 C  C   . ALA A 1 266 ? 1.325   -4.590  8.108   1.00 38.00  ? 266 ALA A C   1 
ATOM   1280 O  O   . ALA A 1 266 ? 0.209   -4.852  7.642   1.00 40.45  ? 266 ALA A O   1 
ATOM   1281 C  CB  . ALA A 1 266 ? 3.385   -5.885  7.489   1.00 34.54  ? 266 ALA A CB  1 
ATOM   1282 N  N   . GLY A 1 267 ? 1.496   -4.235  9.380   1.00 39.77  ? 267 GLY A N   1 
ATOM   1283 C  CA  . GLY A 1 267 ? 0.357   -4.135  10.268  1.00 38.97  ? 267 GLY A CA  1 
ATOM   1284 C  C   . GLY A 1 267 ? -0.663  -3.157  9.725   1.00 37.43  ? 267 GLY A C   1 
ATOM   1285 O  O   . GLY A 1 267 ? -1.830  -3.499  9.538   1.00 41.01  ? 267 GLY A O   1 
ATOM   1286 N  N   . ALA A 1 268 ? -0.225  -1.932  9.443   1.00 41.29  ? 268 ALA A N   1 
ATOM   1287 C  CA  . ALA A 1 268 ? -1.140  -0.941  8.895   1.00 38.52  ? 268 ALA A CA  1 
ATOM   1288 C  C   . ALA A 1 268 ? -1.847  -1.483  7.656   1.00 41.91  ? 268 ALA A C   1 
ATOM   1289 O  O   . ALA A 1 268 ? -3.078  -1.414  7.546   1.00 42.87  ? 268 ALA A O   1 
ATOM   1290 C  CB  . ALA A 1 268 ? -0.377  0.348   8.586   1.00 36.15  ? 268 ALA A CB  1 
HETATM 1291 N  N   . MSE A 1 269 ? -1.090  -2.088  6.745   1.00 40.30  ? 269 MSE A N   1 
HETATM 1292 C  CA  . MSE A 1 269 ? -1.626  -2.533  5.457   1.00 42.38  ? 269 MSE A CA  1 
HETATM 1293 C  C   . MSE A 1 269 ? -2.602  -3.723  5.522   1.00 49.48  ? 269 MSE A C   1 
HETATM 1294 O  O   . MSE A 1 269 ? -3.574  -3.781  4.773   1.00 46.53  ? 269 MSE A O   1 
HETATM 1295 C  CB  . MSE A 1 269 ? -0.473  -2.883  4.544   1.00 43.03  ? 269 MSE A CB  1 
HETATM 1296 C  CG  . MSE A 1 269 ? -0.862  -2.943  3.102   1.00 57.68  ? 269 MSE A CG  1 
HETATM 1297 SE SE  . MSE A 1 269 ? 0.565   -2.142  2.058   1.00 86.99  ? 269 MSE A SE  1 
HETATM 1298 C  CE  . MSE A 1 269 ? 1.978   -3.346  2.496   1.00 54.40  ? 269 MSE A CE  1 
ATOM   1299 N  N   . ILE A 1 270 ? -2.329  -4.679  6.411   1.00 47.28  ? 270 ILE A N   1 
ATOM   1300 C  CA  . ILE A 1 270 ? -3.265  -5.772  6.637   1.00 45.27  ? 270 ILE A CA  1 
ATOM   1301 C  C   . ILE A 1 270 ? -4.578  -5.240  7.194   1.00 49.49  ? 270 ILE A C   1 
ATOM   1302 O  O   . ILE A 1 270 ? -5.660  -5.751  6.876   1.00 51.89  ? 270 ILE A O   1 
ATOM   1303 C  CB  . ILE A 1 270 ? -2.625  -6.814  7.570   1.00 48.78  ? 270 ILE A CB  1 
ATOM   1304 C  CG1 . ILE A 1 270 ? -1.370  -7.381  6.898   1.00 47.01  ? 270 ILE A CG1 1 
ATOM   1305 C  CG2 . ILE A 1 270 ? -3.636  -7.919  7.969   1.00 47.25  ? 270 ILE A CG2 1 
ATOM   1306 C  CD1 . ILE A 1 270 ? -0.578  -8.324  7.770   1.00 42.73  ? 270 ILE A CD1 1 
ATOM   1307 N  N   . PHE A 1 271 ? -4.504  -4.199  8.025   1.00 47.37  ? 271 PHE A N   1 
ATOM   1308 C  CA  . PHE A 1 271 ? -5.713  -3.589  8.574   1.00 51.22  ? 271 PHE A CA  1 
ATOM   1309 C  C   . PHE A 1 271 ? -6.620  -3.094  7.461   1.00 50.09  ? 271 PHE A C   1 
ATOM   1310 O  O   . PHE A 1 271 ? -7.737  -3.594  7.290   1.00 53.99  ? 271 PHE A O   1 
ATOM   1311 C  CB  . PHE A 1 271 ? -5.362  -2.433  9.525   1.00 51.71  ? 271 PHE A CB  1 
ATOM   1312 C  CG  . PHE A 1 271 ? -6.566  -1.798  10.187  1.00 56.54  ? 271 PHE A CG  1 
ATOM   1313 C  CD1 . PHE A 1 271 ? -7.161  -2.390  11.292  1.00 58.10  ? 271 PHE A CD1 1 
ATOM   1314 C  CD2 . PHE A 1 271 ? -7.110  -0.621  9.696   1.00 57.52  ? 271 PHE A CD2 1 
ATOM   1315 C  CE1 . PHE A 1 271 ? -8.270  -1.813  11.898  1.00 62.17  ? 271 PHE A CE1 1 
ATOM   1316 C  CE2 . PHE A 1 271 ? -8.221  -0.035  10.301  1.00 58.70  ? 271 PHE A CE2 1 
ATOM   1317 C  CZ  . PHE A 1 271 ? -8.795  -0.632  11.399  1.00 65.42  ? 271 PHE A CZ  1 
ATOM   1318 N  N   . VAL A 1 272 ? -6.154  -2.110  6.687   1.00 47.40  ? 272 VAL A N   1 
ATOM   1319 C  CA  . VAL A 1 272 ? -7.022  -1.529  5.667   1.00 54.87  ? 272 VAL A CA  1 
ATOM   1320 C  C   . VAL A 1 272 ? -7.602  -2.613  4.758   1.00 55.85  ? 272 VAL A C   1 
ATOM   1321 O  O   . VAL A 1 272 ? -8.780  -2.553  4.398   1.00 58.09  ? 272 VAL A O   1 
ATOM   1322 C  CB  . VAL A 1 272 ? -6.275  -0.435  4.874   1.00 54.98  ? 272 VAL A CB  1 
ATOM   1323 C  CG1 . VAL A 1 272 ? -5.493  0.455   5.826   1.00 45.03  ? 272 VAL A CG1 1 
ATOM   1324 C  CG2 . VAL A 1 272 ? -5.380  -1.012  3.865   1.00 56.32  ? 272 VAL A CG2 1 
ATOM   1325 N  N   . VAL A 1 273 ? -6.834  -3.663  4.454   1.00 50.29  ? 273 VAL A N   1 
ATOM   1326 C  CA  . VAL A 1 273 ? -7.395  -4.778  3.695   1.00 53.15  ? 273 VAL A CA  1 
ATOM   1327 C  C   . VAL A 1 273 ? -8.460  -5.503  4.513   1.00 51.81  ? 273 VAL A C   1 
ATOM   1328 O  O   . VAL A 1 273 ? -9.554  -5.788  4.019   1.00 55.81  ? 273 VAL A O   1 
ATOM   1329 C  CB  . VAL A 1 273 ? -6.297  -5.754  3.243   1.00 52.27  ? 273 VAL A CB  1 
ATOM   1330 C  CG1 . VAL A 1 273 ? -6.937  -6.891  2.464   1.00 49.98  ? 273 VAL A CG1 1 
ATOM   1331 C  CG2 . VAL A 1 273 ? -5.252  -5.056  2.404   1.00 44.13  ? 273 VAL A CG2 1 
ATOM   1332 N  N   . SER A 1 274 ? -8.144  -5.841  5.765   1.00 56.62  ? 274 SER A N   1 
ATOM   1333 C  CA  . SER A 1 274 ? -9.134  -6.490  6.625   1.00 59.68  ? 274 SER A CA  1 
ATOM   1334 C  C   . SER A 1 274 ? -10.347 -5.596  6.856   1.00 62.70  ? 274 SER A C   1 
ATOM   1335 O  O   . SER A 1 274 ? -11.474 -6.091  6.959   1.00 62.48  ? 274 SER A O   1 
ATOM   1336 C  CB  . SER A 1 274 ? -8.508  -6.871  7.972   1.00 58.95  ? 274 SER A CB  1 
ATOM   1337 O  OG  . SER A 1 274 ? -7.313  -7.622  7.817   1.00 54.68  ? 274 SER A OG  1 
ATOM   1338 N  N   . HIS A 1 275 ? -10.136 -4.301  6.993   1.00 63.96  ? 275 HIS A N   1 
ATOM   1339 C  CA  . HIS A 1 275 ? -11.222 -3.371  7.284   1.00 67.15  ? 275 HIS A CA  1 
ATOM   1340 C  C   . HIS A 1 275 ? -11.919 -2.833  6.077   1.00 66.24  ? 275 HIS A C   1 
ATOM   1341 O  O   . HIS A 1 275 ? -13.103 -2.642  6.119   1.00 74.77  ? 275 HIS A O   1 
ATOM   1342 C  CB  . HIS A 1 275 ? -10.710 -2.191  8.116   1.00 71.21  ? 275 HIS A CB  1 
ATOM   1343 C  CG  . HIS A 1 275 ? -11.657 -1.718  9.180   1.00 79.02  ? 275 HIS A CG  1 
ATOM   1344 N  ND1 . HIS A 1 275 ? -12.176 -2.551  10.146  1.00 80.31  ? 275 HIS A ND1 1 
ATOM   1345 C  CD2 . HIS A 1 275 ? -12.136 -0.482  9.459   1.00 87.72  ? 275 HIS A CD2 1 
ATOM   1346 C  CE1 . HIS A 1 275 ? -12.958 -1.857  10.952  1.00 86.58  ? 275 HIS A CE1 1 
ATOM   1347 N  NE2 . HIS A 1 275 ? -12.950 -0.597  10.561  1.00 91.78  ? 275 HIS A NE2 1 
ATOM   1348 N  N   . GLU A 1 276 ? -11.188 -2.529  5.024   1.00 64.04  ? 276 GLU A N   1 
ATOM   1349 C  CA  . GLU A 1 276 ? -11.809 -2.014  3.821   1.00 65.77  ? 276 GLU A CA  1 
ATOM   1350 C  C   . GLU A 1 276 ? -12.739 -2.997  3.142   1.00 62.41  ? 276 GLU A C   1 
ATOM   1351 O  O   . GLU A 1 276 ? -13.771 -2.618  2.654   1.00 72.13  ? 276 GLU A O   1 
ATOM   1352 C  CB  . GLU A 1 276 ? -10.773 -1.508  2.830   1.00 61.11  ? 276 GLU A CB  1 
ATOM   1353 N  N   . VAL A 1 277 ? -12.377 -4.263  3.094   1.00 66.39  ? 277 VAL A N   1 
ATOM   1354 C  CA  . VAL A 1 277 ? -13.232 -5.252  2.447   1.00 75.91  ? 277 VAL A CA  1 
ATOM   1355 C  C   . VAL A 1 277 ? -13.445 -6.533  3.268   1.00 74.80  ? 277 VAL A C   1 
ATOM   1356 O  O   . VAL A 1 277 ? -14.400 -7.268  3.048   1.00 69.62  ? 277 VAL A O   1 
ATOM   1357 C  CB  . VAL A 1 277 ? -12.702 -5.590  1.044   1.00 61.68  ? 277 VAL A CB  1 
ATOM   1358 N  N   . THR A 1 289 ? -15.782 -13.717 -7.498  1.00 54.14  ? 289 THR A N   1 
ATOM   1359 C  CA  . THR A 1 289 ? -15.234 -12.712 -8.409  1.00 57.50  ? 289 THR A CA  1 
ATOM   1360 C  C   . THR A 1 289 ? -14.145 -11.903 -7.727  1.00 56.78  ? 289 THR A C   1 
ATOM   1361 O  O   . THR A 1 289 ? -13.104 -11.622 -8.321  1.00 56.13  ? 289 THR A O   1 
ATOM   1362 C  CB  . THR A 1 289 ? -16.323 -11.754 -8.933  1.00 64.62  ? 289 THR A CB  1 
ATOM   1363 O  OG1 . THR A 1 289 ? -17.138 -12.435 -9.894  1.00 74.22  ? 289 THR A OG1 1 
ATOM   1364 C  CG2 . THR A 1 289 ? -15.707 -10.521 -9.594  1.00 55.90  ? 289 THR A CG2 1 
ATOM   1365 N  N   . ALA A 1 290 ? -14.383 -11.529 -6.471  1.00 55.07  ? 290 ALA A N   1 
ATOM   1366 C  CA  . ALA A 1 290 ? -13.351 -10.831 -5.720  1.00 54.37  ? 290 ALA A CA  1 
ATOM   1367 C  C   . ALA A 1 290 ? -12.247 -11.777 -5.266  1.00 54.35  ? 290 ALA A C   1 
ATOM   1368 O  O   . ALA A 1 290 ? -11.094 -11.352 -5.116  1.00 51.77  ? 290 ALA A O   1 
ATOM   1369 C  CB  . ALA A 1 290 ? -13.967 -10.109 -4.524  1.00 49.22  ? 290 ALA A CB  1 
ATOM   1370 N  N   . THR A 1 291 ? -12.564 -13.052 -5.050  1.00 50.43  ? 291 THR A N   1 
ATOM   1371 C  CA  . THR A 1 291 ? -11.525 -13.991 -4.651  1.00 58.01  ? 291 THR A CA  1 
ATOM   1372 C  C   . THR A 1 291 ? -10.730 -14.490 -5.847  1.00 55.80  ? 291 THR A C   1 
ATOM   1373 O  O   . THR A 1 291 ? -9.568  -14.890 -5.685  1.00 55.81  ? 291 THR A O   1 
ATOM   1374 C  CB  . THR A 1 291 ? -12.121 -15.173 -3.862  1.00 62.89  ? 291 THR A CB  1 
ATOM   1375 O  OG1 . THR A 1 291 ? -13.314 -15.645 -4.497  1.00 70.62  ? 291 THR A OG1 1 
ATOM   1376 C  CG2 . THR A 1 291 ? -12.467 -14.749 -2.443  1.00 58.31  ? 291 THR A CG2 1 
ATOM   1377 N  N   . VAL A 1 292 ? -11.326 -14.463 -7.041  1.00 48.91  ? 292 VAL A N   1 
ATOM   1378 C  CA  . VAL A 1 292 ? -10.532 -14.591 -8.259  1.00 52.39  ? 292 VAL A CA  1 
ATOM   1379 C  C   . VAL A 1 292 ? -9.533  -13.449 -8.342  1.00 50.94  ? 292 VAL A C   1 
ATOM   1380 O  O   . VAL A 1 292 ? -8.341  -13.652 -8.609  1.00 49.25  ? 292 VAL A O   1 
ATOM   1381 C  CB  . VAL A 1 292 ? -11.445 -14.624 -9.494  1.00 49.59  ? 292 VAL A CB  1 
ATOM   1382 C  CG1 . VAL A 1 292 ? -10.608 -14.657 -10.781 1.00 45.83  ? 292 VAL A CG1 1 
ATOM   1383 C  CG2 . VAL A 1 292 ? -12.391 -15.814 -9.399  1.00 50.16  ? 292 VAL A CG2 1 
ATOM   1384 N  N   . GLY A 1 293 ? -10.009 -12.224 -8.115  1.00 47.60  ? 293 GLY A N   1 
ATOM   1385 C  CA  . GLY A 1 293 ? -9.092  -11.108 -8.004  1.00 39.94  ? 293 GLY A CA  1 
ATOM   1386 C  C   . GLY A 1 293 ? -8.079  -11.323 -6.903  1.00 45.22  ? 293 GLY A C   1 
ATOM   1387 O  O   . GLY A 1 293 ? -6.877  -11.104 -7.095  1.00 42.51  ? 293 GLY A O   1 
ATOM   1388 N  N   . LEU A 1 294 ? -8.537  -11.791 -5.741  1.00 45.14  ? 294 LEU A N   1 
ATOM   1389 C  CA  . LEU A 1 294 ? -7.612  -11.916 -4.622  1.00 47.16  ? 294 LEU A CA  1 
ATOM   1390 C  C   . LEU A 1 294 ? -6.543  -12.972 -4.901  1.00 52.08  ? 294 LEU A C   1 
ATOM   1391 O  O   . LEU A 1 294 ? -5.349  -12.724 -4.690  1.00 48.52  ? 294 LEU A O   1 
ATOM   1392 C  CB  . LEU A 1 294 ? -8.366  -12.212 -3.333  1.00 44.54  ? 294 LEU A CB  1 
ATOM   1393 C  CG  . LEU A 1 294 ? -7.446  -12.020 -2.164  1.00 47.67  ? 294 LEU A CG  1 
ATOM   1394 C  CD1 . LEU A 1 294 ? -8.073  -11.146 -1.184  1.00 44.00  ? 294 LEU A CD1 1 
ATOM   1395 C  CD2 . LEU A 1 294 ? -7.056  -13.308 -1.542  1.00 52.91  ? 294 LEU A CD2 1 
HETATM 1396 N  N   . MSE A 1 295 ? -6.909  -14.104 -5.453  1.00 47.74  ? 295 MSE A N   1 
HETATM 1397 C  CA  . MSE A 1 295 ? -5.911  -15.079 -5.747  1.00 47.37  ? 295 MSE A CA  1 
HETATM 1398 C  C   . MSE A 1 295 ? -4.990  -14.542 -6.759  1.00 45.33  ? 295 MSE A C   1 
HETATM 1399 O  O   . MSE A 1 295 ? -3.788  -14.650 -6.610  1.00 43.30  ? 295 MSE A O   1 
HETATM 1400 C  CB  . MSE A 1 295 ? -6.612  -16.251 -6.320  1.00 54.03  ? 295 MSE A CB  1 
HETATM 1401 C  CG  . MSE A 1 295 ? -7.280  -16.952 -5.169  1.00 67.42  ? 295 MSE A CG  1 
HETATM 1402 SE SE  . MSE A 1 295 ? -8.217  -18.406 -6.034  1.00 129.53 ? 295 MSE A SE  1 
HETATM 1403 C  CE  . MSE A 1 295 ? -7.060  -18.572 -7.612  1.00 64.18  ? 295 MSE A CE  1 
ATOM   1404 N  N   . ALA A 1 296 ? -5.516  -13.979 -7.815  1.00 42.04  ? 296 ALA A N   1 
ATOM   1405 C  CA  . ALA A 1 296 ? -4.643  -13.357 -8.805  1.00 45.87  ? 296 ALA A CA  1 
ATOM   1406 C  C   . ALA A 1 296 ? -3.596  -12.476 -8.131  1.00 47.41  ? 296 ALA A C   1 
ATOM   1407 O  O   . ALA A 1 296 ? -2.385  -12.678 -8.304  1.00 44.27  ? 296 ALA A O   1 
ATOM   1408 C  CB  . ALA A 1 296 ? -5.469  -12.540 -9.790  1.00 39.26  ? 296 ALA A CB  1 
ATOM   1409 N  N   . GLY A 1 297 ? -4.052  -11.503 -7.332  1.00 41.94  ? 297 GLY A N   1 
ATOM   1410 C  CA  . GLY A 1 297 ? -3.120  -10.570 -6.713  1.00 44.05  ? 297 GLY A CA  1 
ATOM   1411 C  C   . GLY A 1 297 ? -2.137  -11.252 -5.784  1.00 44.84  ? 297 GLY A C   1 
ATOM   1412 O  O   . GLY A 1 297 ? -0.987  -10.821 -5.660  1.00 43.54  ? 297 GLY A O   1 
ATOM   1413 N  N   . PHE A 1 298 ? -2.564  -12.335 -5.138  1.00 41.59  ? 298 PHE A N   1 
ATOM   1414 C  CA  . PHE A 1 298 ? -1.669  -13.064 -4.252  1.00 44.10  ? 298 PHE A CA  1 
ATOM   1415 C  C   . PHE A 1 298 ? -0.720  -13.975 -5.033  1.00 47.60  ? 298 PHE A C   1 
ATOM   1416 O  O   . PHE A 1 298 ? 0.452   -14.108 -4.665  1.00 51.09  ? 298 PHE A O   1 
ATOM   1417 C  CB  . PHE A 1 298 ? -2.494  -13.868 -3.248  1.00 46.52  ? 298 PHE A CB  1 
ATOM   1418 C  CG  . PHE A 1 298 ? -1.821  -14.060 -1.938  1.00 44.51  ? 298 PHE A CG  1 
ATOM   1419 C  CD1 . PHE A 1 298 ? -0.834  -15.019 -1.793  1.00 49.21  ? 298 PHE A CD1 1 
ATOM   1420 C  CD2 . PHE A 1 298 ? -2.170  -13.280 -0.849  1.00 49.37  ? 298 PHE A CD2 1 
ATOM   1421 C  CE1 . PHE A 1 298 ? -0.194  -15.195 -0.584  1.00 55.11  ? 298 PHE A CE1 1 
ATOM   1422 C  CE2 . PHE A 1 298 ? -1.541  -13.455 0.376   1.00 49.86  ? 298 PHE A CE2 1 
ATOM   1423 C  CZ  . PHE A 1 298 ? -0.548  -14.412 0.507   1.00 53.99  ? 298 PHE A CZ  1 
ATOM   1424 N  N   . ALA A 1 299 ? -1.196  -14.618 -6.108  1.00 45.62  ? 299 ALA A N   1 
ATOM   1425 C  CA  . ALA A 1 299 ? -0.278  -15.408 -6.923  1.00 42.56  ? 299 ALA A CA  1 
ATOM   1426 C  C   . ALA A 1 299 ? 0.706   -14.509 -7.651  1.00 44.34  ? 299 ALA A C   1 
ATOM   1427 O  O   . ALA A 1 299 ? 1.890   -14.847 -7.781  1.00 45.44  ? 299 ALA A O   1 
ATOM   1428 C  CB  . ALA A 1 299 ? -1.046  -16.282 -7.915  1.00 38.99  ? 299 ALA A CB  1 
ATOM   1429 N  N   . LEU A 1 300 ? 0.250   -13.353 -8.082  1.00 44.51  ? 300 LEU A N   1 
ATOM   1430 C  CA  . LEU A 1 300 ? 1.110   -12.429 -8.770  1.00 46.01  ? 300 LEU A CA  1 
ATOM   1431 C  C   . LEU A 1 300 ? 2.218   -11.899 -7.914  1.00 46.18  ? 300 LEU A C   1 
ATOM   1432 O  O   . LEU A 1 300 ? 3.302   -11.713 -8.377  1.00 42.33  ? 300 LEU A O   1 
ATOM   1433 C  CB  . LEU A 1 300 ? 0.312   -11.297 -9.379  1.00 44.42  ? 300 LEU A CB  1 
ATOM   1434 C  CG  . LEU A 1 300 ? 1.133   -10.353 -10.229 1.00 44.45  ? 300 LEU A CG  1 
ATOM   1435 C  CD1 . LEU A 1 300 ? 1.635   -11.081 -11.444 1.00 40.05  ? 300 LEU A CD1 1 
ATOM   1436 C  CD2 . LEU A 1 300 ? 0.314   -9.172  -10.639 1.00 42.60  ? 300 LEU A CD2 1 
HETATM 1437 N  N   . MSE A 1 301 ? 1.923   -11.589 -6.676  1.00 46.92  ? 301 MSE A N   1 
HETATM 1438 C  CA  . MSE A 1 301 ? 2.918   -11.102 -5.767  1.00 47.19  ? 301 MSE A CA  1 
HETATM 1439 C  C   . MSE A 1 301 ? 3.942   -12.136 -5.446  1.00 47.45  ? 301 MSE A C   1 
HETATM 1440 O  O   . MSE A 1 301 ? 5.092   -11.792 -5.247  1.00 43.72  ? 301 MSE A O   1 
HETATM 1441 C  CB  . MSE A 1 301 ? 2.246   -10.460 -4.578  1.00 49.68  ? 301 MSE A CB  1 
HETATM 1442 C  CG  . MSE A 1 301 ? 3.147   -10.588 -3.384  1.00 57.85  ? 301 MSE A CG  1 
HETATM 1443 SE SE  . MSE A 1 301 ? 4.462   -9.179  -3.409  0.78 97.17  ? 301 MSE A SE  1 
HETATM 1444 C  CE  . MSE A 1 301 ? 5.812   -9.959  -2.254  1.00 62.77  ? 301 MSE A CE  1 
HETATM 1445 N  N   . MSE A 1 302 ? 3.549   -13.381 -5.300  1.00 45.67  ? 302 MSE A N   1 
HETATM 1446 C  CA  . MSE A 1 302 ? 4.493   -14.427 -5.060  1.00 45.88  ? 302 MSE A CA  1 
HETATM 1447 C  C   . MSE A 1 302 ? 5.377   -14.532 -6.245  1.00 46.31  ? 302 MSE A C   1 
HETATM 1448 O  O   . MSE A 1 302 ? 6.562   -14.688 -6.092  1.00 47.11  ? 302 MSE A O   1 
HETATM 1449 C  CB  . MSE A 1 302 ? 3.751   -15.719 -4.973  1.00 50.82  ? 302 MSE A CB  1 
HETATM 1450 C  CG  . MSE A 1 302 ? 3.198   -15.947 -3.588  1.00 57.58  ? 302 MSE A CG  1 
HETATM 1451 SE SE  . MSE A 1 302 ? 2.281   -17.666 -3.552  1.00 105.95 ? 302 MSE A SE  1 
HETATM 1452 C  CE  . MSE A 1 302 ? 3.782   -18.681 -2.817  1.00 59.89  ? 302 MSE A CE  1 
ATOM   1453 N  N   . PHE A 1 303 ? 4.839   -14.480 -7.439  1.00 42.77  ? 303 PHE A N   1 
ATOM   1454 C  CA  . PHE A 1 303 ? 5.690   -14.488 -8.621  1.00 41.17  ? 303 PHE A CA  1 
ATOM   1455 C  C   . PHE A 1 303 ? 6.720   -13.369 -8.560  1.00 43.97  ? 303 PHE A C   1 
ATOM   1456 O  O   . PHE A 1 303 ? 7.906   -13.596 -8.817  1.00 42.29  ? 303 PHE A O   1 
ATOM   1457 C  CB  . PHE A 1 303 ? 4.865   -14.374 -9.893  1.00 40.91  ? 303 PHE A CB  1 
ATOM   1458 C  CG  . PHE A 1 303 ? 5.686   -14.039 -11.081 1.00 41.05  ? 303 PHE A CG  1 
ATOM   1459 C  CD1 . PHE A 1 303 ? 6.677   -14.906 -11.513 1.00 41.32  ? 303 PHE A CD1 1 
ATOM   1460 C  CD2 . PHE A 1 303 ? 5.514   -12.824 -11.741 1.00 38.41  ? 303 PHE A CD2 1 
ATOM   1461 C  CE1 . PHE A 1 303 ? 7.469   -14.577 -12.612 1.00 43.36  ? 303 PHE A CE1 1 
ATOM   1462 C  CE2 . PHE A 1 303 ? 6.291   -12.486 -12.835 1.00 34.19  ? 303 PHE A CE2 1 
ATOM   1463 C  CZ  . PHE A 1 303 ? 7.269   -13.364 -13.275 1.00 41.06  ? 303 PHE A CZ  1 
ATOM   1464 N  N   . LEU A 1 304 ? 6.286   -12.156 -8.194  1.00 49.54  ? 304 LEU A N   1 
ATOM   1465 C  CA  . LEU A 1 304 ? 7.190   -11.004 -8.109  1.00 45.96  ? 304 LEU A CA  1 
ATOM   1466 C  C   . LEU A 1 304 ? 8.258   -11.195 -7.037  1.00 52.13  ? 304 LEU A C   1 
ATOM   1467 O  O   . LEU A 1 304 ? 9.398   -10.739 -7.202  1.00 50.85  ? 304 LEU A O   1 
ATOM   1468 C  CB  . LEU A 1 304 ? 6.403   -9.729  -7.812  1.00 46.93  ? 304 LEU A CB  1 
ATOM   1469 C  CG  . LEU A 1 304 ? 5.262   -9.257  -8.724  1.00 48.05  ? 304 LEU A CG  1 
ATOM   1470 C  CD1 . LEU A 1 304 ? 4.440   -8.153  -8.026  1.00 45.19  ? 304 LEU A CD1 1 
ATOM   1471 C  CD2 . LEU A 1 304 ? 5.794   -8.780  -10.074 1.00 43.99  ? 304 LEU A CD2 1 
ATOM   1472 N  N   . ASP A 1 305 ? 7.903   -11.834 -5.915  1.00 50.31  ? 305 ASP A N   1 
ATOM   1473 C  CA  . ASP A 1 305 ? 8.887   -12.042 -4.852  1.00 56.61  ? 305 ASP A CA  1 
ATOM   1474 C  C   . ASP A 1 305 ? 10.022  -12.951 -5.319  1.00 61.11  ? 305 ASP A C   1 
ATOM   1475 O  O   . ASP A 1 305 ? 11.197  -12.693 -5.019  1.00 63.70  ? 305 ASP A O   1 
ATOM   1476 C  CB  . ASP A 1 305 ? 8.212   -12.609 -3.598  1.00 60.51  ? 305 ASP A CB  1 
ATOM   1477 C  CG  . ASP A 1 305 ? 9.200   -12.855 -2.454  1.00 70.21  ? 305 ASP A CG  1 
ATOM   1478 O  OD1 . ASP A 1 305 ? 9.760   -11.860 -1.936  1.00 79.64  ? 305 ASP A OD1 1 
ATOM   1479 O  OD2 . ASP A 1 305 ? 9.405   -14.034 -2.063  1.00 69.65  ? 305 ASP A OD2 1 
ATOM   1480 N  N   . THR A 1 306 ? 9.691   -14.014 -6.059  1.00 52.74  ? 306 THR A N   1 
ATOM   1481 C  CA  . THR A 1 306 ? 10.721  -14.880 -6.636  1.00 53.43  ? 306 THR A CA  1 
ATOM   1482 C  C   . THR A 1 306 ? 11.621  -14.118 -7.605  1.00 58.49  ? 306 THR A C   1 
ATOM   1483 O  O   . THR A 1 306 ? 12.851  -14.221 -7.547  1.00 70.46  ? 306 THR A O   1 
ATOM   1484 C  CB  . THR A 1 306 ? 10.078  -16.060 -7.364  1.00 55.13  ? 306 THR A CB  1 
ATOM   1485 O  OG1 . THR A 1 306 ? 9.311   -16.849 -6.450  1.00 59.52  ? 306 THR A OG1 1 
ATOM   1486 C  CG2 . THR A 1 306 ? 11.142  -16.913 -7.977  1.00 58.79  ? 306 THR A CG2 1 
ATOM   1487 N  N   . ALA A 1 307 ? 11.030  -13.347 -8.511  1.00 58.29  ? 307 ALA A N   1 
ATOM   1488 C  CA  . ALA A 1 307 ? 11.813  -12.805 -9.610  1.00 60.92  ? 307 ALA A CA  1 
ATOM   1489 C  C   . ALA A 1 307 ? 12.572  -11.526 -9.259  1.00 69.06  ? 307 ALA A C   1 
ATOM   1490 O  O   . ALA A 1 307 ? 13.558  -11.215 -9.936  1.00 68.50  ? 307 ALA A O   1 
ATOM   1491 C  CB  . ALA A 1 307 ? 10.909  -12.556 -10.818 1.00 54.43  ? 307 ALA A CB  1 
ATOM   1492 N  N   . LEU A 1 308 ? 12.162  -10.781 -8.230  1.00 63.93  ? 308 LEU A N   1 
ATOM   1493 C  CA  . LEU A 1 308 ? 12.789  -9.475  -7.967  1.00 62.98  ? 308 LEU A CA  1 
ATOM   1494 C  C   . LEU A 1 308 ? 13.593  -9.432  -6.658  1.00 61.03  ? 308 LEU A C   1 
ATOM   1495 O  O   . LEU A 1 308 ? 13.214  -10.035 -5.649  1.00 61.71  ? 308 LEU A O   1 
ATOM   1496 C  CB  . LEU A 1 308 ? 11.729  -8.360  -7.964  1.00 60.11  ? 308 LEU A CB  1 
ATOM   1497 C  CG  . LEU A 1 308 ? 10.938  -8.099  -9.250  1.00 54.55  ? 308 LEU A CG  1 
ATOM   1498 C  CD1 . LEU A 1 308 ? 9.757   -7.150  -9.013  1.00 52.03  ? 308 LEU A CD1 1 
ATOM   1499 C  CD2 . LEU A 1 308 ? 11.849  -7.538  -10.308 1.00 50.10  ? 308 LEU A CD2 1 
HETATM 1500 CD CD  . CD  B 2 .   ? -2.352  3.492   -3.426  1.00 55.44  ? 401 CD  A CD  1 
HETATM 1501 CD CD  . CD  C 2 .   ? -4.034  -0.411  -2.162  1.00 43.28  ? 402 CD  A CD  1 
HETATM 1502 CD CD  . CD  D 2 .   ? 18.417  -15.279 21.949  1.00 63.72  ? 403 CD  A CD  1 
HETATM 1503 CD CD  . CD  E 2 .   ? -13.756 1.908   9.622   1.00 138.17 ? 404 CD  A CD  1 
HETATM 1504 O  O   . HOH F 3 .   ? -2.289  6.125   -4.344  1.00 46.56  ? 501 HOH A O   1 
HETATM 1505 O  O   . HOH F 3 .   ? -12.097 2.609   7.505   1.00 46.45  ? 502 HOH A O   1 
HETATM 1506 O  O   . HOH F 3 .   ? -21.511 10.137  -23.405 1.00 41.57  ? 503 HOH A O   1 
HETATM 1507 O  O   . HOH F 3 .   ? 19.600  -14.963 19.490  1.00 36.46  ? 504 HOH A O   1 
HETATM 1508 O  O   . HOH F 3 .   ? 15.891  -14.286 21.757  1.00 30.48  ? 505 HOH A O   1 
HETATM 1509 O  O   . HOH F 3 .   ? -18.870 17.403  -3.673  1.00 30.62  ? 506 HOH A O   1 
# 
